data_8UY3
#
_entry.id   8UY3
#
_cell.length_a   183.715
_cell.length_b   183.715
_cell.length_c   183.715
_cell.angle_alpha   90.000
_cell.angle_beta   90.000
_cell.angle_gamma   90.000
#
_symmetry.space_group_name_H-M   'P 21 3'
#
loop_
_entity.id
_entity.type
_entity.pdbx_description
1 polymer 'Protein fem-1 homolog B'
2 polymer 'Folliculin-interacting protein 1'
3 polymer 'Mitochondrial import receptor subunit TOM20 homolog'
4 non-polymer 'ZINC ION'
5 non-polymer '4-(2-HYDROXYETHYL)-1-PIPERAZINE ETHANESULFONIC ACID'
6 non-polymer 'PHOSPHATE ION'
7 non-polymer 'SULFATE ION'
#
loop_
_entity_poly.entity_id
_entity_poly.type
_entity_poly.pdbx_seq_one_letter_code
_entity_poly.pdbx_strand_id
1 'polypeptide(L)'
;SGSSMEGLAGYVYKAASEGKVLTLAALLLNRSESDIRYLLGYVSQQGGQRSTPLIIAARNGHAKVVRLLLEHYRVQTQQT
GTVRFDGYVIDGATALWCAAGAGHFEVVKLLVSHGANVNHTTVTNSTPLRAACFDGRLDIVKYLVENNANISIANKYDNT
CLMIAAYKGHTDVVRYLLEQRADPNAKAHCGATALHFAAEAGHIDIVKELIKWRAAIVVNGHGMTPLKVAAESCKADVVE
LLLSHADCDRRSRIEALELLGASFANDRENYDIMKTYHYLYLAMLERFQDGDNILEKEVLPPIHAYGNRTECRNPQELEA
IRQDRDALHMEGLIVRERILGADNIDVSHPIIYRGAVYADNMEFEQCIKLWLHALHLRQKG
;
A,C,B,D
2 'polypeptide(L)' GRNKSSLLFKESEETRTPNCNCKYCSHPVLG E,F,H,I
3 'polypeptide(L)' DAEAVQKFFLEEIQLGEELLAQGEYEKGVDHLTNAIAVCGQPQQLLQVLQQTLPPPVFQMLLTKLP J,K,M
#
loop_
_chem_comp.id
_chem_comp.type
_chem_comp.name
_chem_comp.formula
EPE non-polymer '4-(2-HYDROXYETHYL)-1-PIPERAZINE ETHANESULFONIC ACID' 'C8 H18 N2 O4 S'
PO4 non-polymer 'PHOSPHATE ION' 'O4 P -3'
SO4 non-polymer 'SULFATE ION' 'O4 S -2'
ZN non-polymer 'ZINC ION' 'Zn 2'
#
# COMPACT_ATOMS: atom_id res chain seq x y z
N SER A 3 20.61 14.70 -1.81
CA SER A 3 21.37 15.78 -2.43
C SER A 3 20.71 17.13 -2.17
N SER A 4 21.49 18.21 -2.32
CA SER A 4 20.94 19.55 -2.14
C SER A 4 20.01 19.94 -3.28
N MET A 5 20.21 19.37 -4.47
CA MET A 5 19.30 19.62 -5.57
C MET A 5 17.90 19.10 -5.27
N GLU A 6 17.79 18.02 -4.50
CA GLU A 6 16.48 17.53 -4.10
C GLU A 6 15.77 18.54 -3.19
N GLY A 7 16.51 19.12 -2.25
CA GLY A 7 15.92 20.15 -1.41
C GLY A 7 15.57 21.41 -2.19
N LEU A 8 16.36 21.74 -3.20
CA LEU A 8 16.02 22.87 -4.06
C LEU A 8 14.75 22.59 -4.86
N ALA A 9 14.59 21.35 -5.32
CA ALA A 9 13.35 20.95 -5.96
C ALA A 9 12.17 21.07 -4.99
N GLY A 10 12.41 20.74 -3.73
CA GLY A 10 11.38 20.95 -2.72
C GLY A 10 11.00 22.41 -2.57
N TYR A 11 12.00 23.30 -2.56
CA TYR A 11 11.74 24.73 -2.53
C TYR A 11 10.92 25.17 -3.74
N VAL A 12 11.29 24.68 -4.93
CA VAL A 12 10.56 25.04 -6.15
C VAL A 12 9.12 24.55 -6.07
N TYR A 13 8.92 23.33 -5.58
CA TYR A 13 7.57 22.80 -5.45
C TYR A 13 6.74 23.62 -4.46
N LYS A 14 7.35 24.02 -3.34
CA LYS A 14 6.61 24.84 -2.38
C LYS A 14 6.27 26.20 -2.98
N ALA A 15 7.19 26.77 -3.75
CA ALA A 15 6.92 28.07 -4.37
C ALA A 15 5.77 27.97 -5.37
N ALA A 16 5.78 26.92 -6.20
CA ALA A 16 4.71 26.76 -7.18
C ALA A 16 3.38 26.42 -6.52
N SER A 17 3.41 25.67 -5.41
CA SER A 17 2.18 25.25 -4.75
C SER A 17 1.54 26.37 -3.93
N GLU A 18 2.28 27.43 -3.62
CA GLU A 18 1.75 28.52 -2.83
C GLU A 18 1.41 29.75 -3.67
N GLY A 19 2.10 29.94 -4.80
CA GLY A 19 1.73 31.00 -5.72
C GLY A 19 2.81 32.05 -5.94
N LYS A 20 3.89 31.98 -5.17
CA LYS A 20 4.96 32.98 -5.22
C LYS A 20 5.67 32.89 -6.58
N VAL A 21 5.32 33.80 -7.49
CA VAL A 21 5.93 33.80 -8.81
C VAL A 21 7.36 34.33 -8.75
N LEU A 22 7.60 35.36 -7.94
CA LEU A 22 8.92 35.97 -7.88
C LEU A 22 9.95 35.00 -7.31
N THR A 23 9.65 34.36 -6.17
CA THR A 23 10.59 33.41 -5.60
C THR A 23 10.74 32.18 -6.48
N LEU A 24 9.68 31.80 -7.21
CA LEU A 24 9.80 30.70 -8.15
C LEU A 24 10.80 31.03 -9.26
N ALA A 25 10.65 32.21 -9.87
CA ALA A 25 11.61 32.64 -10.89
C ALA A 25 13.01 32.78 -10.30
N ALA A 26 13.11 33.17 -9.03
CA ALA A 26 14.41 33.27 -8.37
C ALA A 26 15.07 31.90 -8.27
N LEU A 27 14.31 30.90 -7.82
CA LEU A 27 14.85 29.55 -7.69
C LEU A 27 15.17 28.95 -9.06
N LEU A 28 14.41 29.30 -10.09
CA LEU A 28 14.61 28.78 -11.43
C LEU A 28 15.53 29.66 -12.27
N LEU A 29 16.25 30.59 -11.65
CA LEU A 29 17.00 31.60 -12.40
C LEU A 29 18.33 31.06 -12.91
N ASN A 30 18.61 31.32 -14.19
CA ASN A 30 19.92 31.04 -14.80
C ASN A 30 20.37 29.59 -14.60
N ARG A 31 19.42 28.69 -14.45
CA ARG A 31 19.73 27.27 -14.31
C ARG A 31 20.13 26.72 -15.68
N SER A 32 20.31 25.40 -15.74
CA SER A 32 20.53 24.72 -17.00
C SER A 32 19.28 23.94 -17.38
N GLU A 33 19.07 23.78 -18.69
CA GLU A 33 17.90 23.04 -19.17
C GLU A 33 17.83 21.65 -18.56
N SER A 34 18.99 21.04 -18.30
CA SER A 34 19.02 19.79 -17.54
C SER A 34 18.43 20.01 -16.15
N ASP A 35 18.95 21.00 -15.42
CA ASP A 35 18.42 21.31 -14.09
C ASP A 35 16.97 21.74 -14.16
N ILE A 36 16.59 22.47 -15.21
CA ILE A 36 15.20 22.88 -15.38
C ILE A 36 14.30 21.66 -15.46
N ARG A 37 14.63 20.73 -16.38
CA ARG A 37 13.82 19.53 -16.53
C ARG A 37 13.79 18.71 -15.25
N TYR A 38 14.92 18.62 -14.55
CA TYR A 38 14.94 17.87 -13.29
C TYR A 38 14.00 18.48 -12.27
N LEU A 39 14.16 19.79 -12.00
CA LEU A 39 13.40 20.44 -10.94
C LEU A 39 11.92 20.53 -11.28
N LEU A 40 11.58 20.60 -12.57
CA LEU A 40 10.18 20.69 -12.96
C LEU A 40 9.55 19.34 -13.27
N GLY A 41 10.35 18.27 -13.24
CA GLY A 41 9.81 16.94 -13.42
C GLY A 41 9.89 16.14 -12.14
N TYR A 42 10.46 16.73 -11.09
CA TYR A 42 10.58 16.05 -9.80
C TYR A 42 9.20 15.85 -9.21
N VAL A 43 8.73 14.61 -9.20
CA VAL A 43 7.45 14.28 -8.57
C VAL A 43 7.63 14.34 -7.06
N SER A 44 6.87 15.20 -6.39
CA SER A 44 6.96 15.35 -4.95
C SER A 44 5.90 14.44 -4.31
N GLN A 45 5.59 14.67 -3.03
CA GLN A 45 4.59 13.87 -2.34
C GLN A 45 4.14 14.56 -1.06
N GLN A 46 3.33 15.61 -1.18
CA GLN A 46 2.82 16.34 -0.03
C GLN A 46 1.35 16.00 0.17
N GLY A 47 1.01 15.53 1.38
CA GLY A 47 -0.37 15.26 1.74
C GLY A 47 -1.06 14.23 0.87
N GLY A 48 -0.41 13.10 0.63
CA GLY A 48 -1.00 12.04 -0.18
C GLY A 48 -1.23 12.41 -1.62
N GLN A 49 -0.45 13.37 -2.15
CA GLN A 49 -0.56 13.80 -3.53
C GLN A 49 0.82 13.84 -4.15
N ARG A 50 1.02 13.06 -5.21
CA ARG A 50 2.26 13.08 -5.97
C ARG A 50 2.09 14.06 -7.12
N SER A 51 2.73 15.23 -7.00
CA SER A 51 2.51 16.32 -7.95
C SER A 51 3.82 16.98 -8.34
N THR A 52 3.98 17.21 -9.65
CA THR A 52 5.03 18.05 -10.20
C THR A 52 4.61 19.51 -10.12
N PRO A 53 5.57 20.44 -9.99
CA PRO A 53 5.21 21.86 -9.80
C PRO A 53 4.13 22.39 -10.73
N LEU A 54 4.15 22.01 -12.01
CA LEU A 54 3.16 22.52 -12.94
C LEU A 54 1.75 22.09 -12.55
N ILE A 55 1.57 20.81 -12.22
CA ILE A 55 0.21 20.34 -11.93
C ILE A 55 -0.26 20.83 -10.56
N ILE A 56 0.63 21.00 -9.59
CA ILE A 56 0.17 21.55 -8.32
C ILE A 56 -0.19 23.02 -8.47
N ALA A 57 0.53 23.75 -9.33
CA ALA A 57 0.17 25.13 -9.61
C ALA A 57 -1.19 25.21 -10.30
N ALA A 58 -1.40 24.38 -11.32
CA ALA A 58 -2.67 24.37 -12.03
C ALA A 58 -3.81 23.90 -11.15
N ARG A 59 -3.53 23.04 -10.17
CA ARG A 59 -4.54 22.58 -9.24
C ARG A 59 -4.94 23.71 -8.28
N ASN A 60 -3.94 24.40 -7.72
CA ASN A 60 -4.21 25.48 -6.78
C ASN A 60 -4.61 26.79 -7.47
N GLY A 61 -4.67 26.81 -8.80
CA GLY A 61 -5.20 27.96 -9.50
C GLY A 61 -4.27 29.15 -9.55
N HIS A 62 -2.97 28.94 -9.42
CA HIS A 62 -2.00 30.03 -9.48
C HIS A 62 -1.63 30.23 -10.94
N ALA A 63 -2.38 31.09 -11.63
CA ALA A 63 -2.26 31.21 -13.08
C ALA A 63 -0.96 31.88 -13.49
N LYS A 64 -0.48 32.85 -12.72
CA LYS A 64 0.76 33.52 -13.07
C LYS A 64 1.95 32.58 -12.99
N VAL A 65 1.93 31.64 -12.04
CA VAL A 65 2.97 30.62 -11.97
C VAL A 65 2.96 29.77 -13.23
N VAL A 66 1.78 29.29 -13.64
CA VAL A 66 1.68 28.49 -14.85
C VAL A 66 2.13 29.27 -16.07
N ARG A 67 1.83 30.58 -16.10
CA ARG A 67 2.29 31.41 -17.21
C ARG A 67 3.80 31.51 -17.25
N LEU A 68 4.43 31.72 -16.09
CA LEU A 68 5.89 31.68 -16.01
C LEU A 68 6.42 30.37 -16.58
N LEU A 69 5.91 29.24 -16.07
CA LEU A 69 6.39 27.93 -16.48
C LEU A 69 6.23 27.71 -17.98
N LEU A 70 5.10 28.13 -18.55
CA LEU A 70 4.83 27.83 -19.95
C LEU A 70 5.53 28.79 -20.91
N GLU A 71 5.73 30.04 -20.50
CA GLU A 71 6.29 31.03 -21.41
C GLU A 71 7.79 31.17 -21.31
N HIS A 72 8.36 31.27 -20.10
CA HIS A 72 9.81 31.43 -20.00
C HIS A 72 10.53 30.09 -20.10
N TYR A 73 9.94 29.04 -19.58
CA TYR A 73 10.41 27.68 -19.77
C TYR A 73 9.42 26.95 -20.67
N ARG A 74 9.76 25.72 -21.04
CA ARG A 74 8.86 24.86 -21.80
C ARG A 74 8.68 23.55 -21.05
N VAL A 75 8.05 23.65 -19.87
CA VAL A 75 7.77 22.48 -19.06
C VAL A 75 6.83 21.54 -19.83
N GLN A 76 7.10 20.25 -19.76
CA GLN A 76 6.34 19.27 -20.52
C GLN A 76 4.86 19.33 -20.16
N THR A 77 4.02 19.53 -21.17
CA THR A 77 2.61 19.83 -20.94
C THR A 77 1.79 18.59 -20.56
N GLN A 78 2.31 17.39 -20.80
CA GLN A 78 1.56 16.17 -20.49
C GLN A 78 2.18 15.38 -19.34
N GLN A 79 2.94 16.04 -18.46
CA GLN A 79 3.45 15.36 -17.28
C GLN A 79 2.31 15.10 -16.31
N THR A 80 2.31 13.90 -15.72
CA THR A 80 1.17 13.39 -14.98
C THR A 80 1.51 13.15 -13.51
N GLY A 81 0.48 13.19 -12.67
CA GLY A 81 0.64 12.95 -11.25
C GLY A 81 -0.59 12.40 -10.58
N THR A 82 -0.61 12.42 -9.24
CA THR A 82 -1.74 11.94 -8.45
C THR A 82 -2.21 13.05 -7.53
N VAL A 83 -3.52 13.28 -7.50
CA VAL A 83 -4.11 14.40 -6.77
C VAL A 83 -5.20 13.87 -5.83
N ARG A 84 -5.80 14.80 -5.09
CA ARG A 84 -6.89 14.49 -4.17
C ARG A 84 -7.95 15.57 -4.28
N PHE A 85 -9.17 15.19 -4.62
CA PHE A 85 -10.32 16.09 -4.65
C PHE A 85 -11.28 15.66 -3.55
N ASP A 86 -11.42 16.50 -2.53
CA ASP A 86 -12.15 16.16 -1.31
C ASP A 86 -11.57 14.90 -0.69
N GLY A 87 -12.19 13.75 -0.94
CA GLY A 87 -11.69 12.49 -0.42
C GLY A 87 -11.17 11.55 -1.48
N TYR A 88 -11.51 11.84 -2.74
CA TYR A 88 -11.13 10.96 -3.84
C TYR A 88 -9.66 11.13 -4.19
N VAL A 89 -9.02 10.03 -4.57
CA VAL A 89 -7.66 10.04 -5.10
C VAL A 89 -7.74 9.77 -6.60
N ILE A 90 -6.98 10.53 -7.37
CA ILE A 90 -7.02 10.47 -8.83
C ILE A 90 -5.61 10.25 -9.34
N ASP A 91 -5.32 9.02 -9.78
CA ASP A 91 -4.03 8.71 -10.39
C ASP A 91 -4.03 9.14 -11.85
N GLY A 92 -2.85 9.47 -12.34
CA GLY A 92 -2.69 9.78 -13.76
C GLY A 92 -3.43 11.01 -14.24
N ALA A 93 -3.33 12.12 -13.51
CA ALA A 93 -4.00 13.37 -13.87
C ALA A 93 -2.97 14.36 -14.39
N THR A 94 -3.36 15.12 -15.41
CA THR A 94 -2.53 16.19 -15.95
C THR A 94 -2.92 17.52 -15.29
N ALA A 95 -2.13 18.55 -15.57
CA ALA A 95 -2.41 19.88 -15.03
C ALA A 95 -3.72 20.42 -15.55
N LEU A 96 -4.01 20.18 -16.83
CA LEU A 96 -5.26 20.67 -17.42
C LEU A 96 -6.47 20.02 -16.78
N TRP A 97 -6.37 18.73 -16.47
CA TRP A 97 -7.47 18.03 -15.81
C TRP A 97 -7.72 18.60 -14.42
N CYS A 98 -6.65 18.84 -13.66
CA CYS A 98 -6.80 19.40 -12.33
C CYS A 98 -7.40 20.80 -12.39
N ALA A 99 -7.01 21.58 -13.40
CA ALA A 99 -7.57 22.93 -13.55
C ALA A 99 -9.05 22.86 -13.90
N ALA A 100 -9.42 21.97 -14.83
CA ALA A 100 -10.83 21.85 -15.21
C ALA A 100 -11.67 21.32 -14.05
N GLY A 101 -11.10 20.50 -13.20
CA GLY A 101 -11.82 19.98 -12.05
C GLY A 101 -11.99 21.00 -10.94
N ALA A 102 -10.91 21.69 -10.59
CA ALA A 102 -10.97 22.72 -9.54
C ALA A 102 -11.60 24.01 -10.03
N GLY A 103 -11.85 24.15 -11.33
CA GLY A 103 -12.56 25.31 -11.85
C GLY A 103 -11.71 26.57 -11.95
N HIS A 104 -10.52 26.45 -12.53
CA HIS A 104 -9.63 27.59 -12.76
C HIS A 104 -9.61 27.84 -14.26
N PHE A 105 -10.60 28.63 -14.72
CA PHE A 105 -10.76 28.88 -16.15
C PHE A 105 -9.52 29.55 -16.74
N GLU A 106 -8.89 30.43 -15.98
CA GLU A 106 -7.68 31.09 -16.46
C GLU A 106 -6.57 30.08 -16.76
N VAL A 107 -6.35 29.15 -15.83
CA VAL A 107 -5.30 28.15 -16.03
C VAL A 107 -5.69 27.20 -17.17
N VAL A 108 -6.98 26.88 -17.30
CA VAL A 108 -7.44 26.04 -18.40
C VAL A 108 -7.10 26.70 -19.74
N LYS A 109 -7.39 27.99 -19.86
CA LYS A 109 -7.08 28.70 -21.11
C LYS A 109 -5.57 28.77 -21.33
N LEU A 110 -4.81 29.06 -20.27
CA LEU A 110 -3.35 29.11 -20.38
C LEU A 110 -2.78 27.79 -20.89
N LEU A 111 -3.32 26.67 -20.43
CA LEU A 111 -2.81 25.37 -20.84
C LEU A 111 -3.26 25.00 -22.24
N VAL A 112 -4.54 25.25 -22.57
CA VAL A 112 -5.03 24.89 -23.90
C VAL A 112 -4.33 25.70 -24.97
N SER A 113 -4.14 27.00 -24.74
CA SER A 113 -3.53 27.85 -25.75
C SER A 113 -2.10 27.40 -26.06
N HIS A 114 -1.34 27.03 -25.03
CA HIS A 114 0.05 26.62 -25.21
C HIS A 114 0.20 25.16 -25.63
N GLY A 115 -0.86 24.53 -26.13
CA GLY A 115 -0.76 23.23 -26.73
C GLY A 115 -0.77 22.06 -25.77
N ALA A 116 -1.82 21.95 -24.97
CA ALA A 116 -1.99 20.82 -24.06
C ALA A 116 -2.99 19.83 -24.64
N ASN A 117 -2.79 18.55 -24.33
CA ASN A 117 -3.69 17.50 -24.80
C ASN A 117 -5.05 17.69 -24.14
N VAL A 118 -6.03 18.16 -24.91
CA VAL A 118 -7.35 18.46 -24.34
C VAL A 118 -8.10 17.17 -24.01
N ASN A 119 -7.78 16.08 -24.70
CA ASN A 119 -8.46 14.80 -24.50
C ASN A 119 -7.58 13.78 -23.78
N HIS A 120 -6.57 14.23 -23.03
CA HIS A 120 -5.79 13.32 -22.21
C HIS A 120 -6.69 12.69 -21.15
N THR A 121 -6.52 11.39 -20.93
CA THR A 121 -7.40 10.63 -20.07
C THR A 121 -6.71 10.24 -18.76
N THR A 122 -7.53 10.07 -17.73
CA THR A 122 -7.12 9.58 -16.43
C THR A 122 -7.03 8.05 -16.48
N VAL A 123 -6.47 7.46 -15.41
CA VAL A 123 -6.47 6.00 -15.28
C VAL A 123 -7.90 5.47 -15.30
N THR A 124 -8.84 6.25 -14.75
CA THR A 124 -10.26 5.97 -14.87
C THR A 124 -10.83 6.42 -16.21
N ASN A 125 -9.97 6.85 -17.13
CA ASN A 125 -10.37 7.30 -18.48
C ASN A 125 -11.30 8.51 -18.40
N SER A 126 -10.97 9.45 -17.52
CA SER A 126 -11.76 10.66 -17.34
C SER A 126 -11.08 11.81 -18.08
N THR A 127 -11.79 12.39 -19.04
CA THR A 127 -11.28 13.59 -19.70
C THR A 127 -11.54 14.82 -18.83
N PRO A 128 -10.75 15.88 -19.00
CA PRO A 128 -11.03 17.11 -18.25
C PRO A 128 -12.41 17.67 -18.53
N LEU A 129 -12.97 17.40 -19.72
CA LEU A 129 -14.35 17.79 -19.99
C LEU A 129 -15.31 17.12 -19.02
N ARG A 130 -15.05 15.85 -18.66
CA ARG A 130 -15.90 15.17 -17.70
C ARG A 130 -15.77 15.77 -16.31
N ALA A 131 -14.56 16.18 -15.91
CA ALA A 131 -14.40 16.85 -14.63
C ALA A 131 -15.15 18.17 -14.60
N ALA A 132 -15.08 18.94 -15.69
CA ALA A 132 -15.83 20.19 -15.76
C ALA A 132 -17.34 19.94 -15.71
N CYS A 133 -17.81 18.91 -16.39
CA CYS A 133 -19.24 18.57 -16.33
C CYS A 133 -19.65 18.13 -14.93
N PHE A 134 -18.76 17.42 -14.24
CA PHE A 134 -19.00 17.06 -12.84
C PHE A 134 -19.19 18.31 -12.00
N ASP A 135 -18.22 19.23 -12.05
CA ASP A 135 -18.32 20.42 -11.23
C ASP A 135 -19.38 21.39 -11.73
N GLY A 136 -19.81 21.24 -12.99
CA GLY A 136 -20.86 22.08 -13.55
C GLY A 136 -20.39 23.37 -14.17
N ARG A 137 -19.09 23.54 -14.37
CA ARG A 137 -18.54 24.78 -14.93
C ARG A 137 -18.79 24.80 -16.43
N LEU A 138 -19.90 25.43 -16.82
CA LEU A 138 -20.28 25.46 -18.23
C LEU A 138 -19.31 26.30 -19.06
N ASP A 139 -18.66 27.28 -18.44
CA ASP A 139 -17.65 28.06 -19.16
C ASP A 139 -16.48 27.17 -19.59
N ILE A 140 -15.98 26.36 -18.67
CA ILE A 140 -14.88 25.45 -18.98
C ILE A 140 -15.33 24.39 -19.98
N VAL A 141 -16.56 23.89 -19.84
CA VAL A 141 -17.08 22.90 -20.79
C VAL A 141 -17.11 23.49 -22.19
N LYS A 142 -17.65 24.71 -22.32
CA LYS A 142 -17.73 25.35 -23.62
C LYS A 142 -16.35 25.58 -24.20
N TYR A 143 -15.42 26.11 -23.39
CA TYR A 143 -14.09 26.41 -23.90
C TYR A 143 -13.35 25.14 -24.32
N LEU A 144 -13.56 24.04 -23.61
CA LEU A 144 -12.93 22.79 -23.98
C LEU A 144 -13.51 22.25 -25.27
N VAL A 145 -14.85 22.22 -25.37
CA VAL A 145 -15.48 21.69 -26.59
C VAL A 145 -15.10 22.53 -27.80
N GLU A 146 -15.03 23.85 -27.64
CA GLU A 146 -14.64 24.73 -28.74
C GLU A 146 -13.25 24.38 -29.26
N ASN A 147 -12.33 24.05 -28.35
CA ASN A 147 -10.97 23.66 -28.73
C ASN A 147 -10.84 22.16 -28.95
N ASN A 148 -11.87 21.56 -29.55
CA ASN A 148 -11.84 20.17 -30.02
C ASN A 148 -11.58 19.18 -28.89
N ALA A 149 -12.44 19.25 -27.87
CA ALA A 149 -12.53 18.21 -26.85
C ALA A 149 -13.64 17.24 -27.24
N ASN A 150 -13.35 15.94 -27.09
CA ASN A 150 -14.28 14.90 -27.51
C ASN A 150 -15.30 14.65 -26.40
N ILE A 151 -16.57 14.96 -26.69
CA ILE A 151 -17.64 14.72 -25.75
C ILE A 151 -17.98 13.23 -25.65
N SER A 152 -17.60 12.43 -26.64
CA SER A 152 -18.00 11.04 -26.70
C SER A 152 -17.17 10.14 -25.79
N ILE A 153 -15.97 10.57 -25.38
CA ILE A 153 -15.09 9.70 -24.62
C ILE A 153 -15.72 9.39 -23.26
N ALA A 154 -16.03 8.11 -23.04
CA ALA A 154 -16.53 7.64 -21.76
C ALA A 154 -15.35 7.19 -20.89
N ASN A 155 -15.65 6.77 -19.67
CA ASN A 155 -14.63 6.50 -18.68
C ASN A 155 -14.56 5.01 -18.36
N LYS A 156 -13.92 4.71 -17.23
CA LYS A 156 -13.72 3.35 -16.73
C LYS A 156 -14.98 2.50 -16.85
N TYR A 157 -16.11 3.00 -16.34
CA TYR A 157 -17.38 2.29 -16.38
C TYR A 157 -18.31 2.80 -17.49
N ASP A 158 -17.74 3.36 -18.55
CA ASP A 158 -18.50 3.83 -19.72
C ASP A 158 -19.49 4.93 -19.33
N ASN A 159 -19.07 5.84 -18.46
CA ASN A 159 -19.89 6.98 -18.07
C ASN A 159 -19.49 8.20 -18.90
N THR A 160 -20.45 8.77 -19.61
CA THR A 160 -20.19 9.92 -20.47
C THR A 160 -20.27 11.21 -19.68
N CYS A 161 -19.88 12.31 -20.34
CA CYS A 161 -20.06 13.63 -19.75
C CYS A 161 -21.54 13.96 -19.60
N LEU A 162 -22.36 13.50 -20.54
CA LEU A 162 -23.80 13.73 -20.44
C LEU A 162 -24.40 13.07 -19.21
N MET A 163 -23.95 11.85 -18.90
CA MET A 163 -24.51 11.13 -17.76
C MET A 163 -24.14 11.79 -16.44
N ILE A 164 -22.86 12.15 -16.27
CA ILE A 164 -22.44 12.80 -15.03
C ILE A 164 -23.07 14.19 -14.91
N ALA A 165 -23.27 14.88 -16.04
CA ALA A 165 -23.94 16.17 -16.00
C ALA A 165 -25.41 16.02 -15.62
N ALA A 166 -26.06 14.96 -16.09
CA ALA A 166 -27.47 14.74 -15.77
C ALA A 166 -27.66 14.27 -14.34
N TYR A 167 -26.72 13.50 -13.80
CA TYR A 167 -26.87 13.03 -12.42
C TYR A 167 -26.67 14.15 -11.42
N LYS A 168 -25.68 15.02 -11.67
CA LYS A 168 -25.40 16.10 -10.72
C LYS A 168 -26.42 17.23 -10.78
N GLY A 169 -27.14 17.37 -11.89
CA GLY A 169 -28.20 18.36 -11.99
C GLY A 169 -27.88 19.60 -12.80
N HIS A 170 -26.74 19.64 -13.46
CA HIS A 170 -26.35 20.81 -14.25
C HIS A 170 -27.13 20.79 -15.56
N THR A 171 -28.31 21.43 -15.52
CA THR A 171 -29.23 21.36 -16.65
C THR A 171 -28.68 22.04 -17.89
N ASP A 172 -28.07 23.22 -17.71
CA ASP A 172 -27.58 23.97 -18.87
C ASP A 172 -26.44 23.23 -19.56
N VAL A 173 -25.57 22.57 -18.80
CA VAL A 173 -24.51 21.78 -19.41
C VAL A 173 -25.09 20.62 -20.20
N VAL A 174 -26.14 19.99 -19.66
CA VAL A 174 -26.80 18.90 -20.37
C VAL A 174 -27.38 19.38 -21.68
N ARG A 175 -28.05 20.55 -21.65
CA ARG A 175 -28.60 21.11 -22.87
C ARG A 175 -27.51 21.43 -23.88
N TYR A 176 -26.39 21.99 -23.42
CA TYR A 176 -25.29 22.29 -24.33
C TYR A 176 -24.75 21.03 -24.97
N LEU A 177 -24.52 19.99 -24.17
CA LEU A 177 -24.02 18.72 -24.71
C LEU A 177 -24.98 18.15 -25.74
N LEU A 178 -26.28 18.13 -25.42
CA LEU A 178 -27.28 17.62 -26.35
C LEU A 178 -27.30 18.41 -27.64
N GLU A 179 -27.06 19.73 -27.56
CA GLU A 179 -26.97 20.54 -28.77
C GLU A 179 -25.74 20.16 -29.59
N GLN A 180 -24.63 19.83 -28.93
CA GLN A 180 -23.38 19.49 -29.59
C GLN A 180 -23.36 18.06 -30.13
N ARG A 181 -24.51 17.48 -30.44
CA ARG A 181 -24.64 16.16 -31.04
C ARG A 181 -24.24 15.03 -30.09
N ALA A 182 -24.27 15.26 -28.79
CA ALA A 182 -24.02 14.18 -27.83
C ALA A 182 -25.16 13.17 -27.86
N ASP A 183 -24.81 11.90 -27.90
CA ASP A 183 -25.81 10.84 -27.98
C ASP A 183 -26.55 10.72 -26.65
N PRO A 184 -27.87 10.97 -26.61
CA PRO A 184 -28.61 10.77 -25.36
C PRO A 184 -28.81 9.31 -25.02
N ASN A 185 -28.75 8.41 -26.00
CA ASN A 185 -28.97 6.99 -25.78
C ASN A 185 -27.67 6.24 -25.52
N ALA A 186 -26.59 6.95 -25.17
CA ALA A 186 -25.35 6.28 -24.79
C ALA A 186 -25.57 5.49 -23.51
N LYS A 187 -25.17 4.21 -23.53
CA LYS A 187 -25.39 3.30 -22.43
C LYS A 187 -24.09 3.07 -21.68
N ALA A 188 -24.19 2.94 -20.36
CA ALA A 188 -23.02 2.66 -19.52
C ALA A 188 -22.67 1.18 -19.62
N HIS A 189 -21.78 0.72 -18.73
CA HIS A 189 -21.37 -0.68 -18.75
C HIS A 189 -22.52 -1.61 -18.41
N CYS A 190 -23.47 -1.14 -17.60
CA CYS A 190 -24.62 -1.93 -17.19
C CYS A 190 -25.87 -1.63 -18.00
N GLY A 191 -25.77 -0.76 -19.01
CA GLY A 191 -26.90 -0.42 -19.85
C GLY A 191 -27.69 0.80 -19.41
N ALA A 192 -27.29 1.46 -18.32
CA ALA A 192 -28.01 2.63 -17.86
C ALA A 192 -27.68 3.85 -18.70
N THR A 193 -28.70 4.63 -19.02
CA THR A 193 -28.54 5.88 -19.76
C THR A 193 -28.49 7.05 -18.78
N ALA A 194 -28.24 8.24 -19.35
CA ALA A 194 -28.34 9.46 -18.55
C ALA A 194 -29.76 9.66 -18.03
N LEU A 195 -30.75 9.09 -18.73
CA LEU A 195 -32.14 9.21 -18.29
C LEU A 195 -32.37 8.49 -16.97
N HIS A 196 -31.78 7.30 -16.80
CA HIS A 196 -31.86 6.59 -15.52
C HIS A 196 -31.32 7.45 -14.39
N PHE A 197 -30.12 8.01 -14.59
CA PHE A 197 -29.49 8.82 -13.55
C PHE A 197 -30.31 10.06 -13.23
N ALA A 198 -30.85 10.72 -14.26
CA ALA A 198 -31.67 11.90 -14.03
C ALA A 198 -32.96 11.54 -13.30
N ALA A 199 -33.53 10.36 -13.59
CA ALA A 199 -34.75 9.93 -12.92
C ALA A 199 -34.50 9.61 -11.46
N GLU A 200 -33.35 8.99 -11.15
CA GLU A 200 -33.04 8.68 -9.75
C GLU A 200 -32.93 9.94 -8.92
N ALA A 201 -32.15 10.92 -9.39
CA ALA A 201 -31.92 12.13 -8.62
C ALA A 201 -33.15 13.02 -8.53
N GLY A 202 -34.12 12.85 -9.43
CA GLY A 202 -35.32 13.65 -9.41
C GLY A 202 -35.25 14.96 -10.17
N HIS A 203 -34.13 15.23 -10.84
CA HIS A 203 -33.96 16.44 -11.64
C HIS A 203 -34.91 16.37 -12.83
N ILE A 204 -36.07 17.01 -12.71
CA ILE A 204 -37.12 16.85 -13.71
C ILE A 204 -36.83 17.65 -14.97
N ASP A 205 -36.13 18.78 -14.87
CA ASP A 205 -35.82 19.57 -16.05
C ASP A 205 -34.89 18.81 -17.00
N ILE A 206 -33.95 18.06 -16.44
CA ILE A 206 -33.08 17.23 -17.27
C ILE A 206 -33.88 16.15 -17.98
N VAL A 207 -34.87 15.57 -17.28
CA VAL A 207 -35.75 14.59 -17.91
C VAL A 207 -36.53 15.23 -19.06
N LYS A 208 -37.05 16.44 -18.83
CA LYS A 208 -37.76 17.15 -19.89
C LYS A 208 -36.88 17.36 -21.11
N GLU A 209 -35.65 17.84 -20.89
CA GLU A 209 -34.74 18.09 -22.00
C GLU A 209 -34.39 16.80 -22.74
N LEU A 210 -34.13 15.72 -21.99
CA LEU A 210 -33.78 14.45 -22.61
C LEU A 210 -34.93 13.90 -23.44
N ILE A 211 -36.17 14.02 -22.93
CA ILE A 211 -37.32 13.60 -23.71
C ILE A 211 -37.48 14.47 -24.95
N LYS A 212 -37.16 15.76 -24.83
CA LYS A 212 -37.25 16.66 -25.99
C LYS A 212 -36.30 16.22 -27.09
N TRP A 213 -35.10 15.75 -26.72
CA TRP A 213 -34.13 15.26 -27.69
C TRP A 213 -34.35 13.79 -28.04
N ARG A 214 -35.55 13.25 -27.78
CA ARG A 214 -35.95 11.92 -28.21
C ARG A 214 -35.06 10.82 -27.62
N ALA A 215 -34.91 10.86 -26.30
CA ALA A 215 -34.23 9.78 -25.60
C ALA A 215 -35.10 8.53 -25.59
N ALA A 216 -34.44 7.37 -25.52
CA ALA A 216 -35.12 6.08 -25.55
C ALA A 216 -35.11 5.47 -24.15
N ILE A 217 -36.23 4.83 -23.79
CA ILE A 217 -36.38 4.21 -22.48
C ILE A 217 -35.87 2.77 -22.63
N VAL A 218 -34.59 2.58 -22.31
CA VAL A 218 -33.95 1.27 -22.40
C VAL A 218 -33.94 0.62 -21.02
N VAL A 219 -34.00 -0.70 -20.99
CA VAL A 219 -33.91 -1.47 -19.75
C VAL A 219 -32.45 -1.84 -19.52
N ASN A 220 -31.88 -1.38 -18.41
CA ASN A 220 -30.48 -1.65 -18.13
C ASN A 220 -30.30 -3.11 -17.70
N GLY A 221 -29.06 -3.47 -17.39
CA GLY A 221 -28.77 -4.82 -16.96
C GLY A 221 -29.48 -5.21 -15.67
N HIS A 222 -29.74 -4.23 -14.81
CA HIS A 222 -30.48 -4.47 -13.58
C HIS A 222 -31.97 -4.68 -13.81
N GLY A 223 -32.41 -4.65 -15.06
CA GLY A 223 -33.82 -4.85 -15.38
C GLY A 223 -34.72 -3.74 -14.89
N MET A 224 -34.37 -2.49 -15.22
CA MET A 224 -35.12 -1.34 -14.73
C MET A 224 -35.26 -0.30 -15.84
N THR A 225 -36.50 0.00 -16.20
CA THR A 225 -36.81 1.16 -17.03
C THR A 225 -36.60 2.44 -16.20
N PRO A 226 -36.20 3.54 -16.84
CA PRO A 226 -36.13 4.82 -16.10
C PRO A 226 -37.39 5.14 -15.32
N LEU A 227 -38.55 4.69 -15.80
CA LEU A 227 -39.78 4.81 -15.03
C LEU A 227 -39.70 4.02 -13.74
N LYS A 228 -39.16 2.80 -13.80
CA LYS A 228 -38.96 2.01 -12.59
C LYS A 228 -37.97 2.67 -11.65
N VAL A 229 -36.93 3.30 -12.22
CA VAL A 229 -35.95 4.01 -11.39
C VAL A 229 -36.61 5.18 -10.66
N ALA A 230 -37.46 5.92 -11.37
CA ALA A 230 -38.14 7.05 -10.73
C ALA A 230 -39.13 6.57 -9.68
N ALA A 231 -39.84 5.47 -9.94
CA ALA A 231 -40.79 4.95 -8.97
C ALA A 231 -40.09 4.45 -7.71
N GLU A 232 -38.99 3.72 -7.89
CA GLU A 232 -38.25 3.18 -6.75
C GLU A 232 -37.68 4.28 -5.87
N SER A 233 -37.37 5.43 -6.46
CA SER A 233 -36.74 6.52 -5.74
C SER A 233 -37.72 7.57 -5.24
N CYS A 234 -39.02 7.27 -5.27
CA CYS A 234 -40.07 8.17 -4.77
C CYS A 234 -40.03 9.52 -5.48
N LYS A 235 -39.79 9.49 -6.80
CA LYS A 235 -39.79 10.70 -7.62
C LYS A 235 -41.08 10.73 -8.43
N ALA A 236 -42.16 11.18 -7.77
CA ALA A 236 -43.49 11.08 -8.36
C ALA A 236 -43.63 12.00 -9.57
N ASP A 237 -43.00 13.18 -9.54
CA ASP A 237 -43.06 14.08 -10.69
C ASP A 237 -42.48 13.43 -11.93
N VAL A 238 -41.30 12.81 -11.79
CA VAL A 238 -40.67 12.15 -12.93
C VAL A 238 -41.51 10.98 -13.40
N VAL A 239 -42.14 10.25 -12.46
CA VAL A 239 -43.00 9.12 -12.84
C VAL A 239 -44.16 9.62 -13.69
N GLU A 240 -44.82 10.69 -13.25
CA GLU A 240 -45.94 11.24 -14.01
C GLU A 240 -45.50 11.71 -15.38
N LEU A 241 -44.35 12.38 -15.46
CA LEU A 241 -43.88 12.88 -16.74
C LEU A 241 -43.58 11.73 -17.70
N LEU A 242 -42.84 10.72 -17.23
CA LEU A 242 -42.48 9.60 -18.08
C LEU A 242 -43.71 8.80 -18.49
N LEU A 243 -44.70 8.69 -17.62
CA LEU A 243 -45.94 8.02 -17.99
C LEU A 243 -46.73 8.82 -19.03
N SER A 244 -46.67 10.15 -18.95
CA SER A 244 -47.40 10.96 -19.91
C SER A 244 -46.76 10.90 -21.30
N HIS A 245 -45.43 10.95 -21.36
CA HIS A 245 -44.78 10.97 -22.66
C HIS A 245 -44.72 9.57 -23.29
N ALA A 246 -44.32 8.57 -22.52
CA ALA A 246 -44.23 7.22 -23.05
C ALA A 246 -45.61 6.55 -23.07
N ASP A 247 -45.87 5.78 -24.12
CA ASP A 247 -47.11 5.02 -24.25
C ASP A 247 -47.01 3.67 -23.55
N CYS A 248 -46.65 3.71 -22.26
CA CYS A 248 -46.40 2.48 -21.51
C CYS A 248 -47.62 1.59 -21.50
N ASP A 249 -47.40 0.30 -21.80
CA ASP A 249 -48.47 -0.69 -21.69
C ASP A 249 -48.96 -0.76 -20.25
N ARG A 250 -50.12 -1.40 -20.06
CA ARG A 250 -50.77 -1.36 -18.76
C ARG A 250 -49.94 -2.05 -17.69
N ARG A 251 -49.21 -3.11 -18.06
CA ARG A 251 -48.40 -3.80 -17.06
C ARG A 251 -47.28 -2.92 -16.55
N SER A 252 -46.63 -2.17 -17.45
CA SER A 252 -45.55 -1.28 -17.03
C SER A 252 -46.08 -0.14 -16.16
N ARG A 253 -47.22 0.44 -16.54
CA ARG A 253 -47.79 1.52 -15.76
C ARG A 253 -48.20 1.05 -14.37
N ILE A 254 -48.84 -0.13 -14.28
CA ILE A 254 -49.23 -0.67 -12.99
C ILE A 254 -48.00 -1.00 -12.15
N GLU A 255 -46.96 -1.55 -12.78
CA GLU A 255 -45.71 -1.82 -12.08
C GLU A 255 -45.13 -0.54 -11.49
N ALA A 256 -45.10 0.53 -12.29
CA ALA A 256 -44.56 1.81 -11.82
C ALA A 256 -45.39 2.37 -10.67
N LEU A 257 -46.72 2.33 -10.79
CA LEU A 257 -47.57 2.87 -9.74
C LEU A 257 -47.39 2.08 -8.45
N GLU A 258 -47.38 0.75 -8.54
CA GLU A 258 -47.22 -0.08 -7.34
C GLU A 258 -45.86 0.15 -6.70
N LEU A 259 -44.80 0.24 -7.51
CA LEU A 259 -43.47 0.47 -6.97
C LEU A 259 -43.37 1.83 -6.30
N LEU A 260 -43.94 2.87 -6.92
CA LEU A 260 -43.92 4.20 -6.34
C LEU A 260 -44.68 4.22 -5.02
N GLY A 261 -45.86 3.62 -4.99
CA GLY A 261 -46.62 3.57 -3.75
C GLY A 261 -45.89 2.82 -2.65
N ALA A 262 -45.34 1.65 -2.98
CA ALA A 262 -44.63 0.85 -1.99
C ALA A 262 -43.39 1.56 -1.48
N SER A 263 -42.73 2.36 -2.33
CA SER A 263 -41.50 3.02 -1.90
C SER A 263 -41.78 4.16 -0.93
N PHE A 264 -42.96 4.77 -1.01
CA PHE A 264 -43.33 5.82 -0.07
C PHE A 264 -43.53 5.30 1.35
N ALA A 265 -43.63 3.98 1.54
CA ALA A 265 -43.97 3.42 2.84
C ALA A 265 -42.77 3.24 3.76
N ASN A 266 -41.55 3.16 3.22
CA ASN A 266 -40.39 2.92 4.07
C ASN A 266 -39.17 3.73 3.66
N ASP A 267 -39.36 4.86 2.98
CA ASP A 267 -38.28 5.79 2.71
C ASP A 267 -38.27 6.85 3.80
N ARG A 268 -37.14 7.01 4.48
CA ARG A 268 -37.07 7.98 5.58
C ARG A 268 -37.29 9.40 5.07
N GLU A 269 -36.80 9.70 3.87
CA GLU A 269 -36.87 11.08 3.37
C GLU A 269 -38.23 11.39 2.78
N ASN A 270 -38.88 10.42 2.14
CA ASN A 270 -40.13 10.64 1.42
C ASN A 270 -41.30 9.89 2.04
N TYR A 271 -41.23 9.58 3.34
CA TYR A 271 -42.27 8.79 3.99
C TYR A 271 -43.63 9.47 3.85
N ASP A 272 -44.61 8.73 3.33
CA ASP A 272 -45.96 9.25 3.14
C ASP A 272 -46.88 8.05 2.93
N ILE A 273 -47.63 7.68 3.97
CA ILE A 273 -48.50 6.52 3.90
C ILE A 273 -49.70 6.78 3.00
N MET A 274 -50.22 8.01 3.00
CA MET A 274 -51.38 8.31 2.18
C MET A 274 -51.06 8.14 0.70
N LYS A 275 -49.86 8.59 0.27
CA LYS A 275 -49.46 8.37 -1.11
C LYS A 275 -49.26 6.89 -1.40
N THR A 276 -48.72 6.15 -0.43
CA THR A 276 -48.59 4.71 -0.56
C THR A 276 -49.93 4.07 -0.91
N TYR A 277 -50.94 4.32 -0.07
CA TYR A 277 -52.24 3.70 -0.31
C TYR A 277 -52.87 4.22 -1.59
N HIS A 278 -52.71 5.52 -1.89
CA HIS A 278 -53.31 6.06 -3.11
C HIS A 278 -52.77 5.35 -4.34
N TYR A 279 -51.45 5.25 -4.45
CA TYR A 279 -50.87 4.66 -5.65
C TYR A 279 -51.14 3.15 -5.73
N LEU A 280 -51.05 2.44 -4.59
CA LEU A 280 -51.38 1.02 -4.59
C LEU A 280 -52.83 0.79 -5.01
N TYR A 281 -53.75 1.59 -4.49
CA TYR A 281 -55.16 1.41 -4.80
C TYR A 281 -55.47 1.80 -6.24
N LEU A 282 -54.80 2.83 -6.75
CA LEU A 282 -54.98 3.21 -8.16
C LEU A 282 -54.52 2.09 -9.08
N ALA A 283 -53.36 1.51 -8.78
CA ALA A 283 -52.87 0.40 -9.59
C ALA A 283 -53.79 -0.80 -9.51
N MET A 284 -54.34 -1.08 -8.32
CA MET A 284 -55.28 -2.19 -8.17
C MET A 284 -56.55 -1.95 -8.98
N LEU A 285 -57.11 -0.74 -8.87
CA LEU A 285 -58.31 -0.40 -9.66
C LEU A 285 -58.06 -0.58 -11.14
N GLU A 286 -56.90 -0.12 -11.63
CA GLU A 286 -56.62 -0.28 -13.06
C GLU A 286 -56.34 -1.73 -13.42
N ARG A 287 -55.85 -2.53 -12.47
CA ARG A 287 -55.77 -3.96 -12.69
C ARG A 287 -57.16 -4.55 -12.89
N PHE A 288 -58.15 -4.05 -12.16
CA PHE A 288 -59.52 -4.53 -12.24
C PHE A 288 -60.43 -3.61 -13.04
N GLN A 289 -59.87 -2.83 -13.97
CA GLN A 289 -60.70 -1.95 -14.81
C GLN A 289 -61.71 -2.74 -15.62
N ASP A 290 -61.30 -3.90 -16.14
CA ASP A 290 -62.16 -4.75 -16.97
C ASP A 290 -62.31 -6.10 -16.27
N GLY A 291 -63.53 -6.41 -15.85
CA GLY A 291 -63.80 -7.69 -15.22
C GLY A 291 -63.56 -8.88 -16.13
N ASP A 292 -63.51 -8.65 -17.44
CA ASP A 292 -63.26 -9.70 -18.41
C ASP A 292 -61.78 -9.79 -18.82
N ASN A 293 -60.94 -8.87 -18.36
CA ASN A 293 -59.52 -8.87 -18.66
C ASN A 293 -58.75 -8.37 -17.43
N ILE A 294 -58.87 -9.12 -16.33
CA ILE A 294 -58.24 -8.74 -15.07
C ILE A 294 -56.75 -9.02 -15.15
N LEU A 295 -55.94 -8.01 -14.84
CA LEU A 295 -54.49 -8.16 -14.82
C LEU A 295 -54.10 -8.62 -13.42
N GLU A 296 -54.12 -9.93 -13.21
CA GLU A 296 -53.75 -10.50 -11.93
C GLU A 296 -52.28 -10.26 -11.64
N LYS A 297 -51.93 -10.31 -10.36
CA LYS A 297 -50.55 -10.13 -9.91
C LYS A 297 -50.01 -11.46 -9.40
N GLU A 298 -48.89 -11.89 -9.98
CA GLU A 298 -48.23 -13.11 -9.53
C GLU A 298 -47.51 -12.86 -8.21
N VAL A 299 -48.22 -13.05 -7.11
CA VAL A 299 -47.66 -12.73 -5.80
C VAL A 299 -46.62 -13.76 -5.39
N LEU A 300 -45.68 -13.32 -4.56
CA LEU A 300 -44.66 -14.20 -4.01
C LEU A 300 -45.23 -15.01 -2.85
N PRO A 301 -44.55 -16.08 -2.45
CA PRO A 301 -44.98 -16.83 -1.25
C PRO A 301 -44.90 -15.95 -0.02
N PRO A 302 -45.61 -16.33 1.05
CA PRO A 302 -45.58 -15.51 2.28
C PRO A 302 -44.18 -15.44 2.87
N ILE A 303 -43.79 -14.24 3.29
CA ILE A 303 -42.49 -13.99 3.89
C ILE A 303 -42.70 -13.85 5.40
N HIS A 304 -42.01 -14.70 6.17
CA HIS A 304 -42.22 -14.73 7.61
C HIS A 304 -41.87 -13.40 8.26
N ALA A 305 -40.77 -12.77 7.83
CA ALA A 305 -40.36 -11.53 8.45
C ALA A 305 -41.39 -10.42 8.24
N TYR A 306 -42.12 -10.47 7.14
CA TYR A 306 -43.22 -9.55 6.88
C TYR A 306 -44.53 -10.02 7.50
N GLY A 307 -44.44 -10.81 8.57
CA GLY A 307 -45.64 -11.31 9.24
C GLY A 307 -46.37 -12.39 8.50
N ASN A 308 -45.67 -13.17 7.69
CA ASN A 308 -46.26 -14.20 6.81
C ASN A 308 -47.40 -13.67 5.97
N ARG A 309 -47.39 -12.37 5.67
CA ARG A 309 -48.50 -11.76 4.94
C ARG A 309 -48.30 -11.94 3.44
N THR A 310 -49.40 -12.20 2.74
CA THR A 310 -49.42 -12.25 1.29
C THR A 310 -49.90 -10.92 0.74
N GLU A 311 -49.29 -10.48 -0.36
CA GLU A 311 -49.66 -9.22 -0.99
C GLU A 311 -51.13 -9.22 -1.39
N CYS A 312 -51.77 -8.07 -1.25
CA CYS A 312 -53.19 -7.96 -1.59
C CYS A 312 -53.39 -8.19 -3.08
N ARG A 313 -54.39 -9.01 -3.42
CA ARG A 313 -54.60 -9.44 -4.79
C ARG A 313 -55.85 -8.86 -5.44
N ASN A 314 -56.71 -8.18 -4.69
CA ASN A 314 -57.93 -7.60 -5.25
C ASN A 314 -58.26 -6.35 -4.43
N PRO A 315 -59.14 -5.49 -4.95
CA PRO A 315 -59.46 -4.25 -4.22
C PRO A 315 -59.96 -4.47 -2.81
N GLN A 316 -60.68 -5.56 -2.55
CA GLN A 316 -61.19 -5.80 -1.19
C GLN A 316 -60.04 -6.05 -0.22
N GLU A 317 -59.07 -6.88 -0.63
CA GLU A 317 -57.93 -7.19 0.24
C GLU A 317 -57.09 -5.94 0.53
N LEU A 318 -57.05 -5.00 -0.41
CA LEU A 318 -56.29 -3.77 -0.19
C LEU A 318 -57.07 -2.78 0.68
N GLU A 319 -58.39 -2.68 0.47
CA GLU A 319 -59.22 -1.85 1.34
C GLU A 319 -59.22 -2.37 2.78
N ALA A 320 -59.02 -3.67 2.95
CA ALA A 320 -59.02 -4.24 4.30
C ALA A 320 -57.89 -3.66 5.16
N ILE A 321 -56.78 -3.28 4.54
CA ILE A 321 -55.63 -2.75 5.26
C ILE A 321 -55.48 -1.25 5.06
N ARG A 322 -56.54 -0.56 4.64
CA ARG A 322 -56.45 0.87 4.36
C ARG A 322 -56.01 1.65 5.60
N GLN A 323 -56.52 1.27 6.78
CA GLN A 323 -56.22 1.98 8.01
C GLN A 323 -55.09 1.34 8.82
N ASP A 324 -54.64 0.15 8.44
CA ASP A 324 -53.57 -0.54 9.17
C ASP A 324 -52.23 -0.03 8.67
N ARG A 325 -51.64 0.91 9.42
CA ARG A 325 -50.38 1.52 9.00
C ARG A 325 -49.26 0.50 8.93
N ASP A 326 -49.17 -0.40 9.92
CA ASP A 326 -48.16 -1.46 9.90
C ASP A 326 -48.34 -2.36 8.69
N ALA A 327 -49.59 -2.73 8.39
CA ALA A 327 -49.84 -3.55 7.21
C ALA A 327 -49.45 -2.84 5.94
N LEU A 328 -49.59 -1.52 5.90
CA LEU A 328 -49.18 -0.77 4.71
C LEU A 328 -47.66 -0.73 4.58
N HIS A 329 -46.95 -0.59 5.71
CA HIS A 329 -45.50 -0.73 5.67
C HIS A 329 -45.09 -2.09 5.11
N MET A 330 -45.64 -3.15 5.68
CA MET A 330 -45.31 -4.50 5.23
C MET A 330 -45.67 -4.70 3.77
N GLU A 331 -46.79 -4.12 3.33
CA GLU A 331 -47.20 -4.22 1.92
C GLU A 331 -46.20 -3.51 1.02
N GLY A 332 -45.69 -2.35 1.45
CA GLY A 332 -44.65 -1.69 0.69
C GLY A 332 -43.41 -2.54 0.53
N LEU A 333 -42.97 -3.15 1.63
CA LEU A 333 -41.81 -4.04 1.56
C LEU A 333 -42.08 -5.22 0.62
N ILE A 334 -43.27 -5.80 0.69
CA ILE A 334 -43.62 -6.95 -0.13
C ILE A 334 -43.62 -6.58 -1.60
N VAL A 335 -44.22 -5.44 -1.95
CA VAL A 335 -44.30 -5.04 -3.35
C VAL A 335 -42.91 -4.70 -3.89
N ARG A 336 -42.09 -4.03 -3.07
CA ARG A 336 -40.71 -3.77 -3.48
C ARG A 336 -39.97 -5.07 -3.77
N GLU A 337 -40.11 -6.06 -2.88
CA GLU A 337 -39.42 -7.33 -3.10
C GLU A 337 -39.97 -8.07 -4.31
N ARG A 338 -41.26 -7.94 -4.59
CA ARG A 338 -41.84 -8.63 -5.74
C ARG A 338 -41.38 -8.01 -7.06
N ILE A 339 -41.30 -6.68 -7.11
CA ILE A 339 -40.96 -6.03 -8.38
C ILE A 339 -39.45 -5.99 -8.60
N LEU A 340 -38.65 -5.85 -7.55
CA LEU A 340 -37.21 -5.68 -7.69
C LEU A 340 -36.38 -6.88 -7.28
N GLY A 341 -36.87 -7.69 -6.34
CA GLY A 341 -36.02 -8.70 -5.72
C GLY A 341 -35.46 -9.72 -6.69
N ALA A 342 -36.21 -10.05 -7.75
CA ALA A 342 -35.73 -11.03 -8.72
C ALA A 342 -34.44 -10.59 -9.38
N ASP A 343 -34.38 -9.32 -9.80
CA ASP A 343 -33.18 -8.79 -10.42
C ASP A 343 -32.09 -8.54 -9.37
N ASN A 344 -30.90 -8.22 -9.85
CA ASN A 344 -29.74 -8.00 -8.98
C ASN A 344 -29.79 -6.57 -8.46
N ILE A 345 -30.55 -6.37 -7.39
CA ILE A 345 -30.74 -5.06 -6.77
C ILE A 345 -30.69 -5.21 -5.26
N ASP A 346 -30.00 -4.28 -4.59
CA ASP A 346 -29.95 -4.27 -3.13
C ASP A 346 -31.21 -3.59 -2.63
N VAL A 347 -32.19 -4.39 -2.23
CA VAL A 347 -33.48 -3.90 -1.76
C VAL A 347 -33.56 -3.87 -0.24
N SER A 348 -32.42 -3.98 0.45
CA SER A 348 -32.42 -4.22 1.89
C SER A 348 -32.53 -2.95 2.73
N HIS A 349 -32.20 -1.78 2.17
CA HIS A 349 -32.15 -0.56 2.98
C HIS A 349 -33.50 -0.18 3.59
N PRO A 350 -34.61 -0.13 2.85
CA PRO A 350 -35.89 0.19 3.51
C PRO A 350 -36.30 -0.83 4.55
N ILE A 351 -35.92 -2.10 4.37
CA ILE A 351 -36.17 -3.11 5.40
C ILE A 351 -35.46 -2.73 6.69
N ILE A 352 -34.18 -2.34 6.59
CA ILE A 352 -33.41 -1.94 7.76
C ILE A 352 -33.99 -0.69 8.39
N TYR A 353 -34.50 0.23 7.56
CA TYR A 353 -35.11 1.44 8.13
C TYR A 353 -36.38 1.12 8.90
N ARG A 354 -37.24 0.25 8.36
CA ARG A 354 -38.44 -0.13 9.08
C ARG A 354 -38.10 -0.86 10.38
N GLY A 355 -37.08 -1.72 10.34
CA GLY A 355 -36.61 -2.35 11.56
C GLY A 355 -36.12 -1.34 12.58
N ALA A 356 -35.40 -0.31 12.12
CA ALA A 356 -34.89 0.71 13.03
C ALA A 356 -36.04 1.50 13.66
N VAL A 357 -37.08 1.79 12.89
CA VAL A 357 -38.24 2.49 13.46
C VAL A 357 -38.94 1.61 14.49
N TYR A 358 -39.14 0.33 14.16
CA TYR A 358 -39.77 -0.58 15.11
C TYR A 358 -38.93 -0.74 16.38
N ALA A 359 -37.60 -0.64 16.25
CA ALA A 359 -36.75 -0.71 17.43
C ALA A 359 -36.83 0.59 18.24
N ASP A 360 -36.92 1.73 17.56
CA ASP A 360 -37.12 3.00 18.25
C ASP A 360 -38.41 2.98 19.06
N ASN A 361 -39.44 2.32 18.54
CA ASN A 361 -40.66 2.12 19.31
C ASN A 361 -40.62 0.85 20.17
N MET A 362 -39.44 0.26 20.34
CA MET A 362 -39.20 -0.86 21.26
C MET A 362 -40.03 -2.09 20.91
N GLU A 363 -40.30 -2.30 19.62
CA GLU A 363 -40.89 -3.55 19.15
C GLU A 363 -39.78 -4.41 18.55
N PHE A 364 -38.97 -4.96 19.45
CA PHE A 364 -37.70 -5.57 19.08
C PHE A 364 -37.88 -6.78 18.17
N GLU A 365 -38.94 -7.57 18.41
CA GLU A 365 -39.13 -8.81 17.67
C GLU A 365 -39.23 -8.56 16.17
N GLN A 366 -40.07 -7.60 15.77
CA GLN A 366 -40.24 -7.31 14.36
C GLN A 366 -38.98 -6.70 13.75
N CYS A 367 -38.30 -5.83 14.50
CA CYS A 367 -37.03 -5.29 14.03
C CYS A 367 -36.03 -6.39 13.72
N ILE A 368 -35.92 -7.37 14.62
CA ILE A 368 -34.96 -8.45 14.43
C ILE A 368 -35.40 -9.35 13.27
N LYS A 369 -36.70 -9.59 13.12
CA LYS A 369 -37.19 -10.34 11.97
C LYS A 369 -36.80 -9.66 10.66
N LEU A 370 -37.03 -8.35 10.58
CA LEU A 370 -36.72 -7.61 9.37
C LEU A 370 -35.23 -7.61 9.07
N TRP A 371 -34.40 -7.44 10.10
CA TRP A 371 -32.96 -7.42 9.88
C TRP A 371 -32.45 -8.80 9.47
N LEU A 372 -33.00 -9.86 10.07
CA LEU A 372 -32.64 -11.22 9.65
C LEU A 372 -33.01 -11.46 8.19
N HIS A 373 -34.19 -10.98 7.78
CA HIS A 373 -34.58 -11.16 6.39
C HIS A 373 -33.68 -10.38 5.45
N ALA A 374 -33.30 -9.15 5.83
CA ALA A 374 -32.39 -8.37 4.99
C ALA A 374 -31.05 -9.07 4.84
N LEU A 375 -30.50 -9.58 5.95
CA LEU A 375 -29.23 -10.28 5.88
C LEU A 375 -29.33 -11.55 5.06
N HIS A 376 -30.45 -12.28 5.18
CA HIS A 376 -30.67 -13.47 4.36
C HIS A 376 -30.77 -13.11 2.88
N LEU A 377 -31.34 -11.95 2.57
CA LEU A 377 -31.39 -11.52 1.18
C LEU A 377 -30.01 -11.16 0.66
N ARG A 378 -29.16 -10.59 1.52
CA ARG A 378 -27.83 -10.20 1.07
C ARG A 378 -26.97 -11.40 0.68
N GLN A 379 -27.14 -12.52 1.37
CA GLN A 379 -26.38 -13.73 1.04
C GLN A 379 -27.02 -14.46 -0.14
N SER B 3 38.36 -45.19 16.96
CA SER B 3 37.29 -45.07 17.95
C SER B 3 37.85 -44.64 19.31
N SER B 4 39.07 -45.10 19.62
CA SER B 4 39.70 -44.72 20.87
C SER B 4 40.07 -43.24 20.91
N MET B 5 40.19 -42.59 19.75
CA MET B 5 40.45 -41.16 19.68
C MET B 5 39.40 -40.49 18.80
N GLU B 6 38.82 -41.24 17.87
CA GLU B 6 37.75 -40.70 17.04
C GLU B 6 36.52 -40.36 17.88
N GLY B 7 36.18 -41.23 18.83
CA GLY B 7 35.07 -40.92 19.73
C GLY B 7 35.38 -39.73 20.63
N LEU B 8 36.62 -39.62 21.09
CA LEU B 8 37.01 -38.46 21.89
C LEU B 8 36.97 -37.19 21.04
N ALA B 9 37.33 -37.28 19.77
CA ALA B 9 37.18 -36.13 18.88
C ALA B 9 35.72 -35.76 18.72
N GLY B 10 34.84 -36.76 18.63
CA GLY B 10 33.41 -36.48 18.57
C GLY B 10 32.92 -35.78 19.82
N TYR B 11 33.40 -36.21 20.99
CA TYR B 11 32.98 -35.58 22.23
C TYR B 11 33.51 -34.16 22.35
N VAL B 12 34.76 -33.93 21.93
CA VAL B 12 35.32 -32.59 21.91
C VAL B 12 34.51 -31.69 20.99
N TYR B 13 34.15 -32.20 19.81
CA TYR B 13 33.30 -31.44 18.90
C TYR B 13 31.96 -31.12 19.53
N LYS B 14 31.32 -32.11 20.17
CA LYS B 14 30.05 -31.87 20.82
C LYS B 14 30.16 -30.79 21.89
N ALA B 15 31.23 -30.84 22.69
CA ALA B 15 31.43 -29.85 23.73
C ALA B 15 31.59 -28.45 23.14
N ALA B 16 32.38 -28.35 22.06
CA ALA B 16 32.61 -27.03 21.47
C ALA B 16 31.35 -26.49 20.80
N SER B 17 30.54 -27.37 20.20
CA SER B 17 29.35 -26.92 19.47
C SER B 17 28.20 -26.57 20.39
N GLU B 18 28.21 -27.05 21.64
CA GLU B 18 27.13 -26.76 22.57
C GLU B 18 27.46 -25.63 23.54
N GLY B 19 28.74 -25.33 23.77
CA GLY B 19 29.15 -24.17 24.54
C GLY B 19 29.77 -24.48 25.88
N LYS B 20 29.65 -25.70 26.38
CA LYS B 20 30.18 -26.05 27.70
C LYS B 20 31.69 -26.06 27.66
N VAL B 21 32.30 -24.94 28.09
CA VAL B 21 33.75 -24.86 28.20
C VAL B 21 34.25 -25.85 29.24
N LEU B 22 33.44 -26.12 30.26
CA LEU B 22 33.85 -27.00 31.36
C LEU B 22 34.15 -28.40 30.85
N THR B 23 33.17 -29.03 30.20
CA THR B 23 33.37 -30.39 29.72
C THR B 23 34.40 -30.45 28.59
N LEU B 24 34.57 -29.36 27.84
CA LEU B 24 35.62 -29.35 26.82
C LEU B 24 37.00 -29.39 27.45
N ALA B 25 37.25 -28.52 28.43
CA ALA B 25 38.51 -28.55 29.15
C ALA B 25 38.70 -29.88 29.88
N ALA B 26 37.60 -30.52 30.27
CA ALA B 26 37.69 -31.85 30.88
C ALA B 26 38.18 -32.87 29.86
N LEU B 27 37.56 -32.89 28.67
CA LEU B 27 37.93 -33.86 27.64
C LEU B 27 39.34 -33.61 27.13
N LEU B 28 39.81 -32.37 27.15
CA LEU B 28 41.17 -32.03 26.76
C LEU B 28 42.14 -32.02 27.94
N LEU B 29 41.77 -32.63 29.06
CA LEU B 29 42.63 -32.65 30.23
C LEU B 29 43.87 -33.49 29.97
N ASN B 30 45.01 -33.04 30.51
CA ASN B 30 46.31 -33.67 30.29
C ASN B 30 46.61 -33.76 28.80
N ARG B 31 46.49 -34.97 28.24
CA ARG B 31 46.74 -35.23 26.83
C ARG B 31 48.14 -34.79 26.43
N SER B 32 48.35 -34.58 25.13
CA SER B 32 49.61 -34.07 24.61
C SER B 32 49.30 -33.01 23.56
N GLU B 33 50.26 -32.12 23.33
CA GLU B 33 50.10 -31.12 22.29
C GLU B 33 49.83 -31.76 20.93
N SER B 34 50.42 -32.94 20.69
CA SER B 34 50.06 -33.71 19.51
C SER B 34 48.59 -34.12 19.55
N ASP B 35 48.15 -34.68 20.68
CA ASP B 35 46.73 -35.03 20.82
C ASP B 35 45.85 -33.78 20.74
N ILE B 36 46.34 -32.65 21.25
CA ILE B 36 45.57 -31.42 21.16
C ILE B 36 45.36 -31.00 19.71
N ARG B 37 46.45 -30.93 18.94
CA ARG B 37 46.34 -30.55 17.54
C ARG B 37 45.52 -31.56 16.75
N TYR B 38 45.58 -32.83 17.12
CA TYR B 38 44.73 -33.83 16.45
C TYR B 38 43.26 -33.57 16.74
N LEU B 39 42.89 -33.47 18.03
CA LEU B 39 41.49 -33.35 18.39
C LEU B 39 40.91 -32.00 18.01
N LEU B 40 41.74 -30.96 17.92
CA LEU B 40 41.30 -29.63 17.52
C LEU B 40 41.49 -29.37 16.02
N GLY B 41 41.99 -30.35 15.28
CA GLY B 41 42.10 -30.24 13.84
C GLY B 41 41.29 -31.30 13.13
N TYR B 42 40.75 -32.23 13.91
CA TYR B 42 39.93 -33.31 13.36
C TYR B 42 38.63 -32.72 12.82
N VAL B 43 38.47 -32.75 11.50
CA VAL B 43 37.26 -32.21 10.88
C VAL B 43 36.13 -33.22 11.03
N SER B 44 35.01 -32.78 11.60
CA SER B 44 33.83 -33.61 11.78
C SER B 44 32.78 -33.23 10.73
N GLN B 45 31.74 -34.08 10.62
CA GLN B 45 30.72 -33.91 9.59
C GLN B 45 29.32 -34.05 10.23
N GLN B 46 28.90 -33.04 10.98
CA GLN B 46 27.60 -33.04 11.63
C GLN B 46 26.64 -32.15 10.85
N GLY B 47 25.51 -32.72 10.44
CA GLY B 47 24.47 -31.95 9.77
C GLY B 47 24.90 -31.35 8.45
N GLY B 48 25.62 -32.10 7.63
CA GLY B 48 26.07 -31.60 6.35
C GLY B 48 27.04 -30.44 6.44
N GLN B 49 27.79 -30.35 7.53
CA GLN B 49 28.76 -29.29 7.75
C GLN B 49 30.06 -29.92 8.24
N ARG B 50 31.15 -29.65 7.53
CA ARG B 50 32.46 -30.15 7.89
C ARG B 50 33.20 -29.05 8.65
N SER B 51 33.35 -29.24 9.97
CA SER B 51 33.81 -28.17 10.84
C SER B 51 34.72 -28.71 11.94
N THR B 52 35.84 -28.02 12.17
CA THR B 52 36.70 -28.27 13.31
C THR B 52 36.19 -27.48 14.52
N PRO B 53 36.41 -27.98 15.75
CA PRO B 53 35.83 -27.36 16.95
C PRO B 53 35.82 -25.83 17.00
N LEU B 54 36.89 -25.20 16.53
CA LEU B 54 36.93 -23.74 16.51
C LEU B 54 35.85 -23.18 15.59
N ILE B 55 35.61 -23.83 14.44
CA ILE B 55 34.64 -23.33 13.48
C ILE B 55 33.23 -23.39 14.06
N ILE B 56 32.86 -24.53 14.64
CA ILE B 56 31.53 -24.63 15.24
C ILE B 56 31.41 -23.70 16.44
N ALA B 57 32.50 -23.50 17.18
CA ALA B 57 32.46 -22.60 18.32
C ALA B 57 32.16 -21.17 17.88
N ALA B 58 32.83 -20.71 16.82
CA ALA B 58 32.57 -19.36 16.32
C ALA B 58 31.24 -19.27 15.58
N ARG B 59 30.79 -20.37 14.98
CA ARG B 59 29.53 -20.37 14.25
C ARG B 59 28.35 -20.27 15.21
N ASN B 60 28.38 -21.07 16.28
CA ASN B 60 27.30 -21.09 17.26
C ASN B 60 27.40 -19.97 18.28
N GLY B 61 28.39 -19.08 18.16
CA GLY B 61 28.45 -17.91 19.00
C GLY B 61 28.87 -18.15 20.43
N HIS B 62 29.56 -19.26 20.71
CA HIS B 62 30.07 -19.53 22.06
C HIS B 62 31.40 -18.80 22.19
N ALA B 63 31.35 -17.58 22.75
CA ALA B 63 32.54 -16.74 22.78
C ALA B 63 33.58 -17.26 23.77
N LYS B 64 33.13 -17.75 24.93
CA LYS B 64 34.08 -18.16 25.96
C LYS B 64 34.90 -19.38 25.54
N VAL B 65 34.30 -20.29 24.78
CA VAL B 65 35.04 -21.47 24.34
C VAL B 65 36.06 -21.10 23.27
N VAL B 66 35.72 -20.13 22.40
CA VAL B 66 36.70 -19.63 21.45
C VAL B 66 37.84 -18.93 22.18
N ARG B 67 37.51 -18.18 23.24
CA ARG B 67 38.54 -17.55 24.06
C ARG B 67 39.49 -18.60 24.64
N LEU B 68 38.93 -19.67 25.22
CA LEU B 68 39.76 -20.74 25.77
C LEU B 68 40.64 -21.37 24.70
N LEU B 69 40.05 -21.71 23.55
CA LEU B 69 40.81 -22.37 22.49
C LEU B 69 41.96 -21.49 22.01
N LEU B 70 41.70 -20.20 21.81
CA LEU B 70 42.71 -19.32 21.27
C LEU B 70 43.79 -19.00 22.29
N GLU B 71 43.44 -18.91 23.57
CA GLU B 71 44.42 -18.47 24.56
C GLU B 71 45.22 -19.62 25.17
N HIS B 72 44.57 -20.74 25.47
CA HIS B 72 45.24 -21.85 26.14
C HIS B 72 45.74 -22.93 25.19
N TYR B 73 45.01 -23.21 24.11
CA TYR B 73 45.36 -24.30 23.20
C TYR B 73 46.00 -23.82 21.90
N ARG B 74 46.16 -22.51 21.72
CA ARG B 74 46.89 -21.94 20.58
C ARG B 74 46.43 -22.54 19.26
N VAL B 75 45.13 -22.53 19.04
CA VAL B 75 44.54 -23.09 17.83
C VAL B 75 44.83 -22.17 16.66
N GLN B 76 45.18 -22.75 15.51
CA GLN B 76 45.44 -21.97 14.31
C GLN B 76 44.20 -21.17 13.94
N THR B 77 44.36 -19.85 13.84
CA THR B 77 43.22 -18.96 13.68
C THR B 77 42.59 -19.03 12.29
N GLN B 78 43.29 -19.59 11.30
CA GLN B 78 42.81 -19.60 9.93
C GLN B 78 42.48 -21.01 9.43
N GLN B 79 42.24 -21.96 10.33
CA GLN B 79 41.80 -23.28 9.89
C GLN B 79 40.39 -23.20 9.33
N THR B 80 40.17 -23.90 8.23
CA THR B 80 38.98 -23.71 7.42
C THR B 80 38.13 -24.97 7.36
N GLY B 81 36.84 -24.78 7.07
CA GLY B 81 35.90 -25.87 6.91
C GLY B 81 34.80 -25.56 5.91
N THR B 82 33.73 -26.33 5.91
CA THR B 82 32.58 -26.10 5.03
C THR B 82 31.34 -25.99 5.89
N VAL B 83 30.53 -24.95 5.65
CA VAL B 83 29.41 -24.62 6.51
C VAL B 83 28.14 -24.58 5.67
N ARG B 84 26.99 -24.36 6.31
CA ARG B 84 25.71 -24.26 5.63
C ARG B 84 24.88 -23.17 6.26
N PHE B 85 24.47 -22.19 5.47
CA PHE B 85 23.52 -21.16 5.88
C PHE B 85 22.20 -21.43 5.18
N ASP B 86 21.18 -21.79 5.97
CA ASP B 86 19.90 -22.25 5.44
C ASP B 86 20.11 -23.44 4.51
N GLY B 87 20.16 -23.18 3.21
CA GLY B 87 20.32 -24.25 2.24
C GLY B 87 21.64 -24.21 1.49
N TYR B 88 22.30 -23.05 1.47
CA TYR B 88 23.53 -22.90 0.71
C TYR B 88 24.72 -23.43 1.49
N VAL B 89 25.66 -24.04 0.78
CA VAL B 89 26.89 -24.56 1.37
C VAL B 89 28.04 -23.66 0.95
N ILE B 90 28.93 -23.37 1.89
CA ILE B 90 30.07 -22.47 1.67
C ILE B 90 31.34 -23.25 1.98
N ASP B 91 32.11 -23.56 0.95
CA ASP B 91 33.36 -24.28 1.12
C ASP B 91 34.49 -23.30 1.43
N GLY B 92 35.43 -23.74 2.26
CA GLY B 92 36.60 -22.93 2.55
C GLY B 92 36.33 -21.72 3.44
N ALA B 93 35.47 -21.86 4.44
CA ALA B 93 35.13 -20.75 5.32
C ALA B 93 35.92 -20.85 6.63
N THR B 94 36.35 -19.71 7.13
CA THR B 94 37.07 -19.63 8.39
C THR B 94 36.10 -19.27 9.53
N ALA B 95 36.62 -19.32 10.76
CA ALA B 95 35.79 -19.04 11.93
C ALA B 95 35.35 -17.58 11.95
N LEU B 96 36.24 -16.66 11.54
CA LEU B 96 35.86 -15.26 11.43
C LEU B 96 34.74 -15.05 10.43
N TRP B 97 34.76 -15.80 9.32
CA TRP B 97 33.72 -15.68 8.31
C TRP B 97 32.38 -16.16 8.86
N CYS B 98 32.36 -17.32 9.51
CA CYS B 98 31.13 -17.82 10.11
C CYS B 98 30.61 -16.87 11.17
N ALA B 99 31.52 -16.25 11.93
CA ALA B 99 31.12 -15.29 12.96
C ALA B 99 30.48 -14.06 12.34
N ALA B 100 31.11 -13.50 11.30
CA ALA B 100 30.56 -12.32 10.65
C ALA B 100 29.25 -12.64 9.94
N GLY B 101 29.07 -13.87 9.48
CA GLY B 101 27.82 -14.29 8.86
C GLY B 101 26.68 -14.46 9.85
N ALA B 102 26.90 -15.24 10.91
CA ALA B 102 25.87 -15.49 11.90
C ALA B 102 25.64 -14.31 12.83
N GLY B 103 26.48 -13.29 12.79
CA GLY B 103 26.26 -12.09 13.57
C GLY B 103 26.56 -12.23 15.05
N HIS B 104 27.73 -12.80 15.38
CA HIS B 104 28.20 -12.89 16.75
C HIS B 104 29.36 -11.91 16.90
N PHE B 105 29.02 -10.67 17.25
CA PHE B 105 30.01 -9.59 17.32
C PHE B 105 31.14 -9.91 18.29
N GLU B 106 30.82 -10.62 19.38
CA GLU B 106 31.82 -10.86 20.42
C GLU B 106 32.94 -11.77 19.91
N VAL B 107 32.58 -12.88 19.24
CA VAL B 107 33.62 -13.77 18.74
C VAL B 107 34.33 -13.14 17.55
N VAL B 108 33.65 -12.24 16.81
CA VAL B 108 34.34 -11.47 15.78
C VAL B 108 35.47 -10.65 16.40
N LYS B 109 35.16 -9.95 17.49
CA LYS B 109 36.20 -9.18 18.17
C LYS B 109 37.29 -10.08 18.72
N LEU B 110 36.91 -11.21 19.32
CA LEU B 110 37.89 -12.13 19.87
C LEU B 110 38.85 -12.63 18.79
N LEU B 111 38.33 -12.94 17.61
CA LEU B 111 39.17 -13.49 16.55
C LEU B 111 40.06 -12.40 15.94
N VAL B 112 39.48 -11.24 15.63
CA VAL B 112 40.27 -10.17 15.03
C VAL B 112 41.37 -9.71 15.97
N SER B 113 41.05 -9.57 17.27
CA SER B 113 42.04 -9.13 18.24
C SER B 113 43.20 -10.11 18.34
N HIS B 114 42.92 -11.41 18.32
CA HIS B 114 43.94 -12.44 18.43
C HIS B 114 44.69 -12.66 17.11
N GLY B 115 44.57 -11.74 16.15
CA GLY B 115 45.35 -11.82 14.93
C GLY B 115 44.79 -12.75 13.87
N ALA B 116 43.52 -12.54 13.51
CA ALA B 116 42.89 -13.30 12.43
C ALA B 116 42.93 -12.52 11.14
N ASN B 117 43.07 -13.24 10.03
CA ASN B 117 43.05 -12.63 8.71
C ASN B 117 41.67 -12.03 8.46
N VAL B 118 41.56 -10.71 8.57
CA VAL B 118 40.27 -10.04 8.39
C VAL B 118 39.79 -10.17 6.95
N ASN B 119 40.71 -10.34 5.99
CA ASN B 119 40.35 -10.43 4.58
C ASN B 119 40.48 -11.86 4.05
N HIS B 120 40.42 -12.86 4.94
CA HIS B 120 40.45 -14.25 4.50
C HIS B 120 39.24 -14.55 3.63
N THR B 121 39.48 -15.20 2.50
CA THR B 121 38.43 -15.44 1.50
C THR B 121 38.03 -16.91 1.49
N THR B 122 36.76 -17.16 1.18
CA THR B 122 36.24 -18.51 1.00
C THR B 122 36.40 -18.92 -0.47
N VAL B 123 35.97 -20.14 -0.77
CA VAL B 123 36.12 -20.66 -2.14
C VAL B 123 35.43 -19.75 -3.14
N THR B 124 34.27 -19.19 -2.77
CA THR B 124 33.60 -18.21 -3.61
C THR B 124 34.18 -16.81 -3.45
N ASN B 125 35.31 -16.68 -2.77
CA ASN B 125 36.00 -15.40 -2.58
C ASN B 125 35.11 -14.38 -1.86
N SER B 126 34.50 -14.81 -0.77
CA SER B 126 33.67 -13.95 0.06
C SER B 126 34.43 -13.63 1.33
N THR B 127 34.67 -12.33 1.55
CA THR B 127 35.29 -11.84 2.77
C THR B 127 34.27 -11.83 3.91
N PRO B 128 34.72 -11.94 5.16
CA PRO B 128 33.79 -11.77 6.29
C PRO B 128 33.02 -10.46 6.23
N LEU B 129 33.63 -9.41 5.68
CA LEU B 129 32.91 -8.16 5.45
C LEU B 129 31.70 -8.37 4.55
N ARG B 130 31.84 -9.23 3.53
CA ARG B 130 30.71 -9.51 2.65
C ARG B 130 29.62 -10.27 3.38
N ALA B 131 29.98 -11.22 4.26
CA ALA B 131 28.98 -11.92 5.04
C ALA B 131 28.22 -10.97 5.96
N ALA B 132 28.95 -10.07 6.62
CA ALA B 132 28.30 -9.07 7.47
C ALA B 132 27.38 -8.16 6.66
N CYS B 133 27.82 -7.74 5.47
CA CYS B 133 26.98 -6.91 4.61
C CYS B 133 25.73 -7.67 4.16
N PHE B 134 25.87 -8.97 3.91
CA PHE B 134 24.71 -9.80 3.58
C PHE B 134 23.71 -9.80 4.73
N ASP B 135 24.18 -10.11 5.94
CA ASP B 135 23.27 -10.18 7.07
C ASP B 135 22.81 -8.80 7.52
N GLY B 136 23.50 -7.73 7.12
CA GLY B 136 23.11 -6.39 7.46
C GLY B 136 23.62 -5.87 8.79
N ARG B 137 24.56 -6.56 9.42
CA ARG B 137 25.09 -6.16 10.72
C ARG B 137 26.04 -4.99 10.53
N LEU B 138 25.54 -3.77 10.75
CA LEU B 138 26.38 -2.59 10.59
C LEU B 138 27.47 -2.52 11.64
N ASP B 139 27.22 -3.03 12.84
CA ASP B 139 28.25 -3.04 13.88
C ASP B 139 29.45 -3.86 13.45
N ILE B 140 29.21 -5.06 12.92
CA ILE B 140 30.29 -5.93 12.48
C ILE B 140 31.02 -5.33 11.29
N VAL B 141 30.27 -4.74 10.35
CA VAL B 141 30.89 -4.10 9.20
C VAL B 141 31.81 -2.97 9.65
N LYS B 142 31.34 -2.14 10.59
CA LYS B 142 32.16 -1.06 11.10
C LYS B 142 33.41 -1.58 11.77
N TYR B 143 33.25 -2.58 12.64
CA TYR B 143 34.40 -3.13 13.36
C TYR B 143 35.41 -3.74 12.41
N LEU B 144 34.94 -4.38 11.34
CA LEU B 144 35.87 -4.96 10.37
C LEU B 144 36.61 -3.88 9.59
N VAL B 145 35.88 -2.90 9.05
CA VAL B 145 36.51 -1.84 8.26
C VAL B 145 37.51 -1.07 9.11
N GLU B 146 37.18 -0.86 10.39
CA GLU B 146 38.10 -0.17 11.29
C GLU B 146 39.40 -0.95 11.46
N ASN B 147 39.31 -2.28 11.47
CA ASN B 147 40.49 -3.13 11.59
C ASN B 147 41.05 -3.54 10.23
N ASN B 148 40.98 -2.63 9.26
CA ASN B 148 41.61 -2.79 7.95
C ASN B 148 41.03 -3.99 7.19
N ALA B 149 39.71 -3.95 7.01
CA ALA B 149 39.02 -4.86 6.10
C ALA B 149 38.85 -4.18 4.76
N ASN B 150 39.16 -4.91 3.68
CA ASN B 150 39.12 -4.35 2.34
C ASN B 150 37.70 -4.44 1.80
N ILE B 151 37.08 -3.29 1.56
CA ILE B 151 35.74 -3.25 0.97
C ILE B 151 35.77 -3.55 -0.52
N SER B 152 36.92 -3.40 -1.16
CA SER B 152 37.00 -3.53 -2.62
C SER B 152 37.08 -4.98 -3.08
N ILE B 153 37.42 -5.91 -2.19
CA ILE B 153 37.59 -7.31 -2.58
C ILE B 153 36.26 -7.85 -3.09
N ALA B 154 36.22 -8.23 -4.37
CA ALA B 154 35.03 -8.81 -4.98
C ALA B 154 35.09 -10.33 -4.89
N ASN B 155 33.99 -10.97 -5.30
CA ASN B 155 33.84 -12.40 -5.10
C ASN B 155 33.94 -13.13 -6.43
N LYS B 156 33.47 -14.39 -6.44
CA LYS B 156 33.48 -15.24 -7.63
C LYS B 156 32.97 -14.53 -8.87
N TYR B 157 31.80 -13.90 -8.79
CA TYR B 157 31.20 -13.20 -9.92
C TYR B 157 31.41 -11.69 -9.85
N ASP B 158 32.46 -11.24 -9.17
CA ASP B 158 32.81 -9.83 -9.06
C ASP B 158 31.68 -9.01 -8.40
N ASN B 159 31.09 -9.57 -7.35
CA ASN B 159 30.07 -8.88 -6.56
C ASN B 159 30.74 -8.30 -5.32
N THR B 160 30.70 -6.98 -5.19
CA THR B 160 31.32 -6.33 -4.06
C THR B 160 30.36 -6.29 -2.87
N CYS B 161 30.89 -5.87 -1.72
CA CYS B 161 30.05 -5.72 -0.54
C CYS B 161 29.00 -4.64 -0.74
N LEU B 162 29.34 -3.60 -1.49
CA LEU B 162 28.36 -2.54 -1.79
C LEU B 162 27.17 -3.10 -2.56
N MET B 163 27.42 -3.97 -3.54
CA MET B 163 26.35 -4.51 -4.36
C MET B 163 25.42 -5.41 -3.54
N ILE B 164 25.98 -6.32 -2.74
CA ILE B 164 25.14 -7.21 -1.95
C ILE B 164 24.42 -6.43 -0.85
N ALA B 165 25.03 -5.37 -0.33
CA ALA B 165 24.35 -4.54 0.66
C ALA B 165 23.20 -3.77 0.01
N ALA B 166 23.37 -3.36 -1.25
CA ALA B 166 22.32 -2.63 -1.94
C ALA B 166 21.17 -3.56 -2.32
N TYR B 167 21.49 -4.80 -2.71
CA TYR B 167 20.44 -5.72 -3.14
C TYR B 167 19.56 -6.16 -1.98
N LYS B 168 20.16 -6.39 -0.81
CA LYS B 168 19.39 -6.78 0.37
C LYS B 168 18.68 -5.60 1.04
N GLY B 169 19.03 -4.36 0.69
CA GLY B 169 18.32 -3.20 1.16
C GLY B 169 18.82 -2.60 2.46
N HIS B 170 19.97 -3.03 2.96
CA HIS B 170 20.52 -2.51 4.21
C HIS B 170 21.08 -1.11 3.94
N THR B 171 20.22 -0.10 4.13
CA THR B 171 20.55 1.25 3.70
C THR B 171 21.75 1.81 4.47
N ASP B 172 21.81 1.55 5.77
CA ASP B 172 22.87 2.12 6.59
C ASP B 172 24.24 1.59 6.16
N VAL B 173 24.32 0.30 5.82
CA VAL B 173 25.58 -0.27 5.36
C VAL B 173 26.01 0.35 4.05
N VAL B 174 25.06 0.62 3.15
CA VAL B 174 25.40 1.26 1.87
C VAL B 174 25.89 2.68 2.11
N ARG B 175 25.23 3.43 2.99
CA ARG B 175 25.71 4.75 3.37
C ARG B 175 27.14 4.68 3.90
N TYR B 176 27.40 3.76 4.82
CA TYR B 176 28.73 3.62 5.40
C TYR B 176 29.77 3.34 4.33
N LEU B 177 29.50 2.35 3.47
CA LEU B 177 30.47 1.98 2.45
C LEU B 177 30.73 3.13 1.49
N LEU B 178 29.67 3.82 1.05
CA LEU B 178 29.86 4.97 0.18
C LEU B 178 30.69 6.05 0.86
N GLU B 179 30.50 6.23 2.17
CA GLU B 179 31.31 7.18 2.91
C GLU B 179 32.77 6.75 2.95
N GLN B 180 33.01 5.44 3.09
CA GLN B 180 34.36 4.89 3.14
C GLN B 180 34.99 4.72 1.77
N ARG B 181 34.56 5.50 0.78
CA ARG B 181 35.15 5.56 -0.56
C ARG B 181 34.90 4.32 -1.39
N ALA B 182 33.85 3.56 -1.10
CA ALA B 182 33.51 2.42 -1.95
C ALA B 182 33.05 2.92 -3.32
N ASP B 183 33.62 2.35 -4.37
CA ASP B 183 33.32 2.75 -5.74
C ASP B 183 31.88 2.39 -6.09
N PRO B 184 30.99 3.37 -6.32
CA PRO B 184 29.62 3.03 -6.71
C PRO B 184 29.52 2.49 -8.12
N ASN B 185 30.49 2.80 -8.99
CA ASN B 185 30.48 2.35 -10.37
C ASN B 185 31.21 1.03 -10.57
N ALA B 186 31.43 0.27 -9.49
CA ALA B 186 32.00 -1.06 -9.62
C ALA B 186 31.04 -1.97 -10.37
N LYS B 187 31.53 -2.65 -11.39
CA LYS B 187 30.71 -3.49 -12.24
C LYS B 187 30.98 -4.96 -11.94
N ALA B 188 29.92 -5.76 -11.97
CA ALA B 188 30.04 -7.20 -11.76
C ALA B 188 30.61 -7.83 -13.03
N HIS B 189 30.62 -9.17 -13.07
CA HIS B 189 31.14 -9.88 -14.24
C HIS B 189 30.31 -9.58 -15.48
N CYS B 190 29.02 -9.28 -15.32
CA CYS B 190 28.12 -9.00 -16.42
C CYS B 190 27.94 -7.50 -16.67
N GLY B 191 28.65 -6.66 -15.94
CA GLY B 191 28.54 -5.23 -16.10
C GLY B 191 27.52 -4.54 -15.22
N ALA B 192 26.75 -5.29 -14.42
CA ALA B 192 25.75 -4.67 -13.58
C ALA B 192 26.39 -4.02 -12.36
N THR B 193 25.92 -2.81 -12.04
CA THR B 193 26.37 -2.10 -10.85
C THR B 193 25.41 -2.36 -9.70
N ALA B 194 25.76 -1.84 -8.53
CA ALA B 194 24.85 -1.88 -7.39
C ALA B 194 23.56 -1.12 -7.70
N LEU B 195 23.63 -0.16 -8.63
CA LEU B 195 22.43 0.56 -9.05
C LEU B 195 21.44 -0.38 -9.73
N HIS B 196 21.93 -1.27 -10.60
CA HIS B 196 21.05 -2.25 -11.22
C HIS B 196 20.37 -3.14 -10.18
N PHE B 197 21.15 -3.61 -9.20
CA PHE B 197 20.59 -4.49 -8.18
C PHE B 197 19.55 -3.77 -7.34
N ALA B 198 19.82 -2.51 -6.96
CA ALA B 198 18.82 -1.74 -6.24
C ALA B 198 17.60 -1.45 -7.09
N ALA B 199 17.78 -1.34 -8.42
CA ALA B 199 16.65 -1.07 -9.30
C ALA B 199 15.76 -2.29 -9.44
N GLU B 200 16.34 -3.49 -9.48
CA GLU B 200 15.52 -4.69 -9.53
C GLU B 200 14.60 -4.78 -8.32
N ALA B 201 15.16 -4.67 -7.13
CA ALA B 201 14.35 -4.61 -5.93
C ALA B 201 13.66 -3.25 -5.84
N GLY B 202 12.81 -3.10 -4.82
CA GLY B 202 12.09 -1.87 -4.60
C GLY B 202 12.81 -0.87 -3.71
N HIS B 203 14.07 -1.11 -3.38
CA HIS B 203 14.80 -0.27 -2.45
C HIS B 203 15.09 1.11 -3.05
N ILE B 204 14.22 2.08 -2.75
CA ILE B 204 14.34 3.40 -3.37
C ILE B 204 15.34 4.27 -2.63
N ASP B 205 15.47 4.11 -1.32
CA ASP B 205 16.46 4.89 -0.57
C ASP B 205 17.87 4.53 -1.00
N ILE B 206 18.11 3.25 -1.31
CA ILE B 206 19.40 2.83 -1.85
C ILE B 206 19.70 3.56 -3.15
N VAL B 207 18.69 3.64 -4.02
CA VAL B 207 18.86 4.31 -5.31
C VAL B 207 19.16 5.79 -5.10
N LYS B 208 18.45 6.44 -4.17
CA LYS B 208 18.70 7.85 -3.91
C LYS B 208 20.10 8.08 -3.36
N GLU B 209 20.55 7.21 -2.45
CA GLU B 209 21.90 7.35 -1.92
C GLU B 209 22.96 7.12 -2.99
N LEU B 210 22.72 6.16 -3.90
CA LEU B 210 23.67 5.93 -4.99
C LEU B 210 23.72 7.13 -5.93
N ILE B 211 22.57 7.71 -6.25
CA ILE B 211 22.53 8.92 -7.07
C ILE B 211 23.28 10.05 -6.36
N LYS B 212 23.13 10.13 -5.04
CA LYS B 212 23.78 11.19 -4.28
C LYS B 212 25.29 11.11 -4.37
N TRP B 213 25.84 9.89 -4.36
CA TRP B 213 27.27 9.67 -4.50
C TRP B 213 27.71 9.56 -5.96
N ARG B 214 26.91 10.10 -6.88
CA ARG B 214 27.30 10.24 -8.29
C ARG B 214 27.55 8.88 -8.94
N ALA B 215 26.59 7.98 -8.77
CA ALA B 215 26.62 6.72 -9.51
C ALA B 215 26.31 6.97 -10.98
N ALA B 216 26.83 6.11 -11.84
CA ALA B 216 26.68 6.23 -13.27
C ALA B 216 25.69 5.20 -13.79
N ILE B 217 24.81 5.63 -14.70
CA ILE B 217 23.84 4.74 -15.31
C ILE B 217 24.48 4.00 -16.47
N VAL B 218 25.06 2.83 -16.18
CA VAL B 218 25.79 2.05 -17.17
C VAL B 218 24.86 0.96 -17.72
N VAL B 219 25.12 0.55 -18.95
CA VAL B 219 24.41 -0.57 -19.57
C VAL B 219 25.21 -1.83 -19.33
N ASN B 220 24.59 -2.81 -18.66
CA ASN B 220 25.29 -4.05 -18.35
C ASN B 220 25.41 -4.91 -19.61
N GLY B 221 26.00 -6.10 -19.44
CA GLY B 221 26.16 -6.99 -20.57
C GLY B 221 24.85 -7.46 -21.16
N HIS B 222 23.79 -7.51 -20.34
CA HIS B 222 22.47 -7.88 -20.82
C HIS B 222 21.78 -6.76 -21.59
N GLY B 223 22.46 -5.65 -21.82
CA GLY B 223 21.89 -4.54 -22.56
C GLY B 223 20.74 -3.87 -21.84
N MET B 224 20.91 -3.54 -20.56
CA MET B 224 19.85 -2.97 -19.75
C MET B 224 20.41 -1.87 -18.86
N THR B 225 19.83 -0.68 -18.95
CA THR B 225 20.06 0.36 -17.97
C THR B 225 19.34 0.01 -16.67
N PRO B 226 19.73 0.62 -15.55
CA PRO B 226 18.94 0.44 -14.32
C PRO B 226 17.50 0.88 -14.46
N LEU B 227 17.22 1.83 -15.36
CA LEU B 227 15.84 2.21 -15.63
C LEU B 227 15.08 1.06 -16.31
N LYS B 228 15.72 0.38 -17.25
CA LYS B 228 15.10 -0.79 -17.88
C LYS B 228 14.90 -1.90 -16.85
N VAL B 229 15.84 -2.04 -15.91
CA VAL B 229 15.70 -3.04 -14.86
C VAL B 229 14.50 -2.72 -13.98
N ALA B 230 14.34 -1.45 -13.63
CA ALA B 230 13.22 -1.04 -12.78
C ALA B 230 11.88 -1.23 -13.50
N ALA B 231 11.83 -0.87 -14.79
CA ALA B 231 10.60 -1.04 -15.54
C ALA B 231 10.25 -2.51 -15.73
N GLU B 232 11.25 -3.34 -16.03
CA GLU B 232 11.01 -4.76 -16.23
C GLU B 232 10.50 -5.44 -14.96
N SER B 233 10.87 -4.93 -13.80
CA SER B 233 10.52 -5.54 -12.52
C SER B 233 9.31 -4.89 -11.86
N CYS B 234 8.60 -4.01 -12.57
CA CYS B 234 7.36 -3.40 -12.09
C CYS B 234 7.59 -2.56 -10.84
N LYS B 235 8.71 -1.83 -10.80
CA LYS B 235 9.03 -0.95 -9.68
C LYS B 235 8.86 0.48 -10.16
N ALA B 236 7.61 0.96 -10.12
CA ALA B 236 7.26 2.22 -10.76
C ALA B 236 7.91 3.42 -10.07
N ASP B 237 8.02 3.36 -8.73
CA ASP B 237 8.67 4.45 -8.01
C ASP B 237 10.10 4.66 -8.50
N VAL B 238 10.85 3.56 -8.60
CA VAL B 238 12.21 3.64 -9.12
C VAL B 238 12.21 4.15 -10.55
N VAL B 239 11.20 3.78 -11.34
CA VAL B 239 11.12 4.23 -12.72
C VAL B 239 10.99 5.75 -12.79
N GLU B 240 10.07 6.30 -11.98
N GLU B 240 10.07 6.30 -11.98
CA GLU B 240 9.90 7.76 -11.95
CA GLU B 240 9.90 7.75 -11.94
C GLU B 240 11.19 8.45 -11.49
C GLU B 240 11.18 8.45 -11.48
N LEU B 241 11.79 7.94 -10.41
CA LEU B 241 12.99 8.58 -9.86
C LEU B 241 14.13 8.57 -10.86
N LEU B 242 14.38 7.42 -11.49
CA LEU B 242 15.46 7.34 -12.47
C LEU B 242 15.13 8.10 -13.75
N LEU B 243 13.84 8.22 -14.08
CA LEU B 243 13.44 9.02 -15.24
C LEU B 243 13.76 10.49 -15.02
N SER B 244 13.49 11.01 -13.83
CA SER B 244 13.81 12.41 -13.58
C SER B 244 15.33 12.60 -13.44
N HIS B 245 16.01 11.68 -12.77
CA HIS B 245 17.42 11.84 -12.42
C HIS B 245 18.38 11.31 -13.49
N ALA B 246 18.14 11.58 -14.78
CA ALA B 246 19.04 11.02 -15.79
C ALA B 246 19.01 11.78 -17.11
N ASP B 247 18.06 12.69 -17.29
CA ASP B 247 17.84 13.37 -18.56
C ASP B 247 17.62 12.36 -19.69
N CYS B 248 16.73 11.41 -19.44
CA CYS B 248 16.48 10.35 -20.41
C CYS B 248 15.95 10.94 -21.71
N ASP B 249 16.52 10.49 -22.82
CA ASP B 249 16.00 10.85 -24.14
C ASP B 249 14.53 10.45 -24.25
N ARG B 250 13.80 11.12 -25.14
CA ARG B 250 12.39 10.80 -25.33
C ARG B 250 12.20 9.33 -25.67
N ARG B 251 13.08 8.78 -26.52
CA ARG B 251 12.97 7.37 -26.89
C ARG B 251 13.20 6.46 -25.70
N SER B 252 14.23 6.75 -24.88
CA SER B 252 14.46 5.95 -23.69
C SER B 252 13.32 6.12 -22.68
N ARG B 253 12.76 7.32 -22.60
CA ARG B 253 11.63 7.55 -21.70
C ARG B 253 10.43 6.69 -22.09
N ILE B 254 10.05 6.72 -23.37
CA ILE B 254 8.90 5.92 -23.80
C ILE B 254 9.24 4.43 -23.75
N GLU B 255 10.51 4.07 -23.93
CA GLU B 255 10.91 2.67 -23.76
C GLU B 255 10.65 2.19 -22.34
N ALA B 256 11.09 2.99 -21.36
CA ALA B 256 10.86 2.64 -19.96
C ALA B 256 9.38 2.58 -19.65
N LEU B 257 8.61 3.55 -20.17
CA LEU B 257 7.18 3.56 -19.90
C LEU B 257 6.49 2.33 -20.48
N GLU B 258 6.80 1.99 -21.73
CA GLU B 258 6.18 0.83 -22.36
C GLU B 258 6.60 -0.47 -21.67
N LEU B 259 7.87 -0.59 -21.27
CA LEU B 259 8.30 -1.80 -20.58
C LEU B 259 7.62 -1.93 -19.23
N LEU B 260 7.55 -0.84 -18.46
CA LEU B 260 6.88 -0.87 -17.17
C LEU B 260 5.40 -1.26 -17.33
N GLY B 261 4.73 -0.66 -18.32
CA GLY B 261 3.35 -1.03 -18.57
C GLY B 261 3.19 -2.49 -18.93
N ALA B 262 3.92 -2.94 -19.94
CA ALA B 262 3.81 -4.33 -20.40
C ALA B 262 4.12 -5.32 -19.29
N SER B 263 5.04 -4.98 -18.38
CA SER B 263 5.39 -5.91 -17.32
C SER B 263 4.26 -6.06 -16.30
N PHE B 264 3.40 -5.06 -16.15
CA PHE B 264 2.29 -5.15 -15.23
C PHE B 264 1.19 -6.09 -15.70
N ALA B 265 1.22 -6.50 -16.96
CA ALA B 265 0.13 -7.30 -17.54
C ALA B 265 0.27 -8.79 -17.28
N ASN B 266 1.48 -9.28 -16.99
CA ASN B 266 1.65 -10.71 -16.79
C ASN B 266 2.58 -11.03 -15.62
N ASP B 267 2.73 -10.12 -14.66
CA ASP B 267 3.47 -10.37 -13.44
C ASP B 267 2.49 -10.89 -12.39
N ARG B 268 2.76 -12.07 -11.85
CA ARG B 268 1.85 -12.66 -10.87
C ARG B 268 1.71 -11.79 -9.64
N GLU B 269 2.83 -11.27 -9.12
CA GLU B 269 2.81 -10.53 -7.88
C GLU B 269 2.32 -9.10 -8.07
N ASN B 270 2.66 -8.47 -9.19
CA ASN B 270 2.35 -7.06 -9.42
C ASN B 270 1.33 -6.85 -10.53
N TYR B 271 0.45 -7.83 -10.78
CA TYR B 271 -0.52 -7.70 -11.86
C TYR B 271 -1.42 -6.50 -11.65
N ASP B 272 -1.55 -5.68 -12.68
CA ASP B 272 -2.44 -4.51 -12.64
C ASP B 272 -2.74 -4.11 -14.08
N ILE B 273 -3.97 -4.37 -14.54
CA ILE B 273 -4.31 -4.09 -15.93
C ILE B 273 -4.50 -2.59 -16.14
N MET B 274 -5.01 -1.88 -15.14
CA MET B 274 -5.20 -0.44 -15.28
C MET B 274 -3.86 0.28 -15.44
N LYS B 275 -2.86 -0.10 -14.63
CA LYS B 275 -1.54 0.51 -14.77
C LYS B 275 -0.90 0.15 -16.10
N THR B 276 -1.09 -1.08 -16.57
CA THR B 276 -0.49 -1.47 -17.84
C THR B 276 -1.07 -0.62 -18.98
N TYR B 277 -2.39 -0.43 -19.01
CA TYR B 277 -2.95 0.39 -20.06
C TYR B 277 -2.57 1.85 -19.88
N HIS B 278 -2.47 2.31 -18.63
CA HIS B 278 -2.12 3.71 -18.38
C HIS B 278 -0.73 4.03 -18.91
N TYR B 279 0.25 3.17 -18.62
CA TYR B 279 1.61 3.44 -19.07
C TYR B 279 1.74 3.27 -20.58
N LEU B 280 1.11 2.23 -21.15
CA LEU B 280 1.11 2.11 -22.61
C LEU B 280 0.51 3.36 -23.26
N TYR B 281 -0.58 3.89 -22.69
CA TYR B 281 -1.26 5.05 -23.25
C TYR B 281 -0.40 6.30 -23.13
N LEU B 282 0.25 6.49 -21.98
CA LEU B 282 1.14 7.64 -21.81
C LEU B 282 2.28 7.60 -22.82
N ALA B 283 2.90 6.43 -23.00
CA ALA B 283 4.01 6.33 -23.95
C ALA B 283 3.53 6.57 -25.38
N MET B 284 2.34 6.07 -25.72
CA MET B 284 1.79 6.33 -27.06
C MET B 284 1.56 7.82 -27.28
N LEU B 285 0.94 8.47 -26.30
CA LEU B 285 0.70 9.92 -26.41
C LEU B 285 2.02 10.67 -26.60
N GLU B 286 3.05 10.33 -25.82
CA GLU B 286 4.32 11.03 -25.96
C GLU B 286 4.97 10.74 -27.30
N ARG B 287 4.76 9.53 -27.84
CA ARG B 287 5.20 9.25 -29.20
C ARG B 287 4.51 10.18 -30.19
N PHE B 288 3.23 10.46 -29.97
CA PHE B 288 2.45 11.29 -30.89
C PHE B 288 2.25 12.71 -30.38
N GLN B 289 3.12 13.21 -29.49
CA GLN B 289 2.94 14.55 -28.96
C GLN B 289 3.15 15.61 -30.04
N ASP B 290 3.95 15.30 -31.06
CA ASP B 290 4.24 16.23 -32.14
C ASP B 290 3.86 15.55 -33.45
N GLY B 291 2.77 16.02 -34.08
CA GLY B 291 2.32 15.44 -35.34
C GLY B 291 3.31 15.57 -36.47
N ASP B 292 4.28 16.48 -36.35
CA ASP B 292 5.31 16.66 -37.37
C ASP B 292 6.58 15.89 -37.06
N ASN B 293 6.70 15.29 -35.88
CA ASN B 293 7.87 14.50 -35.51
C ASN B 293 7.39 13.27 -34.71
N ILE B 294 6.60 12.42 -35.39
CA ILE B 294 6.06 11.24 -34.74
C ILE B 294 7.17 10.21 -34.57
N LEU B 295 7.36 9.74 -33.35
CA LEU B 295 8.33 8.68 -33.07
C LEU B 295 7.64 7.34 -33.31
N GLU B 296 7.76 6.86 -34.55
CA GLU B 296 7.18 5.57 -34.91
C GLU B 296 7.86 4.44 -34.15
N LYS B 297 7.12 3.35 -33.98
CA LYS B 297 7.62 2.15 -33.32
C LYS B 297 7.75 1.05 -34.37
N GLU B 298 8.95 0.50 -34.49
CA GLU B 298 9.20 -0.62 -35.38
C GLU B 298 8.68 -1.89 -34.69
N VAL B 299 7.42 -2.21 -34.96
CA VAL B 299 6.77 -3.35 -34.32
C VAL B 299 7.31 -4.65 -34.90
N LEU B 300 7.28 -5.69 -34.08
CA LEU B 300 7.69 -7.01 -34.52
C LEU B 300 6.64 -7.58 -35.47
N PRO B 301 7.02 -8.56 -36.29
CA PRO B 301 6.03 -9.29 -37.09
C PRO B 301 5.02 -9.97 -36.19
N PRO B 302 3.85 -10.33 -36.72
CA PRO B 302 2.85 -11.02 -35.89
C PRO B 302 3.39 -12.35 -35.37
N ILE B 303 3.18 -12.59 -34.09
CA ILE B 303 3.60 -13.82 -33.43
C ILE B 303 2.37 -14.71 -33.28
N HIS B 304 2.44 -15.92 -33.86
CA HIS B 304 1.30 -16.82 -33.85
C HIS B 304 0.86 -17.16 -32.44
N ALA B 305 1.81 -17.41 -31.54
CA ALA B 305 1.47 -17.80 -30.18
C ALA B 305 0.70 -16.70 -29.46
N TYR B 306 0.97 -15.44 -29.79
CA TYR B 306 0.23 -14.31 -29.25
C TYR B 306 -1.02 -13.99 -30.08
N GLY B 307 -1.58 -14.98 -30.76
CA GLY B 307 -2.78 -14.77 -31.55
C GLY B 307 -2.55 -14.03 -32.85
N ASN B 308 -1.34 -14.08 -33.40
CA ASN B 308 -0.98 -13.38 -34.63
C ASN B 308 -1.25 -11.89 -34.55
N ARG B 309 -1.26 -11.32 -33.35
CA ARG B 309 -1.56 -9.91 -33.16
C ARG B 309 -0.29 -9.08 -33.32
N THR B 310 -0.43 -7.94 -33.99
CA THR B 310 0.65 -6.97 -34.12
C THR B 310 0.46 -5.89 -33.06
N GLU B 311 1.57 -5.42 -32.52
CA GLU B 311 1.53 -4.39 -31.49
C GLU B 311 0.81 -3.14 -32.00
N CYS B 312 0.10 -2.48 -31.11
CA CYS B 312 -0.59 -1.24 -31.46
C CYS B 312 0.42 -0.18 -31.88
N ARG B 313 0.16 0.46 -33.02
CA ARG B 313 1.09 1.42 -33.60
C ARG B 313 0.68 2.87 -33.46
N ASN B 314 -0.55 3.14 -33.02
CA ASN B 314 -1.03 4.51 -32.89
C ASN B 314 -2.07 4.54 -31.78
N PRO B 315 -2.43 5.74 -31.29
CA PRO B 315 -3.40 5.82 -30.19
C PRO B 315 -4.73 5.15 -30.48
N GLN B 316 -5.16 5.11 -31.75
CA GLN B 316 -6.44 4.49 -32.08
C GLN B 316 -6.40 2.98 -31.84
N GLU B 317 -5.33 2.32 -32.28
CA GLU B 317 -5.21 0.89 -32.04
C GLU B 317 -5.11 0.57 -30.56
N LEU B 318 -4.55 1.48 -29.76
CA LEU B 318 -4.46 1.25 -28.33
C LEU B 318 -5.80 1.43 -27.64
N GLU B 319 -6.56 2.45 -28.06
CA GLU B 319 -7.92 2.63 -27.54
C GLU B 319 -8.82 1.47 -27.93
N ALA B 320 -8.57 0.87 -29.10
CA ALA B 320 -9.41 -0.23 -29.57
C ALA B 320 -9.40 -1.42 -28.61
N ILE B 321 -8.28 -1.66 -27.92
CA ILE B 321 -8.14 -2.79 -27.02
C ILE B 321 -8.13 -2.34 -25.55
N ARG B 322 -8.56 -1.11 -25.27
CA ARG B 322 -8.50 -0.60 -23.91
C ARG B 322 -9.28 -1.49 -22.94
N GLN B 323 -10.43 -1.99 -23.36
CA GLN B 323 -11.26 -2.82 -22.50
C GLN B 323 -11.07 -4.31 -22.72
N ASP B 324 -10.25 -4.71 -23.70
CA ASP B 324 -10.01 -6.12 -23.99
C ASP B 324 -8.85 -6.61 -23.14
N ARG B 325 -9.17 -7.40 -22.11
CA ARG B 325 -8.16 -7.84 -21.15
C ARG B 325 -7.19 -8.82 -21.81
N ASP B 326 -7.69 -9.77 -22.60
CA ASP B 326 -6.82 -10.71 -23.30
C ASP B 326 -5.88 -9.99 -24.25
N ALA B 327 -6.41 -9.02 -25.00
CA ALA B 327 -5.57 -8.25 -25.91
C ALA B 327 -4.50 -7.50 -25.14
N LEU B 328 -4.79 -7.05 -23.93
CA LEU B 328 -3.77 -6.34 -23.14
C LEU B 328 -2.70 -7.29 -22.61
N HIS B 329 -3.10 -8.50 -22.20
CA HIS B 329 -2.11 -9.51 -21.84
C HIS B 329 -1.16 -9.77 -23.01
N MET B 330 -1.74 -10.03 -24.19
CA MET B 330 -0.93 -10.30 -25.38
C MET B 330 -0.07 -9.10 -25.75
N GLU B 331 -0.60 -7.88 -25.57
CA GLU B 331 0.16 -6.67 -25.87
C GLU B 331 1.36 -6.52 -24.94
N GLY B 332 1.16 -6.83 -23.65
CA GLY B 332 2.29 -6.82 -22.73
C GLY B 332 3.36 -7.81 -23.13
N LEU B 333 2.95 -9.03 -23.51
CA LEU B 333 3.93 -10.00 -23.99
C LEU B 333 4.66 -9.49 -25.23
N ILE B 334 3.92 -8.88 -26.16
CA ILE B 334 4.51 -8.37 -27.39
C ILE B 334 5.55 -7.32 -27.10
N VAL B 335 5.21 -6.36 -26.23
CA VAL B 335 6.12 -5.26 -25.94
C VAL B 335 7.34 -5.78 -25.19
N ARG B 336 7.16 -6.75 -24.29
CA ARG B 336 8.30 -7.34 -23.60
C ARG B 336 9.25 -7.99 -24.61
N GLU B 337 8.71 -8.78 -25.54
CA GLU B 337 9.56 -9.43 -26.52
C GLU B 337 10.22 -8.42 -27.45
N ARG B 338 9.54 -7.31 -27.76
CA ARG B 338 10.12 -6.32 -28.67
C ARG B 338 11.26 -5.56 -28.01
N ILE B 339 11.09 -5.18 -26.73
CA ILE B 339 12.10 -4.36 -26.08
C ILE B 339 13.27 -5.21 -25.57
N LEU B 340 12.98 -6.43 -25.08
CA LEU B 340 14.00 -7.23 -24.42
C LEU B 340 14.53 -8.38 -25.25
N GLY B 341 13.71 -8.95 -26.15
CA GLY B 341 14.08 -10.19 -26.81
C GLY B 341 15.37 -10.11 -27.60
N ALA B 342 15.71 -8.93 -28.11
CA ALA B 342 16.94 -8.78 -28.89
C ALA B 342 18.17 -9.08 -28.03
N ASP B 343 18.19 -8.55 -26.82
CA ASP B 343 19.31 -8.82 -25.92
C ASP B 343 19.20 -10.24 -25.35
N ASN B 344 20.30 -10.70 -24.75
CA ASN B 344 20.36 -12.06 -24.19
C ASN B 344 19.78 -12.04 -22.79
N ILE B 345 18.45 -12.15 -22.73
CA ILE B 345 17.70 -12.11 -21.46
C ILE B 345 16.64 -13.20 -21.50
N ASP B 346 16.43 -13.86 -20.37
CA ASP B 346 15.36 -14.86 -20.26
C ASP B 346 14.05 -14.12 -20.05
N VAL B 347 13.29 -13.95 -21.12
CA VAL B 347 12.04 -13.20 -21.10
C VAL B 347 10.83 -14.13 -20.99
N SER B 348 11.05 -15.39 -20.61
CA SER B 348 10.04 -16.43 -20.74
C SER B 348 9.07 -16.53 -19.56
N HIS B 349 9.42 -15.99 -18.39
CA HIS B 349 8.61 -16.23 -17.20
C HIS B 349 7.17 -15.70 -17.32
N PRO B 350 6.93 -14.45 -17.75
CA PRO B 350 5.53 -14.01 -17.87
C PRO B 350 4.74 -14.80 -18.90
N ILE B 351 5.39 -15.28 -19.96
CA ILE B 351 4.72 -16.13 -20.94
C ILE B 351 4.24 -17.41 -20.27
N ILE B 352 5.09 -18.01 -19.44
CA ILE B 352 4.72 -19.24 -18.74
C ILE B 352 3.58 -18.97 -17.77
N TYR B 353 3.60 -17.80 -17.10
CA TYR B 353 2.52 -17.48 -16.18
C TYR B 353 1.19 -17.32 -16.93
N ARG B 354 1.20 -16.63 -18.06
CA ARG B 354 -0.03 -16.45 -18.83
C ARG B 354 -0.54 -17.79 -19.36
N GLY B 355 0.36 -18.65 -19.82
CA GLY B 355 -0.04 -19.99 -20.21
C GLY B 355 -0.65 -20.76 -19.05
N ALA B 356 -0.06 -20.60 -17.85
CA ALA B 356 -0.58 -21.30 -16.68
C ALA B 356 -2.00 -20.84 -16.34
N VAL B 357 -2.27 -19.53 -16.43
CA VAL B 357 -3.62 -19.06 -16.11
C VAL B 357 -4.60 -19.50 -17.20
N TYR B 358 -4.17 -19.52 -18.46
CA TYR B 358 -5.05 -20.01 -19.52
C TYR B 358 -5.35 -21.50 -19.36
N ALA B 359 -4.39 -22.26 -18.84
CA ALA B 359 -4.65 -23.66 -18.54
C ALA B 359 -5.57 -23.81 -17.33
N ASP B 360 -5.41 -22.93 -16.33
CA ASP B 360 -6.32 -22.94 -15.19
C ASP B 360 -7.75 -22.67 -15.62
N ASN B 361 -7.95 -21.82 -16.63
CA ASN B 361 -9.27 -21.60 -17.18
C ASN B 361 -9.64 -22.63 -18.26
N MET B 362 -8.91 -23.74 -18.32
CA MET B 362 -9.22 -24.86 -19.22
C MET B 362 -9.12 -24.46 -20.69
N GLU B 363 -8.32 -23.45 -21.00
CA GLU B 363 -8.02 -23.07 -22.39
C GLU B 363 -6.64 -23.59 -22.74
N PHE B 364 -6.58 -24.92 -22.94
CA PHE B 364 -5.29 -25.62 -23.00
C PHE B 364 -4.52 -25.27 -24.27
N GLU B 365 -5.23 -25.06 -25.39
CA GLU B 365 -4.54 -24.80 -26.65
C GLU B 365 -3.72 -23.52 -26.58
N GLN B 366 -4.28 -22.47 -25.99
CA GLN B 366 -3.55 -21.21 -25.85
C GLN B 366 -2.33 -21.37 -24.94
N CYS B 367 -2.50 -22.09 -23.84
CA CYS B 367 -1.38 -22.39 -22.95
C CYS B 367 -0.26 -23.11 -23.69
N ILE B 368 -0.62 -24.09 -24.51
CA ILE B 368 0.38 -24.86 -25.26
C ILE B 368 1.08 -23.97 -26.26
N LYS B 369 0.33 -23.09 -26.95
CA LYS B 369 0.96 -22.16 -27.90
C LYS B 369 1.96 -21.26 -27.19
N LEU B 370 1.57 -20.68 -26.04
CA LEU B 370 2.45 -19.78 -25.31
C LEU B 370 3.70 -20.51 -24.82
N TRP B 371 3.53 -21.73 -24.31
CA TRP B 371 4.69 -22.47 -23.80
C TRP B 371 5.62 -22.90 -24.92
N LEU B 372 5.06 -23.30 -26.07
CA LEU B 372 5.86 -23.59 -27.24
C LEU B 372 6.70 -22.37 -27.63
N HIS B 373 6.08 -21.19 -27.63
CA HIS B 373 6.81 -19.98 -27.99
C HIS B 373 7.92 -19.67 -26.99
N ALA B 374 7.63 -19.83 -25.69
CA ALA B 374 8.64 -19.55 -24.68
C ALA B 374 9.83 -20.50 -24.81
N LEU B 375 9.57 -21.79 -25.03
CA LEU B 375 10.66 -22.75 -25.20
C LEU B 375 11.43 -22.47 -26.49
N HIS B 376 10.75 -22.01 -27.53
CA HIS B 376 11.45 -21.61 -28.76
C HIS B 376 12.35 -20.42 -28.49
N LEU B 377 11.90 -19.49 -27.63
CA LEU B 377 12.74 -18.37 -27.27
C LEU B 377 13.93 -18.81 -26.43
N ARG B 378 13.78 -19.86 -25.63
CA ARG B 378 14.92 -20.38 -24.88
C ARG B 378 16.10 -20.72 -25.78
N GLN B 379 15.84 -21.17 -27.01
CA GLN B 379 16.90 -21.55 -27.94
C GLN B 379 17.67 -20.34 -28.43
N SER C 4 -36.51 43.34 -20.92
CA SER C 4 -36.83 43.09 -19.52
C SER C 4 -35.60 43.29 -18.64
N MET C 5 -35.73 44.13 -17.61
CA MET C 5 -34.60 44.40 -16.72
C MET C 5 -34.17 43.13 -15.99
N GLU C 6 -35.11 42.22 -15.70
CA GLU C 6 -34.74 40.90 -15.20
C GLU C 6 -33.85 40.18 -16.20
N GLY C 7 -34.08 40.38 -17.49
CA GLY C 7 -33.18 39.82 -18.48
C GLY C 7 -31.80 40.44 -18.44
N LEU C 8 -31.73 41.75 -18.19
CA LEU C 8 -30.44 42.40 -17.99
C LEU C 8 -29.71 41.79 -16.81
N ALA C 9 -30.43 41.53 -15.72
CA ALA C 9 -29.82 40.90 -14.56
C ALA C 9 -29.34 39.48 -14.90
N GLY C 10 -30.14 38.73 -15.64
CA GLY C 10 -29.73 37.40 -16.05
C GLY C 10 -28.46 37.44 -16.89
N TYR C 11 -28.36 38.39 -17.81
CA TYR C 11 -27.19 38.47 -18.67
C TYR C 11 -25.94 38.90 -17.89
N VAL C 12 -26.09 39.86 -16.97
CA VAL C 12 -24.91 40.27 -16.20
C VAL C 12 -24.46 39.15 -15.27
N TYR C 13 -25.41 38.38 -14.72
CA TYR C 13 -25.04 37.25 -13.90
C TYR C 13 -24.35 36.17 -14.72
N LYS C 14 -24.87 35.89 -15.92
CA LYS C 14 -24.24 34.92 -16.81
C LYS C 14 -22.81 35.35 -17.15
N ALA C 15 -22.62 36.63 -17.45
CA ALA C 15 -21.30 37.12 -17.79
C ALA C 15 -20.33 37.01 -16.62
N ALA C 16 -20.79 37.40 -15.43
CA ALA C 16 -19.91 37.33 -14.26
C ALA C 16 -19.59 35.88 -13.88
N SER C 17 -20.53 34.96 -14.08
CA SER C 17 -20.31 33.57 -13.72
C SER C 17 -19.41 32.83 -14.70
N GLU C 18 -19.25 33.35 -15.92
CA GLU C 18 -18.47 32.69 -16.95
C GLU C 18 -17.15 33.41 -17.26
N GLY C 19 -16.82 34.45 -16.49
CA GLY C 19 -15.55 35.12 -16.64
C GLY C 19 -15.51 36.24 -17.65
N LYS C 20 -16.57 36.42 -18.44
CA LYS C 20 -16.59 37.44 -19.48
C LYS C 20 -16.62 38.84 -18.88
N VAL C 21 -15.44 39.37 -18.54
CA VAL C 21 -15.37 40.72 -17.98
C VAL C 21 -15.71 41.76 -19.03
N LEU C 22 -15.37 41.49 -20.30
CA LEU C 22 -15.64 42.46 -21.36
C LEU C 22 -17.13 42.67 -21.55
N THR C 23 -17.88 41.57 -21.73
CA THR C 23 -19.32 41.68 -21.90
C THR C 23 -20.00 42.19 -20.64
N LEU C 24 -19.47 41.85 -19.46
CA LEU C 24 -20.04 42.37 -18.22
C LEU C 24 -19.90 43.89 -18.15
N ALA C 25 -18.70 44.41 -18.40
CA ALA C 25 -18.51 45.86 -18.42
C ALA C 25 -19.31 46.51 -19.53
N ALA C 26 -19.52 45.80 -20.65
CA ALA C 26 -20.36 46.34 -21.72
C ALA C 26 -21.79 46.51 -21.26
N LEU C 27 -22.36 45.48 -20.62
CA LEU C 27 -23.71 45.59 -20.10
C LEU C 27 -23.82 46.62 -18.99
N LEU C 28 -22.75 46.80 -18.20
CA LEU C 28 -22.73 47.76 -17.11
C LEU C 28 -22.13 49.10 -17.52
N LEU C 29 -22.18 49.45 -18.81
CA LEU C 29 -21.50 50.63 -19.31
C LEU C 29 -22.06 51.91 -18.71
N ASN C 30 -23.23 52.34 -19.17
CA ASN C 30 -23.86 53.57 -18.70
C ASN C 30 -25.29 53.26 -18.25
N ARG C 31 -25.42 52.91 -16.97
CA ARG C 31 -26.73 52.77 -16.35
C ARG C 31 -26.89 53.82 -15.26
N SER C 32 -27.87 53.65 -14.39
CA SER C 32 -28.05 54.51 -13.23
C SER C 32 -27.64 53.76 -11.97
N GLU C 33 -27.23 54.51 -10.94
CA GLU C 33 -26.84 53.89 -9.68
C GLU C 33 -27.95 53.02 -9.13
N SER C 34 -29.22 53.39 -9.36
CA SER C 34 -30.33 52.51 -9.05
C SER C 34 -30.25 51.22 -9.85
N ASP C 35 -30.10 51.34 -11.17
CA ASP C 35 -30.00 50.15 -12.01
C ASP C 35 -28.74 49.36 -11.70
N ILE C 36 -27.64 50.06 -11.39
CA ILE C 36 -26.40 49.37 -11.02
C ILE C 36 -26.62 48.54 -9.77
N ARG C 37 -27.16 49.16 -8.71
CA ARG C 37 -27.35 48.45 -7.46
C ARG C 37 -28.38 47.34 -7.59
N TYR C 38 -29.34 47.46 -8.51
CA TYR C 38 -30.25 46.35 -8.75
C TYR C 38 -29.52 45.19 -9.44
N LEU C 39 -28.86 45.47 -10.57
CA LEU C 39 -28.21 44.41 -11.33
C LEU C 39 -27.07 43.75 -10.57
N LEU C 40 -26.45 44.44 -9.62
CA LEU C 40 -25.38 43.86 -8.83
C LEU C 40 -25.85 43.32 -7.48
N GLY C 41 -27.11 43.51 -7.12
CA GLY C 41 -27.72 42.88 -5.98
C GLY C 41 -28.67 41.76 -6.34
N TYR C 42 -28.71 41.36 -7.61
CA TYR C 42 -29.66 40.36 -8.09
C TYR C 42 -29.24 38.97 -7.62
N VAL C 43 -30.14 38.31 -6.90
CA VAL C 43 -29.93 36.93 -6.50
C VAL C 43 -30.11 36.02 -7.72
N SER C 44 -29.34 34.94 -7.77
CA SER C 44 -29.28 34.09 -8.96
C SER C 44 -30.46 33.12 -9.03
N GLN C 45 -30.65 32.31 -7.99
CA GLN C 45 -31.62 31.22 -7.90
C GLN C 45 -31.27 30.02 -8.78
N GLN C 46 -30.03 29.94 -9.26
CA GLN C 46 -29.63 28.87 -10.17
C GLN C 46 -29.07 27.68 -9.40
N GLY C 47 -29.64 26.51 -9.62
CA GLY C 47 -29.13 25.27 -9.04
C GLY C 47 -29.13 25.26 -7.53
N GLY C 48 -30.19 25.77 -6.91
CA GLY C 48 -30.24 25.80 -5.45
C GLY C 48 -29.17 26.67 -4.82
N GLN C 49 -28.70 27.68 -5.54
CA GLN C 49 -27.65 28.57 -5.05
C GLN C 49 -28.08 30.01 -5.27
N ARG C 50 -28.16 30.78 -4.19
CA ARG C 50 -28.43 32.21 -4.26
C ARG C 50 -27.10 32.94 -4.34
N SER C 51 -26.76 33.46 -5.51
CA SER C 51 -25.46 34.08 -5.74
C SER C 51 -25.62 35.41 -6.44
N THR C 52 -25.16 36.49 -5.79
CA THR C 52 -24.98 37.76 -6.47
C THR C 52 -23.75 37.68 -7.36
N PRO C 53 -23.73 38.44 -8.47
CA PRO C 53 -22.60 38.33 -9.42
C PRO C 53 -21.22 38.33 -8.78
N LEU C 54 -21.02 39.14 -7.73
CA LEU C 54 -19.72 39.18 -7.07
C LEU C 54 -19.35 37.82 -6.47
N ILE C 55 -20.28 37.19 -5.75
CA ILE C 55 -19.92 35.95 -5.07
C ILE C 55 -19.86 34.78 -6.04
N ILE C 56 -20.65 34.80 -7.12
CA ILE C 56 -20.50 33.74 -8.12
C ILE C 56 -19.17 33.89 -8.86
N ALA C 57 -18.71 35.13 -9.07
CA ALA C 57 -17.40 35.31 -9.69
C ALA C 57 -16.29 34.87 -8.77
N ALA C 58 -16.38 35.22 -7.48
CA ALA C 58 -15.37 34.80 -6.51
C ALA C 58 -15.39 33.29 -6.32
N ARG C 59 -16.55 32.65 -6.48
CA ARG C 59 -16.64 31.20 -6.38
C ARG C 59 -16.01 30.53 -7.60
N ASN C 60 -16.35 31.00 -8.79
CA ASN C 60 -15.81 30.44 -10.02
C ASN C 60 -14.40 30.91 -10.32
N GLY C 61 -13.81 31.73 -9.46
CA GLY C 61 -12.43 32.15 -9.64
C GLY C 61 -12.17 33.09 -10.78
N HIS C 62 -13.18 33.84 -11.22
CA HIS C 62 -13.00 34.81 -12.29
C HIS C 62 -12.51 36.11 -11.67
N ALA C 63 -11.19 36.27 -11.57
CA ALA C 63 -10.60 37.38 -10.82
C ALA C 63 -10.77 38.70 -11.54
N LYS C 64 -10.72 38.70 -12.87
CA LYS C 64 -10.90 39.95 -13.60
C LYS C 64 -12.27 40.55 -13.31
N VAL C 65 -13.29 39.70 -13.21
CA VAL C 65 -14.64 40.17 -12.93
C VAL C 65 -14.70 40.78 -11.53
N VAL C 66 -14.14 40.09 -10.53
CA VAL C 66 -14.23 40.63 -9.18
C VAL C 66 -13.43 41.93 -9.06
N ARG C 67 -12.34 42.06 -9.84
CA ARG C 67 -11.61 43.33 -9.84
C ARG C 67 -12.47 44.45 -10.43
N LEU C 68 -13.11 44.17 -11.58
CA LEU C 68 -14.02 45.15 -12.17
C LEU C 68 -15.08 45.59 -11.17
N LEU C 69 -15.72 44.63 -10.50
CA LEU C 69 -16.79 44.96 -9.56
C LEU C 69 -16.27 45.74 -8.37
N LEU C 70 -15.12 45.35 -7.82
CA LEU C 70 -14.61 46.01 -6.61
C LEU C 70 -14.13 47.43 -6.93
N GLU C 71 -13.56 47.65 -8.11
CA GLU C 71 -12.93 48.94 -8.36
C GLU C 71 -13.85 49.92 -9.09
N HIS C 72 -14.62 49.47 -10.08
CA HIS C 72 -15.41 50.40 -10.86
C HIS C 72 -16.83 50.58 -10.33
N TYR C 73 -17.42 49.54 -9.74
CA TYR C 73 -18.82 49.59 -9.32
C TYR C 73 -18.98 49.49 -7.82
N ARG C 74 -17.89 49.44 -7.06
CA ARG C 74 -17.88 49.60 -5.60
C ARG C 74 -18.93 48.71 -4.94
N VAL C 75 -18.83 47.42 -5.21
CA VAL C 75 -19.81 46.46 -4.71
C VAL C 75 -19.54 46.18 -3.23
N GLN C 76 -20.62 46.09 -2.46
CA GLN C 76 -20.49 45.79 -1.03
C GLN C 76 -19.80 44.45 -0.84
N THR C 77 -18.72 44.46 -0.06
CA THR C 77 -17.84 43.30 0.04
C THR C 77 -18.38 42.19 0.92
N GLN C 78 -19.39 42.46 1.75
CA GLN C 78 -19.89 41.47 2.69
C GLN C 78 -21.32 41.02 2.39
N GLN C 79 -21.76 41.16 1.15
CA GLN C 79 -23.06 40.61 0.77
C GLN C 79 -22.98 39.08 0.70
N THR C 80 -24.00 38.42 1.24
CA THR C 80 -23.96 36.99 1.47
C THR C 80 -24.99 36.26 0.61
N GLY C 81 -24.70 34.99 0.35
CA GLY C 81 -25.61 34.13 -0.38
C GLY C 81 -25.55 32.69 0.11
N THR C 82 -26.10 31.76 -0.64
CA THR C 82 -26.07 30.34 -0.31
C THR C 82 -25.43 29.56 -1.46
N VAL C 83 -24.51 28.65 -1.13
CA VAL C 83 -23.75 27.91 -2.12
C VAL C 83 -23.89 26.41 -1.84
N ARG C 84 -23.26 25.61 -2.69
CA ARG C 84 -23.27 24.16 -2.56
C ARG C 84 -21.88 23.62 -2.89
N PHE C 85 -21.24 22.97 -1.93
CA PHE C 85 -19.96 22.31 -2.12
C PHE C 85 -20.18 20.81 -2.03
N ASP C 86 -19.90 20.10 -3.14
CA ASP C 86 -20.19 18.67 -3.26
C ASP C 86 -21.67 18.41 -3.01
N GLY C 87 -22.03 18.04 -1.78
CA GLY C 87 -23.41 17.77 -1.46
C GLY C 87 -23.97 18.71 -0.43
N TYR C 88 -23.11 19.41 0.31
CA TYR C 88 -23.55 20.28 1.38
C TYR C 88 -23.90 21.67 0.86
N VAL C 89 -24.87 22.29 1.52
CA VAL C 89 -25.29 23.66 1.22
C VAL C 89 -24.84 24.56 2.35
N ILE C 90 -24.32 25.72 2.00
CA ILE C 90 -23.75 26.67 2.95
C ILE C 90 -24.55 27.97 2.85
N ASP C 91 -25.34 28.27 3.87
CA ASP C 91 -26.10 29.52 3.93
C ASP C 91 -25.26 30.63 4.55
N GLY C 92 -25.45 31.85 4.04
CA GLY C 92 -24.79 33.00 4.60
C GLY C 92 -23.30 33.06 4.36
N ALA C 93 -22.87 32.82 3.12
CA ALA C 93 -21.47 32.85 2.75
C ALA C 93 -21.16 34.10 1.95
N THR C 94 -20.02 34.72 2.26
CA THR C 94 -19.52 35.88 1.55
C THR C 94 -18.63 35.45 0.40
N ALA C 95 -18.40 36.38 -0.55
CA ALA C 95 -17.52 36.10 -1.67
C ALA C 95 -16.14 35.67 -1.19
N LEU C 96 -15.65 36.30 -0.11
CA LEU C 96 -14.35 35.91 0.43
C LEU C 96 -14.37 34.47 0.93
N TRP C 97 -15.49 34.04 1.52
CA TRP C 97 -15.60 32.66 1.99
C TRP C 97 -15.62 31.68 0.84
N CYS C 98 -16.37 32.00 -0.23
CA CYS C 98 -16.38 31.13 -1.39
C CYS C 98 -15.00 31.05 -2.05
N ALA C 99 -14.28 32.18 -2.09
CA ALA C 99 -12.93 32.18 -2.65
C ALA C 99 -11.97 31.35 -1.80
N ALA C 100 -12.05 31.48 -0.48
CA ALA C 100 -11.18 30.69 0.39
C ALA C 100 -11.53 29.20 0.33
N GLY C 101 -12.79 28.88 0.10
CA GLY C 101 -13.19 27.48 0.03
C GLY C 101 -12.77 26.83 -1.29
N ALA C 102 -13.10 27.47 -2.42
CA ALA C 102 -12.76 26.92 -3.72
C ALA C 102 -11.28 27.07 -4.06
N GLY C 103 -10.51 27.78 -3.24
CA GLY C 103 -9.08 27.88 -3.42
C GLY C 103 -8.63 28.79 -4.55
N HIS C 104 -9.20 30.00 -4.60
CA HIS C 104 -8.81 31.00 -5.58
C HIS C 104 -8.02 32.07 -4.85
N PHE C 105 -6.70 31.86 -4.74
CA PHE C 105 -5.84 32.72 -3.95
C PHE C 105 -5.88 34.16 -4.44
N GLU C 106 -5.92 34.35 -5.77
CA GLU C 106 -5.95 35.69 -6.33
C GLU C 106 -7.18 36.46 -5.88
N VAL C 107 -8.35 35.82 -5.94
CA VAL C 107 -9.58 36.48 -5.54
C VAL C 107 -9.58 36.78 -4.05
N VAL C 108 -9.00 35.87 -3.25
CA VAL C 108 -8.89 36.10 -1.81
C VAL C 108 -8.08 37.36 -1.53
N LYS C 109 -6.90 37.45 -2.16
CA LYS C 109 -6.07 38.64 -2.00
C LYS C 109 -6.82 39.89 -2.44
N LEU C 110 -7.46 39.84 -3.61
CA LEU C 110 -8.14 41.01 -4.15
C LEU C 110 -9.28 41.46 -3.24
N LEU C 111 -9.97 40.51 -2.60
CA LEU C 111 -11.10 40.85 -1.75
C LEU C 111 -10.64 41.45 -0.43
N VAL C 112 -9.71 40.79 0.26
CA VAL C 112 -9.32 41.28 1.57
C VAL C 112 -8.53 42.59 1.45
N SER C 113 -7.73 42.73 0.38
CA SER C 113 -6.99 43.98 0.20
C SER C 113 -7.93 45.16 0.01
N HIS C 114 -9.06 44.94 -0.66
CA HIS C 114 -10.09 45.96 -0.83
C HIS C 114 -11.02 46.08 0.37
N GLY C 115 -10.62 45.55 1.53
CA GLY C 115 -11.36 45.75 2.76
C GLY C 115 -12.53 44.80 2.97
N ALA C 116 -12.26 43.50 2.95
CA ALA C 116 -13.26 42.49 3.23
C ALA C 116 -13.14 41.99 4.66
N ASN C 117 -14.27 41.64 5.25
CA ASN C 117 -14.30 41.11 6.62
C ASN C 117 -13.61 39.75 6.62
N VAL C 118 -12.39 39.71 7.14
CA VAL C 118 -11.62 38.48 7.14
C VAL C 118 -12.24 37.45 8.07
N ASN C 119 -12.94 37.91 9.11
CA ASN C 119 -13.54 37.03 10.10
C ASN C 119 -15.06 36.94 9.97
N HIS C 120 -15.58 37.19 8.77
CA HIS C 120 -17.00 37.03 8.51
C HIS C 120 -17.41 35.57 8.72
N THR C 121 -18.54 35.37 9.38
CA THR C 121 -19.01 34.04 9.75
C THR C 121 -20.25 33.68 8.94
N THR C 122 -20.38 32.37 8.64
CA THR C 122 -21.55 31.86 7.96
C THR C 122 -22.62 31.50 8.99
N VAL C 123 -23.72 30.91 8.51
CA VAL C 123 -24.79 30.48 9.41
C VAL C 123 -24.27 29.49 10.44
N THR C 124 -23.40 28.57 10.01
CA THR C 124 -22.72 27.65 10.90
C THR C 124 -21.54 28.30 11.63
N ASN C 125 -21.34 29.60 11.44
CA ASN C 125 -20.25 30.36 12.07
C ASN C 125 -18.89 29.80 11.65
N SER C 126 -18.72 29.64 10.34
CA SER C 126 -17.47 29.15 9.76
C SER C 126 -16.72 30.32 9.13
N THR C 127 -15.50 30.56 9.60
CA THR C 127 -14.64 31.59 9.06
C THR C 127 -14.02 31.11 7.74
N PRO C 128 -13.70 32.03 6.83
CA PRO C 128 -12.99 31.62 5.60
C PRO C 128 -11.68 30.89 5.89
N LEU C 129 -11.02 31.22 7.00
CA LEU C 129 -9.86 30.46 7.44
C LEU C 129 -10.22 28.99 7.64
N ARG C 130 -11.42 28.73 8.16
CA ARG C 130 -11.86 27.35 8.33
C ARG C 130 -12.07 26.66 6.99
N ALA C 131 -12.61 27.38 6.00
CA ALA C 131 -12.77 26.80 4.67
C ALA C 131 -11.41 26.43 4.07
N ALA C 132 -10.44 27.34 4.19
CA ALA C 132 -9.10 27.06 3.68
C ALA C 132 -8.47 25.88 4.41
N CYS C 133 -8.61 25.82 5.74
CA CYS C 133 -8.05 24.70 6.49
C CYS C 133 -8.73 23.39 6.11
N PHE C 134 -10.02 23.42 5.82
CA PHE C 134 -10.71 22.22 5.36
C PHE C 134 -10.15 21.76 4.02
N ASP C 135 -10.04 22.67 3.06
CA ASP C 135 -9.51 22.28 1.75
C ASP C 135 -8.02 22.04 1.79
N GLY C 136 -7.32 22.54 2.81
CA GLY C 136 -5.90 22.30 2.97
C GLY C 136 -4.99 23.31 2.30
N ARG C 137 -5.51 24.45 1.85
CA ARG C 137 -4.71 25.45 1.15
C ARG C 137 -3.90 26.23 2.18
N LEU C 138 -2.63 25.86 2.33
CA LEU C 138 -1.77 26.55 3.29
C LEU C 138 -1.47 27.98 2.86
N ASP C 139 -1.41 28.24 1.55
CA ASP C 139 -1.18 29.59 1.06
C ASP C 139 -2.27 30.54 1.52
N ILE C 140 -3.54 30.13 1.33
CA ILE C 140 -4.67 30.96 1.73
C ILE C 140 -4.72 31.11 3.25
N VAL C 141 -4.42 30.04 3.98
CA VAL C 141 -4.40 30.11 5.45
C VAL C 141 -3.38 31.13 5.92
N LYS C 142 -2.15 31.04 5.39
CA LYS C 142 -1.11 31.99 5.74
C LYS C 142 -1.53 33.41 5.40
N TYR C 143 -2.07 33.61 4.19
CA TYR C 143 -2.43 34.95 3.76
C TYR C 143 -3.55 35.53 4.62
N LEU C 144 -4.46 34.70 5.10
CA LEU C 144 -5.53 35.18 5.97
C LEU C 144 -4.99 35.54 7.35
N VAL C 145 -4.22 34.65 7.96
CA VAL C 145 -3.74 34.91 9.32
C VAL C 145 -2.77 36.09 9.33
N GLU C 146 -1.99 36.26 8.26
CA GLU C 146 -1.11 37.42 8.17
C GLU C 146 -1.92 38.71 8.17
N ASN C 147 -3.08 38.70 7.52
CA ASN C 147 -3.98 39.85 7.48
C ASN C 147 -4.96 39.84 8.64
N ASN C 148 -4.50 39.35 9.81
CA ASN C 148 -5.26 39.39 11.05
C ASN C 148 -6.59 38.65 10.93
N ALA C 149 -6.50 37.35 10.65
CA ALA C 149 -7.64 36.46 10.74
C ALA C 149 -7.57 35.68 12.04
N ASN C 150 -8.70 35.59 12.73
CA ASN C 150 -8.75 34.98 14.05
C ASN C 150 -8.93 33.47 13.91
N ILE C 151 -7.93 32.72 14.38
CA ILE C 151 -7.99 31.26 14.32
C ILE C 151 -8.89 30.72 15.43
N SER C 152 -9.01 31.43 16.55
CA SER C 152 -9.79 30.94 17.68
C SER C 152 -11.28 30.82 17.37
N ILE C 153 -11.74 31.44 16.29
CA ILE C 153 -13.16 31.43 15.94
C ILE C 153 -13.62 30.00 15.72
N ALA C 154 -14.46 29.48 16.62
CA ALA C 154 -15.04 28.17 16.48
C ALA C 154 -16.38 28.25 15.77
N ASN C 155 -16.93 27.10 15.43
CA ASN C 155 -18.16 27.04 14.64
C ASN C 155 -19.34 26.62 15.52
N LYS C 156 -20.41 26.15 14.86
CA LYS C 156 -21.63 25.73 15.55
C LYS C 156 -21.35 24.79 16.71
N TYR C 157 -20.50 23.79 16.50
CA TYR C 157 -20.20 22.78 17.50
C TYR C 157 -18.82 22.98 18.14
N ASP C 158 -18.36 24.23 18.19
CA ASP C 158 -17.11 24.59 18.88
C ASP C 158 -15.91 23.86 18.29
N ASN C 159 -15.91 23.68 16.97
CA ASN C 159 -14.79 23.05 16.29
C ASN C 159 -13.86 24.12 15.74
N THR C 160 -12.61 24.10 16.19
CA THR C 160 -11.62 25.08 15.76
C THR C 160 -11.07 24.71 14.38
N CYS C 161 -10.34 25.65 13.79
CA CYS C 161 -9.67 25.37 12.52
C CYS C 161 -8.61 24.29 12.70
N LEU C 162 -7.96 24.26 13.87
CA LEU C 162 -6.99 23.21 14.14
C LEU C 162 -7.65 21.83 14.12
N MET C 163 -8.88 21.72 14.62
CA MET C 163 -9.56 20.43 14.66
C MET C 163 -9.87 19.91 13.26
N ILE C 164 -10.49 20.74 12.43
CA ILE C 164 -10.82 20.31 11.07
C ILE C 164 -9.56 20.08 10.25
N ALA C 165 -8.50 20.86 10.51
CA ALA C 165 -7.25 20.66 9.79
C ALA C 165 -6.57 19.36 10.20
N ALA C 166 -6.66 18.98 11.48
CA ALA C 166 -6.07 17.73 11.94
C ALA C 166 -6.90 16.53 11.52
N TYR C 167 -8.22 16.68 11.43
CA TYR C 167 -9.08 15.56 11.09
C TYR C 167 -8.93 15.19 9.61
N LYS C 168 -8.80 16.19 8.73
CA LYS C 168 -8.63 15.91 7.32
C LYS C 168 -7.19 15.52 6.96
N GLY C 169 -6.26 15.65 7.90
CA GLY C 169 -4.91 15.17 7.71
C GLY C 169 -3.91 16.15 7.14
N HIS C 170 -4.29 17.41 6.99
CA HIS C 170 -3.38 18.41 6.44
C HIS C 170 -2.29 18.74 7.45
N THR C 171 -1.15 18.03 7.35
CA THR C 171 -0.11 18.13 8.38
C THR C 171 0.56 19.50 8.38
N ASP C 172 0.85 20.03 7.20
CA ASP C 172 1.55 21.31 7.13
C ASP C 172 0.74 22.44 7.75
N VAL C 173 -0.58 22.44 7.53
CA VAL C 173 -1.38 23.55 8.06
C VAL C 173 -1.57 23.40 9.57
N VAL C 174 -1.61 22.17 10.10
CA VAL C 174 -1.73 22.03 11.54
C VAL C 174 -0.41 22.42 12.21
N ARG C 175 0.72 22.09 11.59
CA ARG C 175 1.99 22.57 12.11
C ARG C 175 2.04 24.10 12.09
N TYR C 176 1.55 24.70 11.00
CA TYR C 176 1.55 26.16 10.91
C TYR C 176 0.67 26.78 11.99
N LEU C 177 -0.54 26.27 12.16
CA LEU C 177 -1.44 26.80 13.19
C LEU C 177 -0.81 26.68 14.57
N LEU C 178 -0.24 25.51 14.88
CA LEU C 178 0.44 25.34 16.17
C LEU C 178 1.57 26.32 16.33
N GLU C 179 2.31 26.61 15.25
CA GLU C 179 3.33 27.64 15.30
C GLU C 179 2.73 29.01 15.54
N GLN C 180 1.54 29.26 15.01
CA GLN C 180 0.88 30.56 15.16
C GLN C 180 0.13 30.65 16.49
N ARG C 181 0.61 29.91 17.49
CA ARG C 181 0.11 29.95 18.86
C ARG C 181 -1.28 29.37 19.00
N ALA C 182 -1.68 28.44 18.13
CA ALA C 182 -2.97 27.80 18.29
C ALA C 182 -2.97 26.93 19.54
N ASP C 183 -4.01 27.06 20.34
CA ASP C 183 -4.15 26.26 21.54
C ASP C 183 -4.44 24.81 21.17
N PRO C 184 -3.52 23.87 21.42
CA PRO C 184 -3.82 22.47 21.08
C PRO C 184 -4.86 21.84 21.97
N ASN C 185 -5.05 22.38 23.18
CA ASN C 185 -6.01 21.83 24.14
C ASN C 185 -7.37 22.50 24.03
N ALA C 186 -7.65 23.18 22.91
CA ALA C 186 -8.99 23.70 22.68
C ALA C 186 -9.97 22.56 22.58
N LYS C 187 -11.09 22.68 23.28
CA LYS C 187 -12.07 21.60 23.39
C LYS C 187 -13.31 21.96 22.58
N ALA C 188 -13.87 20.94 21.92
CA ALA C 188 -15.10 21.12 21.16
C ALA C 188 -16.28 21.20 22.14
N HIS C 189 -17.50 21.20 21.59
CA HIS C 189 -18.68 21.23 22.45
C HIS C 189 -18.76 20.01 23.35
N CYS C 190 -18.22 18.88 22.90
CA CYS C 190 -18.25 17.64 23.66
C CYS C 190 -16.94 17.37 24.39
N GLY C 191 -15.98 18.28 24.33
CA GLY C 191 -14.71 18.11 25.01
C GLY C 191 -13.63 17.44 24.21
N ALA C 192 -13.90 17.06 22.95
CA ALA C 192 -12.89 16.40 22.15
C ALA C 192 -11.86 17.41 21.65
N THR C 193 -10.59 17.03 21.72
CA THR C 193 -9.51 17.84 21.18
C THR C 193 -9.21 17.42 19.74
N ALA C 194 -8.34 18.21 19.09
CA ALA C 194 -7.84 17.81 17.78
C ALA C 194 -7.09 16.49 17.86
N LEU C 195 -6.54 16.17 19.04
CA LEU C 195 -5.87 14.91 19.23
C LEU C 195 -6.83 13.73 19.09
N HIS C 196 -8.05 13.87 19.61
CA HIS C 196 -9.05 12.82 19.44
C HIS C 196 -9.37 12.58 17.97
N PHE C 197 -9.55 13.66 17.20
CA PHE C 197 -9.85 13.52 15.78
C PHE C 197 -8.69 12.89 15.03
N ALA C 198 -7.47 13.32 15.31
CA ALA C 198 -6.31 12.76 14.64
C ALA C 198 -6.12 11.28 14.99
N ALA C 199 -6.44 10.91 16.23
CA ALA C 199 -6.33 9.51 16.64
C ALA C 199 -7.41 8.65 15.97
N GLU C 200 -8.62 9.18 15.86
CA GLU C 200 -9.69 8.45 15.16
C GLU C 200 -9.34 8.25 13.70
N ALA C 201 -8.88 9.32 13.03
CA ALA C 201 -8.61 9.23 11.60
C ALA C 201 -7.38 8.38 11.31
N GLY C 202 -6.42 8.35 12.23
CA GLY C 202 -5.19 7.60 12.03
C GLY C 202 -4.03 8.40 11.49
N HIS C 203 -4.20 9.71 11.29
CA HIS C 203 -3.14 10.56 10.78
C HIS C 203 -2.04 10.67 11.83
N ILE C 204 -0.98 9.89 11.64
CA ILE C 204 0.02 9.73 12.70
C ILE C 204 0.95 10.93 12.80
N ASP C 205 1.28 11.58 11.67
CA ASP C 205 2.17 12.73 11.72
C ASP C 205 1.52 13.91 12.43
N ILE C 206 0.22 14.08 12.25
CA ILE C 206 -0.49 15.14 12.98
C ILE C 206 -0.46 14.84 14.48
N VAL C 207 -0.58 13.57 14.86
CA VAL C 207 -0.49 13.20 16.27
C VAL C 207 0.91 13.51 16.80
N LYS C 208 1.94 13.23 16.01
CA LYS C 208 3.31 13.56 16.42
C LYS C 208 3.46 15.06 16.65
N GLU C 209 2.96 15.87 15.72
CA GLU C 209 3.04 17.32 15.87
C GLU C 209 2.26 17.80 17.09
N LEU C 210 1.08 17.23 17.33
CA LEU C 210 0.30 17.60 18.50
C LEU C 210 1.05 17.30 19.79
N ILE C 211 1.64 16.11 19.87
CA ILE C 211 2.41 15.76 21.07
C ILE C 211 3.61 16.70 21.22
N LYS C 212 4.24 17.07 20.10
CA LYS C 212 5.41 17.94 20.17
C LYS C 212 5.05 19.31 20.76
N TRP C 213 3.88 19.84 20.39
CA TRP C 213 3.43 21.13 20.91
C TRP C 213 2.68 21.02 22.22
N ARG C 214 2.96 19.97 23.00
CA ARG C 214 2.44 19.80 24.35
C ARG C 214 0.91 19.73 24.37
N ALA C 215 0.37 18.88 23.51
CA ALA C 215 -1.05 18.57 23.58
C ALA C 215 -1.35 17.75 24.82
N ALA C 216 -2.53 17.97 25.40
CA ALA C 216 -2.94 17.29 26.61
C ALA C 216 -3.92 16.17 26.30
N ILE C 217 -3.72 15.02 26.94
CA ILE C 217 -4.63 13.89 26.80
C ILE C 217 -5.84 14.12 27.69
N VAL C 218 -6.83 14.84 27.17
CA VAL C 218 -8.02 15.18 27.92
C VAL C 218 -9.09 14.12 27.68
N VAL C 219 -9.93 13.92 28.69
CA VAL C 219 -11.07 13.02 28.57
C VAL C 219 -12.28 13.83 28.11
N ASN C 220 -12.82 13.48 26.96
CA ASN C 220 -13.95 14.21 26.41
C ASN C 220 -15.23 13.88 27.20
N GLY C 221 -16.35 14.47 26.77
CA GLY C 221 -17.62 14.19 27.40
C GLY C 221 -18.03 12.74 27.30
N HIS C 222 -17.60 12.06 26.24
CA HIS C 222 -17.89 10.64 26.06
C HIS C 222 -17.02 9.75 26.95
N GLY C 223 -16.21 10.33 27.83
CA GLY C 223 -15.35 9.55 28.70
C GLY C 223 -14.29 8.78 27.94
N MET C 224 -13.52 9.48 27.11
CA MET C 224 -12.54 8.83 26.23
C MET C 224 -11.29 9.69 26.11
N THR C 225 -10.15 9.10 26.46
CA THR C 225 -8.87 9.68 26.10
C THR C 225 -8.62 9.46 24.61
N PRO C 226 -7.74 10.26 24.00
CA PRO C 226 -7.35 9.97 22.60
C PRO C 226 -6.80 8.57 22.42
N LEU C 227 -6.07 8.07 23.42
CA LEU C 227 -5.66 6.68 23.42
C LEU C 227 -6.87 5.75 23.38
N LYS C 228 -7.95 6.11 24.06
CA LYS C 228 -9.13 5.26 24.12
C LYS C 228 -9.85 5.19 22.77
N VAL C 229 -10.01 6.33 22.10
CA VAL C 229 -10.63 6.31 20.77
C VAL C 229 -9.73 5.61 19.77
N ALA C 230 -8.41 5.81 19.88
CA ALA C 230 -7.49 5.09 19.00
C ALA C 230 -7.62 3.59 19.17
N ALA C 231 -7.74 3.11 20.41
CA ALA C 231 -7.88 1.68 20.65
C ALA C 231 -9.24 1.17 20.18
N GLU C 232 -10.29 1.96 20.41
CA GLU C 232 -11.64 1.53 20.02
C GLU C 232 -11.79 1.42 18.50
N SER C 233 -11.06 2.24 17.76
CA SER C 233 -11.18 2.28 16.30
C SER C 233 -10.14 1.42 15.59
N CYS C 234 -9.45 0.53 16.31
CA CYS C 234 -8.49 -0.40 15.73
C CYS C 234 -7.38 0.32 14.97
N LYS C 235 -6.87 1.40 15.55
CA LYS C 235 -5.77 2.16 14.97
C LYS C 235 -4.51 1.84 15.76
N ALA C 236 -3.92 0.69 15.45
CA ALA C 236 -2.84 0.14 16.28
C ALA C 236 -1.61 1.03 16.30
N ASP C 237 -1.24 1.58 15.14
CA ASP C 237 -0.06 2.45 15.08
C ASP C 237 -0.23 3.66 16.00
N VAL C 238 -1.39 4.32 15.92
CA VAL C 238 -1.67 5.46 16.79
C VAL C 238 -1.69 5.03 18.24
N VAL C 239 -2.19 3.82 18.52
CA VAL C 239 -2.23 3.32 19.89
C VAL C 239 -0.82 3.19 20.45
N GLU C 240 0.09 2.60 19.66
CA GLU C 240 1.48 2.48 20.11
C GLU C 240 2.10 3.85 20.34
N LEU C 241 1.92 4.76 19.36
CA LEU C 241 2.52 6.09 19.48
C LEU C 241 2.04 6.81 20.73
N LEU C 242 0.74 6.73 21.02
CA LEU C 242 0.20 7.39 22.21
C LEU C 242 0.62 6.66 23.48
N LEU C 243 0.79 5.34 23.42
CA LEU C 243 1.25 4.59 24.58
C LEU C 243 2.65 5.04 24.98
N SER C 244 3.49 5.34 24.00
CA SER C 244 4.87 5.70 24.34
C SER C 244 4.99 7.12 24.88
N HIS C 245 4.23 8.07 24.32
CA HIS C 245 4.53 9.49 24.49
C HIS C 245 3.68 10.19 25.55
N ALA C 246 2.39 9.87 25.65
CA ALA C 246 1.47 10.68 26.47
C ALA C 246 1.70 10.55 27.97
N ASP C 247 2.65 9.72 28.41
CA ASP C 247 2.92 9.47 29.83
C ASP C 247 1.70 8.89 30.55
N CYS C 248 0.83 8.19 29.82
CA CYS C 248 -0.34 7.58 30.43
C CYS C 248 0.07 6.56 31.47
N ASP C 249 -0.69 6.48 32.56
CA ASP C 249 -0.35 5.61 33.66
C ASP C 249 -0.46 4.14 33.25
N ARG C 250 -0.02 3.27 34.16
CA ARG C 250 -0.03 1.84 33.89
C ARG C 250 -1.46 1.33 33.66
N ARG C 251 -2.42 1.83 34.44
CA ARG C 251 -3.81 1.43 34.26
C ARG C 251 -4.32 1.83 32.88
N SER C 252 -4.05 3.06 32.47
CA SER C 252 -4.48 3.50 31.13
C SER C 252 -3.79 2.69 30.05
N ARG C 253 -2.52 2.32 30.28
CA ARG C 253 -1.79 1.52 29.29
C ARG C 253 -2.44 0.17 29.09
N ILE C 254 -2.68 -0.56 30.18
CA ILE C 254 -3.30 -1.88 30.04
C ILE C 254 -4.73 -1.76 29.54
N GLU C 255 -5.44 -0.68 29.92
CA GLU C 255 -6.79 -0.45 29.41
C GLU C 255 -6.78 -0.30 27.89
N ALA C 256 -5.83 0.49 27.38
CA ALA C 256 -5.72 0.69 25.94
C ALA C 256 -5.35 -0.61 25.23
N LEU C 257 -4.40 -1.36 25.78
CA LEU C 257 -4.02 -2.63 25.17
C LEU C 257 -5.22 -3.57 25.09
N GLU C 258 -5.98 -3.67 26.18
CA GLU C 258 -7.13 -4.57 26.20
C GLU C 258 -8.22 -4.11 25.25
N LEU C 259 -8.49 -2.81 25.19
CA LEU C 259 -9.52 -2.31 24.29
C LEU C 259 -9.12 -2.51 22.83
N LEU C 260 -7.84 -2.28 22.50
CA LEU C 260 -7.37 -2.51 21.14
C LEU C 260 -7.48 -3.97 20.77
N GLY C 261 -7.08 -4.87 21.68
CA GLY C 261 -7.20 -6.29 21.39
C GLY C 261 -8.64 -6.74 21.22
N ALA C 262 -9.53 -6.24 22.08
CA ALA C 262 -10.94 -6.64 22.01
C ALA C 262 -11.62 -6.09 20.77
N SER C 263 -11.22 -4.90 20.31
CA SER C 263 -11.89 -4.29 19.17
C SER C 263 -11.57 -5.02 17.87
N PHE C 264 -10.40 -5.66 17.79
CA PHE C 264 -10.04 -6.41 16.59
C PHE C 264 -10.88 -7.67 16.40
N ALA C 265 -11.64 -8.09 17.42
CA ALA C 265 -12.37 -9.35 17.37
C ALA C 265 -13.74 -9.23 16.72
N ASN C 266 -14.34 -8.04 16.72
CA ASN C 266 -15.68 -7.89 16.15
C ASN C 266 -15.80 -6.66 15.26
N ASP C 267 -14.69 -6.18 14.70
CA ASP C 267 -14.73 -5.10 13.71
C ASP C 267 -14.81 -5.72 12.32
N ARG C 268 -15.80 -5.28 11.55
CA ARG C 268 -15.99 -5.81 10.20
C ARG C 268 -14.76 -5.58 9.34
N GLU C 269 -14.19 -4.38 9.42
CA GLU C 269 -13.13 -4.00 8.49
C GLU C 269 -11.75 -4.47 8.96
N ASN C 270 -11.51 -4.52 10.27
CA ASN C 270 -10.18 -4.78 10.81
C ASN C 270 -10.11 -6.09 11.59
N TYR C 271 -10.92 -7.08 11.21
CA TYR C 271 -10.96 -8.35 11.94
C TYR C 271 -9.63 -9.07 11.83
N ASP C 272 -9.08 -9.48 12.99
CA ASP C 272 -7.81 -10.20 13.04
C ASP C 272 -7.69 -10.83 14.42
N ILE C 273 -7.88 -12.15 14.49
CA ILE C 273 -7.90 -12.84 15.78
C ILE C 273 -6.52 -12.86 16.42
N MET C 274 -5.48 -13.02 15.61
CA MET C 274 -4.12 -13.06 16.15
C MET C 274 -3.79 -11.78 16.90
N LYS C 275 -4.19 -10.63 16.36
CA LYS C 275 -3.94 -9.37 17.05
C LYS C 275 -4.76 -9.27 18.33
N THR C 276 -6.00 -9.77 18.31
CA THR C 276 -6.81 -9.81 19.52
C THR C 276 -6.07 -10.54 20.64
N TYR C 277 -5.68 -11.79 20.36
CA TYR C 277 -5.01 -12.58 21.39
C TYR C 277 -3.69 -11.93 21.80
N HIS C 278 -2.94 -11.40 20.83
CA HIS C 278 -1.64 -10.81 21.15
C HIS C 278 -1.79 -9.66 22.13
N TYR C 279 -2.68 -8.71 21.82
CA TYR C 279 -2.80 -7.54 22.68
C TYR C 279 -3.42 -7.88 24.02
N LEU C 280 -4.44 -8.77 24.03
CA LEU C 280 -5.04 -9.17 25.29
C LEU C 280 -4.01 -9.86 26.20
N TYR C 281 -3.23 -10.78 25.63
CA TYR C 281 -2.25 -11.51 26.42
C TYR C 281 -1.11 -10.61 26.87
N LEU C 282 -0.72 -9.64 26.04
CA LEU C 282 0.31 -8.69 26.44
C LEU C 282 -0.16 -7.85 27.62
N ALA C 283 -1.40 -7.36 27.56
CA ALA C 283 -1.94 -6.59 28.68
C ALA C 283 -2.06 -7.46 29.93
N MET C 284 -2.43 -8.73 29.76
CA MET C 284 -2.52 -9.63 30.90
C MET C 284 -1.15 -9.84 31.55
N LEU C 285 -0.13 -10.07 30.73
CA LEU C 285 1.22 -10.25 31.25
C LEU C 285 1.71 -9.00 31.97
N GLU C 286 1.41 -7.82 31.41
CA GLU C 286 1.79 -6.59 32.09
C GLU C 286 1.01 -6.40 33.39
N ARG C 287 -0.21 -6.92 33.46
CA ARG C 287 -0.93 -6.97 34.74
C ARG C 287 -0.21 -7.88 35.73
N PHE C 288 0.35 -8.99 35.24
CA PHE C 288 0.99 -9.98 36.10
C PHE C 288 2.52 -9.94 36.02
N GLN C 289 3.11 -8.78 35.69
CA GLN C 289 4.57 -8.69 35.63
C GLN C 289 5.19 -8.90 37.01
N ASP C 290 4.46 -8.56 38.07
CA ASP C 290 4.93 -8.67 39.44
C ASP C 290 3.93 -9.52 40.22
N GLY C 291 4.36 -10.73 40.62
CA GLY C 291 3.49 -11.60 41.39
C GLY C 291 3.10 -11.04 42.74
N ASP C 292 3.84 -10.05 43.24
CA ASP C 292 3.54 -9.42 44.52
C ASP C 292 2.75 -8.14 44.39
N ASN C 293 2.55 -7.64 43.17
CA ASN C 293 1.78 -6.43 42.93
C ASN C 293 0.91 -6.64 41.68
N ILE C 294 0.07 -7.67 41.74
CA ILE C 294 -0.76 -8.05 40.59
C ILE C 294 -1.92 -7.08 40.47
N LEU C 295 -2.07 -6.47 39.28
CA LEU C 295 -3.19 -5.57 39.00
C LEU C 295 -4.36 -6.42 38.54
N GLU C 296 -5.20 -6.83 39.50
CA GLU C 296 -6.29 -7.74 39.23
C GLU C 296 -7.36 -7.08 38.36
N LYS C 297 -8.20 -7.93 37.76
CA LYS C 297 -9.33 -7.49 36.93
C LYS C 297 -10.61 -7.57 37.75
N GLU C 298 -11.34 -6.46 37.82
CA GLU C 298 -12.67 -6.48 38.40
C GLU C 298 -13.65 -6.83 37.28
N VAL C 299 -13.82 -8.13 37.05
CA VAL C 299 -14.60 -8.61 35.93
C VAL C 299 -16.08 -8.31 36.14
N LEU C 300 -16.80 -8.14 35.04
CA LEU C 300 -18.24 -7.95 35.10
C LEU C 300 -18.92 -9.28 35.43
N PRO C 301 -20.16 -9.22 35.89
CA PRO C 301 -20.96 -10.45 36.03
C PRO C 301 -21.11 -11.13 34.69
N PRO C 302 -21.41 -12.43 34.67
CA PRO C 302 -21.62 -13.13 33.40
C PRO C 302 -22.79 -12.52 32.63
N ILE C 303 -22.58 -12.32 31.33
CA ILE C 303 -23.61 -11.81 30.44
C ILE C 303 -24.14 -12.99 29.62
N HIS C 304 -25.45 -13.22 29.72
CA HIS C 304 -26.06 -14.37 29.05
C HIS C 304 -25.93 -14.25 27.54
N ALA C 305 -26.10 -13.04 27.00
CA ALA C 305 -25.98 -12.85 25.55
C ALA C 305 -24.61 -13.26 25.03
N TYR C 306 -23.57 -13.09 25.85
CA TYR C 306 -22.21 -13.46 25.47
C TYR C 306 -21.87 -14.89 25.90
N GLY C 307 -22.85 -15.79 25.93
CA GLY C 307 -22.59 -17.17 26.30
C GLY C 307 -22.31 -17.38 27.78
N ASN C 308 -22.82 -16.49 28.64
CA ASN C 308 -22.62 -16.57 30.09
C ASN C 308 -21.15 -16.61 30.46
N ARG C 309 -20.29 -16.02 29.63
CA ARG C 309 -18.86 -16.08 29.86
C ARG C 309 -18.40 -14.97 30.79
N THR C 310 -17.47 -15.30 31.68
CA THR C 310 -16.75 -14.31 32.47
C THR C 310 -15.41 -14.03 31.82
N GLU C 311 -14.98 -12.77 31.89
CA GLU C 311 -13.71 -12.38 31.30
C GLU C 311 -12.55 -13.12 31.98
N CYS C 312 -11.51 -13.42 31.19
CA CYS C 312 -10.33 -14.07 31.74
C CYS C 312 -9.67 -13.17 32.78
N ARG C 313 -9.29 -13.77 33.91
CA ARG C 313 -8.73 -13.03 35.03
C ARG C 313 -7.23 -13.23 35.20
N ASN C 314 -6.63 -14.22 34.56
CA ASN C 314 -5.21 -14.49 34.72
C ASN C 314 -4.69 -15.07 33.41
N PRO C 315 -3.36 -15.10 33.22
CA PRO C 315 -2.82 -15.61 31.95
C PRO C 315 -3.26 -17.02 31.60
N GLN C 316 -3.52 -17.88 32.60
CA GLN C 316 -3.90 -19.26 32.29
C GLN C 316 -5.28 -19.32 31.66
N GLU C 317 -6.25 -18.57 32.21
CA GLU C 317 -7.59 -18.54 31.61
C GLU C 317 -7.54 -17.99 30.19
N LEU C 318 -6.67 -17.01 29.95
CA LEU C 318 -6.53 -16.44 28.62
C LEU C 318 -5.91 -17.44 27.66
N GLU C 319 -4.87 -18.15 28.10
CA GLU C 319 -4.25 -19.17 27.27
C GLU C 319 -5.21 -20.31 26.97
N ALA C 320 -6.15 -20.58 27.88
CA ALA C 320 -7.08 -21.68 27.67
C ALA C 320 -7.96 -21.48 26.44
N ILE C 321 -8.15 -20.23 26.02
CA ILE C 321 -9.04 -19.91 24.91
C ILE C 321 -8.26 -19.36 23.71
N ARG C 322 -6.95 -19.61 23.64
CA ARG C 322 -6.16 -19.10 22.52
C ARG C 322 -6.66 -19.65 21.19
N GLN C 323 -7.03 -20.92 21.15
CA GLN C 323 -7.50 -21.56 19.94
C GLN C 323 -9.01 -21.46 19.74
N ASP C 324 -9.75 -21.03 20.77
CA ASP C 324 -11.21 -20.95 20.70
C ASP C 324 -11.60 -19.62 20.09
N ARG C 325 -11.93 -19.65 18.79
CA ARG C 325 -12.28 -18.42 18.09
C ARG C 325 -13.54 -17.78 18.67
N ASP C 326 -14.56 -18.59 18.96
CA ASP C 326 -15.80 -18.06 19.52
C ASP C 326 -15.56 -17.43 20.89
N ALA C 327 -14.77 -18.10 21.74
CA ALA C 327 -14.46 -17.53 23.05
C ALA C 327 -13.75 -16.20 22.90
N LEU C 328 -12.89 -16.06 21.89
CA LEU C 328 -12.19 -14.80 21.69
C LEU C 328 -13.14 -13.70 21.20
N HIS C 329 -14.08 -14.05 20.32
CA HIS C 329 -15.10 -13.08 19.91
C HIS C 329 -15.89 -12.57 21.11
N MET C 330 -16.41 -13.51 21.91
CA MET C 330 -17.21 -13.12 23.06
C MET C 330 -16.37 -12.36 24.08
N GLU C 331 -15.09 -12.71 24.22
CA GLU C 331 -14.20 -12.01 25.12
C GLU C 331 -13.98 -10.58 24.66
N GLY C 332 -13.83 -10.37 23.35
CA GLY C 332 -13.73 -9.02 22.83
C GLY C 332 -14.97 -8.21 23.14
N LEU C 333 -16.15 -8.79 22.94
CA LEU C 333 -17.40 -8.09 23.28
C LEU C 333 -17.45 -7.76 24.78
N ILE C 334 -17.03 -8.71 25.62
CA ILE C 334 -17.08 -8.51 27.07
C ILE C 334 -16.15 -7.37 27.47
N VAL C 335 -14.94 -7.34 26.92
CA VAL C 335 -13.98 -6.30 27.29
C VAL C 335 -14.44 -4.94 26.78
N ARG C 336 -15.02 -4.90 25.57
CA ARG C 336 -15.59 -3.65 25.07
C ARG C 336 -16.67 -3.13 26.00
N GLU C 337 -17.58 -4.01 26.44
CA GLU C 337 -18.65 -3.56 27.33
C GLU C 337 -18.11 -3.15 28.69
N ARG C 338 -17.06 -3.81 29.17
CA ARG C 338 -16.51 -3.48 30.48
C ARG C 338 -15.78 -2.13 30.46
N ILE C 339 -15.05 -1.85 29.38
CA ILE C 339 -14.27 -0.62 29.34
C ILE C 339 -15.10 0.57 28.88
N LEU C 340 -16.06 0.37 27.98
CA LEU C 340 -16.78 1.47 27.35
C LEU C 340 -18.22 1.63 27.82
N GLY C 341 -18.89 0.54 28.22
CA GLY C 341 -20.33 0.58 28.43
C GLY C 341 -20.79 1.61 29.44
N ALA C 342 -19.95 1.93 30.43
CA ALA C 342 -20.33 2.91 31.43
C ALA C 342 -20.50 4.30 30.81
N ASP C 343 -19.65 4.65 29.86
CA ASP C 343 -19.72 5.96 29.23
C ASP C 343 -20.88 6.02 28.23
N ASN C 344 -21.17 7.24 27.77
CA ASN C 344 -22.31 7.48 26.89
C ASN C 344 -21.85 7.43 25.43
N ILE C 345 -21.69 6.20 24.93
CA ILE C 345 -21.32 5.98 23.53
C ILE C 345 -22.11 4.78 23.02
N ASP C 346 -22.31 4.75 21.70
CA ASP C 346 -23.00 3.63 21.05
C ASP C 346 -21.98 2.53 20.81
N VAL C 347 -22.00 1.52 21.69
CA VAL C 347 -21.06 0.41 21.62
C VAL C 347 -21.69 -0.82 20.97
N SER C 348 -22.81 -0.65 20.27
CA SER C 348 -23.63 -1.78 19.85
C SER C 348 -23.20 -2.39 18.51
N HIS C 349 -22.48 -1.64 17.67
CA HIS C 349 -22.21 -2.11 16.32
C HIS C 349 -21.44 -3.43 16.26
N PRO C 350 -20.37 -3.66 17.02
CA PRO C 350 -19.70 -4.97 16.95
C PRO C 350 -20.58 -6.12 17.40
N ILE C 351 -21.47 -5.89 18.38
CA ILE C 351 -22.42 -6.93 18.79
C ILE C 351 -23.31 -7.33 17.62
N ILE C 352 -23.83 -6.32 16.90
CA ILE C 352 -24.70 -6.59 15.75
C ILE C 352 -23.91 -7.30 14.64
N TYR C 353 -22.63 -6.95 14.48
CA TYR C 353 -21.82 -7.63 13.46
C TYR C 353 -21.60 -9.10 13.81
N ARG C 354 -21.30 -9.40 15.07
CA ARG C 354 -21.14 -10.80 15.48
C ARG C 354 -22.45 -11.56 15.32
N GLY C 355 -23.57 -10.92 15.66
CA GLY C 355 -24.86 -11.55 15.41
C GLY C 355 -25.10 -11.80 13.94
N ALA C 356 -24.68 -10.87 13.08
CA ALA C 356 -24.82 -11.05 11.65
C ALA C 356 -24.02 -12.25 11.17
N VAL C 357 -22.79 -12.41 11.68
CA VAL C 357 -21.97 -13.56 11.30
C VAL C 357 -22.64 -14.85 11.73
N TYR C 358 -23.11 -14.90 12.99
CA TYR C 358 -23.78 -16.09 13.49
C TYR C 358 -25.05 -16.40 12.69
N ALA C 359 -25.75 -15.37 12.22
CA ALA C 359 -26.95 -15.59 11.42
C ALA C 359 -26.59 -16.14 10.04
N ASP C 360 -25.54 -15.59 9.41
CA ASP C 360 -25.07 -16.13 8.15
C ASP C 360 -24.66 -17.59 8.30
N ASN C 361 -24.14 -17.98 9.46
CA ASN C 361 -23.87 -19.38 9.75
C ASN C 361 -25.08 -20.11 10.31
N MET C 362 -26.29 -19.55 10.13
CA MET C 362 -27.55 -20.20 10.48
C MET C 362 -27.63 -20.55 11.97
N GLU C 363 -26.91 -19.81 12.81
CA GLU C 363 -27.04 -19.93 14.25
C GLU C 363 -27.90 -18.78 14.77
N PHE C 364 -29.20 -18.90 14.46
CA PHE C 364 -30.11 -17.77 14.59
C PHE C 364 -30.28 -17.35 16.05
N GLU C 365 -30.42 -18.31 16.96
CA GLU C 365 -30.74 -17.98 18.35
C GLU C 365 -29.63 -17.14 18.99
N GLN C 366 -28.37 -17.44 18.70
CA GLN C 366 -27.27 -16.63 19.21
C GLN C 366 -27.32 -15.22 18.64
N CYS C 367 -27.63 -15.09 17.35
CA CYS C 367 -27.83 -13.77 16.76
C CYS C 367 -28.94 -13.02 17.45
N ILE C 368 -30.01 -13.73 17.83
CA ILE C 368 -31.13 -13.09 18.52
C ILE C 368 -30.68 -12.59 19.89
N LYS C 369 -29.93 -13.42 20.62
CA LYS C 369 -29.39 -12.99 21.91
C LYS C 369 -28.57 -11.72 21.75
N LEU C 370 -27.62 -11.73 20.80
CA LEU C 370 -26.74 -10.59 20.62
C LEU C 370 -27.50 -9.34 20.23
N TRP C 371 -28.47 -9.46 19.32
CA TRP C 371 -29.20 -8.29 18.86
C TRP C 371 -30.13 -7.75 19.95
N LEU C 372 -30.75 -8.64 20.73
CA LEU C 372 -31.54 -8.19 21.87
C LEU C 372 -30.67 -7.43 22.86
N HIS C 373 -29.49 -7.95 23.16
CA HIS C 373 -28.59 -7.27 24.09
C HIS C 373 -28.18 -5.90 23.56
N ALA C 374 -27.81 -5.84 22.28
CA ALA C 374 -27.38 -4.57 21.69
C ALA C 374 -28.52 -3.54 21.69
N LEU C 375 -29.73 -3.97 21.35
CA LEU C 375 -30.86 -3.04 21.31
C LEU C 375 -31.25 -2.59 22.71
N HIS C 376 -31.14 -3.48 23.70
CA HIS C 376 -31.36 -3.06 25.09
C HIS C 376 -30.31 -2.05 25.53
N LEU C 377 -29.06 -2.24 25.09
CA LEU C 377 -28.00 -1.30 25.45
C LEU C 377 -28.19 0.04 24.76
N ARG C 378 -28.81 0.05 23.58
CA ARG C 378 -29.11 1.32 22.92
C ARG C 378 -30.00 2.22 23.78
N GLN C 379 -30.82 1.62 24.64
CA GLN C 379 -31.66 2.38 25.55
C GLN C 379 -31.27 2.11 27.00
N GLY D 7 12.60 12.41 18.26
CA GLY D 7 13.68 12.57 17.30
C GLY D 7 15.05 12.44 17.90
N LEU D 8 15.18 12.81 19.19
CA LEU D 8 16.47 12.78 19.86
C LEU D 8 16.88 11.37 20.25
N ALA D 9 16.72 11.04 21.53
CA ALA D 9 17.24 9.78 22.04
C ALA D 9 16.49 8.56 21.48
N GLY D 10 15.30 8.77 20.90
CA GLY D 10 14.52 7.63 20.43
C GLY D 10 15.21 6.80 19.36
N TYR D 11 16.14 7.40 18.62
CA TYR D 11 16.91 6.66 17.61
C TYR D 11 18.33 6.37 18.04
N VAL D 12 18.91 7.22 18.91
CA VAL D 12 20.22 6.92 19.48
C VAL D 12 20.16 5.66 20.32
N TYR D 13 19.03 5.40 20.98
CA TYR D 13 18.87 4.16 21.72
C TYR D 13 19.03 2.95 20.79
N LYS D 14 18.36 2.98 19.64
CA LYS D 14 18.44 1.84 18.73
C LYS D 14 19.82 1.73 18.10
N ALA D 15 20.44 2.87 17.78
CA ALA D 15 21.78 2.84 17.22
C ALA D 15 22.79 2.23 18.20
N ALA D 16 22.68 2.60 19.48
CA ALA D 16 23.60 2.07 20.49
C ALA D 16 23.27 0.65 20.90
N SER D 17 22.00 0.25 20.85
CA SER D 17 21.56 -1.08 21.27
C SER D 17 22.13 -2.19 20.39
N GLU D 18 22.96 -1.83 19.42
CA GLU D 18 23.71 -2.81 18.66
C GLU D 18 25.00 -3.14 19.40
N GLY D 19 26.15 -2.69 18.91
CA GLY D 19 27.41 -3.06 19.52
C GLY D 19 27.79 -2.30 20.77
N LYS D 20 27.17 -1.14 21.01
CA LYS D 20 27.61 -0.22 22.07
C LYS D 20 26.73 -0.40 23.31
N VAL D 21 27.21 -1.17 24.27
CA VAL D 21 26.43 -1.36 25.49
C VAL D 21 26.54 -0.16 26.43
N LEU D 22 27.67 0.54 26.44
CA LEU D 22 27.83 1.68 27.35
C LEU D 22 27.06 2.90 26.84
N THR D 23 27.06 3.13 25.53
CA THR D 23 26.29 4.25 24.98
C THR D 23 24.80 4.01 25.16
N LEU D 24 24.36 2.75 25.21
CA LEU D 24 23.00 2.46 25.63
C LEU D 24 22.76 2.93 27.06
N ALA D 25 23.64 2.53 27.99
CA ALA D 25 23.52 2.97 29.37
C ALA D 25 23.58 4.48 29.51
N ALA D 26 24.17 5.19 28.55
CA ALA D 26 24.20 6.64 28.58
C ALA D 26 22.79 7.22 28.63
N LEU D 27 22.00 6.98 27.59
CA LEU D 27 20.61 7.42 27.60
C LEU D 27 19.75 6.62 28.55
N LEU D 28 20.25 5.49 29.06
CA LEU D 28 19.55 4.79 30.13
C LEU D 28 19.85 5.47 31.47
N LEU D 29 19.93 6.80 31.46
CA LEU D 29 20.34 7.55 32.65
C LEU D 29 19.23 7.46 33.71
N ASN D 30 19.44 8.18 34.80
CA ASN D 30 18.51 8.17 35.93
C ASN D 30 17.46 9.25 35.69
N ARG D 31 16.41 8.87 34.96
CA ARG D 31 15.26 9.75 34.76
C ARG D 31 14.02 9.05 35.29
N SER D 32 12.84 9.48 34.87
CA SER D 32 11.60 8.92 35.37
C SER D 32 11.27 7.61 34.65
N GLU D 33 10.54 6.75 35.36
CA GLU D 33 10.11 5.47 34.77
C GLU D 33 9.25 5.71 33.53
N SER D 34 8.45 6.78 33.54
CA SER D 34 7.64 7.10 32.37
C SER D 34 8.51 7.38 31.14
N ASP D 35 9.54 8.23 31.31
CA ASP D 35 10.44 8.51 30.19
C ASP D 35 11.23 7.27 29.79
N ILE D 36 11.60 6.43 30.77
CA ILE D 36 12.34 5.22 30.45
C ILE D 36 11.50 4.29 29.58
N ARG D 37 10.28 3.99 30.01
CA ARG D 37 9.37 3.18 29.20
C ARG D 37 9.02 3.86 27.89
N TYR D 38 9.12 5.19 27.83
CA TYR D 38 8.95 5.88 26.55
C TYR D 38 10.08 5.50 25.60
N LEU D 39 11.33 5.64 26.05
CA LEU D 39 12.47 5.30 25.20
C LEU D 39 12.71 3.80 25.13
N LEU D 40 12.23 3.03 26.11
CA LEU D 40 12.35 1.57 26.08
C LEU D 40 11.09 0.89 25.59
N GLY D 41 10.07 1.64 25.21
CA GLY D 41 8.91 1.10 24.53
C GLY D 41 8.82 1.71 23.14
N TYR D 42 9.73 2.64 22.87
CA TYR D 42 9.84 3.30 21.58
C TYR D 42 10.11 2.32 20.46
N VAL D 43 9.07 1.93 19.73
CA VAL D 43 9.26 1.03 18.59
C VAL D 43 9.94 1.80 17.46
N SER D 44 11.17 1.40 17.13
CA SER D 44 11.94 2.04 16.08
C SER D 44 11.87 1.21 14.81
N GLN D 45 11.89 1.89 13.67
CA GLN D 45 11.66 1.26 12.37
C GLN D 45 12.96 1.29 11.56
N GLN D 46 13.74 0.22 11.66
CA GLN D 46 14.93 0.01 10.86
C GLN D 46 14.64 -1.02 9.78
N GLY D 47 14.74 -0.62 8.52
CA GLY D 47 14.53 -1.52 7.39
C GLY D 47 13.20 -2.24 7.43
N GLY D 48 12.12 -1.51 7.67
CA GLY D 48 10.81 -2.13 7.79
C GLY D 48 10.67 -3.05 8.98
N GLN D 49 11.49 -2.88 10.01
CA GLN D 49 11.42 -3.69 11.22
C GLN D 49 11.23 -2.77 12.42
N ARG D 50 10.14 -2.98 13.15
CA ARG D 50 9.91 -2.28 14.41
C ARG D 50 10.51 -3.11 15.54
N SER D 51 11.62 -2.63 16.07
CA SER D 51 12.43 -3.38 17.04
C SER D 51 12.19 -2.83 18.44
N THR D 52 11.73 -3.70 19.34
CA THR D 52 11.72 -3.32 20.74
C THR D 52 13.13 -3.44 21.32
N PRO D 53 13.47 -2.61 22.31
CA PRO D 53 14.85 -2.58 22.81
C PRO D 53 15.45 -3.94 23.14
N LEU D 54 14.65 -4.83 23.72
CA LEU D 54 15.15 -6.17 24.03
C LEU D 54 15.28 -7.01 22.77
N ILE D 55 14.40 -6.80 21.78
CA ILE D 55 14.38 -7.65 20.60
C ILE D 55 15.63 -7.45 19.75
N ILE D 56 16.07 -6.20 19.59
CA ILE D 56 17.26 -5.96 18.78
C ILE D 56 18.49 -6.58 19.43
N ALA D 57 18.55 -6.58 20.77
CA ALA D 57 19.68 -7.17 21.47
C ALA D 57 19.68 -8.69 21.34
N ALA D 58 18.53 -9.33 21.57
CA ALA D 58 18.46 -10.78 21.48
C ALA D 58 18.63 -11.26 20.04
N ARG D 59 18.23 -10.45 19.06
CA ARG D 59 18.44 -10.82 17.66
C ARG D 59 19.90 -10.65 17.26
N ASN D 60 20.51 -9.53 17.64
CA ASN D 60 21.91 -9.25 17.30
C ASN D 60 22.89 -9.92 18.26
N GLY D 61 22.41 -10.58 19.31
CA GLY D 61 23.26 -11.35 20.18
C GLY D 61 24.22 -10.56 21.04
N HIS D 62 23.83 -9.36 21.46
CA HIS D 62 24.67 -8.54 22.33
C HIS D 62 24.28 -8.84 23.77
N ALA D 63 25.08 -9.68 24.44
CA ALA D 63 24.68 -10.21 25.74
C ALA D 63 24.78 -9.17 26.85
N LYS D 64 25.77 -8.27 26.76
CA LYS D 64 25.89 -7.23 27.78
C LYS D 64 24.68 -6.30 27.77
N VAL D 65 24.16 -6.00 26.58
CA VAL D 65 23.00 -5.11 26.46
C VAL D 65 21.79 -5.72 27.15
N VAL D 66 21.51 -6.99 26.86
CA VAL D 66 20.35 -7.63 27.46
C VAL D 66 20.56 -7.83 28.96
N ARG D 67 21.79 -8.10 29.39
CA ARG D 67 22.06 -8.16 30.83
C ARG D 67 21.71 -6.84 31.51
N LEU D 68 22.21 -5.73 30.95
CA LEU D 68 21.91 -4.41 31.49
C LEU D 68 20.40 -4.18 31.57
N LEU D 69 19.69 -4.40 30.44
CA LEU D 69 18.27 -4.09 30.42
C LEU D 69 17.49 -4.99 31.38
N LEU D 70 17.86 -6.26 31.48
CA LEU D 70 17.07 -7.20 32.25
C LEU D 70 17.32 -7.09 33.74
N GLU D 71 18.53 -6.71 34.15
CA GLU D 71 18.79 -6.62 35.58
C GLU D 71 18.58 -5.21 36.13
N HIS D 72 18.88 -4.17 35.37
CA HIS D 72 18.80 -2.82 35.91
C HIS D 72 17.48 -2.12 35.60
N TYR D 73 16.83 -2.45 34.48
CA TYR D 73 15.62 -1.74 34.07
C TYR D 73 14.40 -2.66 34.00
N ARG D 74 14.54 -3.94 34.31
CA ARG D 74 13.42 -4.86 34.50
C ARG D 74 12.43 -4.76 33.33
N VAL D 75 12.96 -4.93 32.13
CA VAL D 75 12.16 -4.82 30.92
C VAL D 75 11.25 -6.03 30.81
N GLN D 76 10.01 -5.78 30.39
CA GLN D 76 9.03 -6.85 30.24
C GLN D 76 9.56 -7.94 29.31
N THR D 77 9.50 -9.18 29.79
CA THR D 77 10.16 -10.30 29.13
C THR D 77 9.41 -10.79 27.89
N GLN D 78 8.18 -10.34 27.66
CA GLN D 78 7.37 -10.84 26.55
C GLN D 78 7.06 -9.74 25.54
N GLN D 79 7.95 -8.77 25.40
CA GLN D 79 7.78 -7.75 24.37
C GLN D 79 7.93 -8.36 22.99
N THR D 80 7.06 -7.96 22.07
CA THR D 80 6.99 -8.51 20.74
C THR D 80 7.34 -7.45 19.71
N GLY D 81 8.06 -7.85 18.66
CA GLY D 81 8.48 -6.91 17.64
C GLY D 81 8.33 -7.37 16.21
N THR D 82 8.90 -6.61 15.28
CA THR D 82 8.93 -6.94 13.86
C THR D 82 10.37 -7.20 13.45
N VAL D 83 10.62 -8.36 12.86
CA VAL D 83 11.97 -8.81 12.54
C VAL D 83 12.01 -9.29 11.09
N ARG D 84 13.18 -9.80 10.69
CA ARG D 84 13.37 -10.29 9.33
C ARG D 84 14.38 -11.44 9.37
N PHE D 85 13.96 -12.61 8.90
CA PHE D 85 14.82 -13.78 8.78
C PHE D 85 15.21 -13.93 7.32
N ASP D 86 16.48 -13.63 7.01
CA ASP D 86 16.94 -13.53 5.64
C ASP D 86 16.08 -12.53 4.88
N GLY D 87 15.03 -13.01 4.22
CA GLY D 87 14.08 -12.13 3.57
C GLY D 87 12.70 -12.24 4.17
N TYR D 88 12.46 -13.29 4.97
CA TYR D 88 11.16 -13.53 5.56
C TYR D 88 10.94 -12.63 6.78
N VAL D 89 9.72 -12.16 6.93
CA VAL D 89 9.33 -11.29 8.04
C VAL D 89 8.43 -12.09 8.98
N ILE D 90 8.67 -11.97 10.28
CA ILE D 90 7.92 -12.69 11.30
C ILE D 90 7.37 -11.65 12.28
N ASP D 91 6.06 -11.46 12.26
CA ASP D 91 5.39 -10.54 13.17
C ASP D 91 4.83 -11.31 14.36
N GLY D 92 4.79 -10.64 15.51
CA GLY D 92 4.25 -11.24 16.71
C GLY D 92 5.20 -12.14 17.47
N ALA D 93 6.50 -11.88 17.40
CA ALA D 93 7.52 -12.71 18.03
C ALA D 93 8.23 -11.94 19.12
N THR D 94 8.52 -12.63 20.23
CA THR D 94 9.28 -12.04 21.33
C THR D 94 10.77 -12.20 21.10
N ALA D 95 11.55 -11.54 21.96
CA ALA D 95 13.00 -11.55 21.79
C ALA D 95 13.60 -12.93 22.02
N LEU D 96 13.01 -13.73 22.90
CA LEU D 96 13.50 -15.09 23.11
C LEU D 96 13.36 -15.92 21.84
N TRP D 97 12.31 -15.69 21.06
CA TRP D 97 12.14 -16.40 19.80
C TRP D 97 13.22 -16.01 18.79
N CYS D 98 13.51 -14.71 18.68
CA CYS D 98 14.59 -14.26 17.81
C CYS D 98 15.93 -14.81 18.26
N ALA D 99 16.12 -14.94 19.58
CA ALA D 99 17.36 -15.48 20.11
C ALA D 99 17.51 -16.95 19.75
N ALA D 100 16.44 -17.73 19.93
CA ALA D 100 16.47 -19.14 19.55
C ALA D 100 16.65 -19.32 18.05
N GLY D 101 16.17 -18.37 17.26
CA GLY D 101 16.35 -18.42 15.82
C GLY D 101 17.78 -18.13 15.39
N ALA D 102 18.30 -16.99 15.83
CA ALA D 102 19.67 -16.61 15.47
C ALA D 102 20.71 -17.41 16.23
N GLY D 103 20.31 -18.20 17.23
CA GLY D 103 21.23 -19.09 17.93
C GLY D 103 22.20 -18.38 18.85
N HIS D 104 21.70 -17.50 19.70
CA HIS D 104 22.51 -16.84 20.72
C HIS D 104 22.16 -17.49 22.06
N PHE D 105 22.89 -18.56 22.39
CA PHE D 105 22.59 -19.37 23.56
C PHE D 105 22.65 -18.53 24.84
N GLU D 106 23.57 -17.57 24.90
CA GLU D 106 23.77 -16.80 26.13
C GLU D 106 22.56 -15.93 26.44
N VAL D 107 22.05 -15.21 25.43
CA VAL D 107 20.88 -14.37 25.68
C VAL D 107 19.64 -15.23 25.89
N VAL D 108 19.62 -16.44 25.31
CA VAL D 108 18.53 -17.38 25.60
C VAL D 108 18.51 -17.72 27.08
N LYS D 109 19.66 -18.11 27.62
CA LYS D 109 19.77 -18.40 29.05
C LYS D 109 19.39 -17.18 29.88
N LEU D 110 19.88 -16.01 29.49
CA LEU D 110 19.63 -14.80 30.27
C LEU D 110 18.14 -14.46 30.28
N LEU D 111 17.43 -14.70 29.18
CA LEU D 111 16.01 -14.42 29.13
C LEU D 111 15.21 -15.43 29.95
N VAL D 112 15.46 -16.72 29.75
CA VAL D 112 14.65 -17.72 30.44
C VAL D 112 14.93 -17.69 31.95
N SER D 113 16.16 -17.36 32.35
CA SER D 113 16.46 -17.33 33.78
C SER D 113 15.70 -16.21 34.47
N HIS D 114 15.58 -15.06 33.82
CA HIS D 114 14.84 -13.92 34.36
C HIS D 114 13.34 -14.03 34.15
N GLY D 115 12.83 -15.23 33.84
CA GLY D 115 11.40 -15.46 33.77
C GLY D 115 10.76 -15.16 32.44
N ALA D 116 11.24 -15.81 31.38
CA ALA D 116 10.67 -15.66 30.05
C ALA D 116 9.74 -16.83 29.73
N ASN D 117 8.69 -16.53 28.97
CA ASN D 117 7.78 -17.57 28.49
C ASN D 117 8.53 -18.46 27.52
N VAL D 118 8.92 -19.65 27.96
CA VAL D 118 9.69 -20.55 27.12
C VAL D 118 8.83 -21.13 26.00
N ASN D 119 7.50 -21.06 26.14
CA ASN D 119 6.58 -21.60 25.15
C ASN D 119 5.77 -20.50 24.47
N HIS D 120 6.36 -19.32 24.32
CA HIS D 120 5.67 -18.24 23.62
C HIS D 120 5.43 -18.62 22.17
N THR D 121 4.25 -18.23 21.65
CA THR D 121 3.80 -18.62 20.33
C THR D 121 3.68 -17.39 19.44
N THR D 122 4.19 -17.50 18.21
CA THR D 122 4.11 -16.44 17.22
C THR D 122 2.82 -16.61 16.41
N VAL D 123 2.60 -15.71 15.45
CA VAL D 123 1.38 -15.76 14.64
C VAL D 123 1.29 -17.07 13.87
N THR D 124 2.43 -17.64 13.48
CA THR D 124 2.47 -18.88 12.73
C THR D 124 2.51 -20.12 13.64
N ASN D 125 2.21 -19.95 14.93
CA ASN D 125 2.23 -21.04 15.90
C ASN D 125 3.62 -21.68 15.98
N SER D 126 4.64 -20.84 16.09
CA SER D 126 6.03 -21.28 16.11
C SER D 126 6.61 -21.10 17.50
N THR D 127 7.15 -22.17 18.05
CA THR D 127 7.85 -22.12 19.32
C THR D 127 9.28 -21.65 19.11
N PRO D 128 9.89 -21.03 20.13
CA PRO D 128 11.35 -20.82 20.06
C PRO D 128 12.11 -22.12 19.93
N LEU D 129 11.59 -23.19 20.53
CA LEU D 129 12.12 -24.53 20.27
C LEU D 129 12.09 -24.85 18.79
N ARG D 130 11.04 -24.41 18.08
CA ARG D 130 10.99 -24.63 16.64
C ARG D 130 12.08 -23.83 15.91
N ALA D 131 12.32 -22.59 16.33
CA ALA D 131 13.39 -21.80 15.72
C ALA D 131 14.74 -22.47 15.92
N ALA D 132 14.99 -22.98 17.13
CA ALA D 132 16.24 -23.69 17.39
C ALA D 132 16.35 -24.95 16.52
N CYS D 133 15.27 -25.72 16.44
CA CYS D 133 15.28 -26.93 15.61
C CYS D 133 15.52 -26.59 14.15
N PHE D 134 14.99 -25.46 13.69
CA PHE D 134 15.22 -25.02 12.32
C PHE D 134 16.69 -24.68 12.10
N ASP D 135 17.27 -23.90 13.02
CA ASP D 135 18.68 -23.55 12.86
C ASP D 135 19.60 -24.72 13.18
N GLY D 136 19.12 -25.73 13.89
CA GLY D 136 19.92 -26.89 14.22
C GLY D 136 20.76 -26.78 15.47
N ARG D 137 20.46 -25.81 16.33
CA ARG D 137 21.26 -25.58 17.54
C ARG D 137 20.82 -26.55 18.62
N LEU D 138 21.61 -27.61 18.81
CA LEU D 138 21.27 -28.61 19.83
C LEU D 138 21.35 -28.04 21.23
N ASP D 139 22.27 -27.10 21.46
CA ASP D 139 22.41 -26.50 22.79
C ASP D 139 21.12 -25.79 23.20
N ILE D 140 20.58 -24.94 22.33
CA ILE D 140 19.39 -24.17 22.69
C ILE D 140 18.18 -25.08 22.89
N VAL D 141 18.02 -26.10 22.03
CA VAL D 141 16.84 -26.96 22.15
C VAL D 141 16.93 -27.81 23.40
N LYS D 142 18.12 -28.34 23.72
CA LYS D 142 18.29 -29.06 24.98
C LYS D 142 17.98 -28.16 26.17
N TYR D 143 18.56 -26.96 26.18
CA TYR D 143 18.37 -26.05 27.31
C TYR D 143 16.92 -25.63 27.46
N LEU D 144 16.19 -25.51 26.34
CA LEU D 144 14.78 -25.12 26.41
C LEU D 144 13.93 -26.27 26.92
N VAL D 145 14.12 -27.47 26.37
CA VAL D 145 13.37 -28.63 26.84
C VAL D 145 13.62 -28.86 28.32
N GLU D 146 14.87 -28.66 28.78
CA GLU D 146 15.14 -28.78 30.20
C GLU D 146 14.38 -27.74 31.01
N ASN D 147 14.16 -26.56 30.44
CA ASN D 147 13.42 -25.49 31.12
C ASN D 147 11.93 -25.56 30.79
N ASN D 148 11.36 -26.74 30.98
CA ASN D 148 9.94 -27.05 30.77
C ASN D 148 9.38 -26.36 29.51
N ALA D 149 9.93 -26.76 28.36
CA ALA D 149 9.39 -26.37 27.06
C ALA D 149 8.62 -27.55 26.47
N ASN D 150 7.48 -27.24 25.85
CA ASN D 150 6.63 -28.28 25.30
C ASN D 150 7.13 -28.69 23.92
N ILE D 151 7.52 -29.96 23.78
CA ILE D 151 8.05 -30.47 22.52
C ILE D 151 6.94 -30.78 21.53
N SER D 152 5.72 -31.04 22.00
CA SER D 152 4.64 -31.54 21.15
C SER D 152 3.99 -30.45 20.30
N ILE D 153 4.21 -29.18 20.61
CA ILE D 153 3.47 -28.11 19.94
C ILE D 153 3.81 -28.07 18.47
N ALA D 154 2.80 -28.18 17.62
CA ALA D 154 2.95 -28.07 16.18
C ALA D 154 2.58 -26.65 15.74
N ASN D 155 2.73 -26.39 14.44
CA ASN D 155 2.55 -25.04 13.90
C ASN D 155 1.25 -24.96 13.10
N LYS D 156 1.16 -23.91 12.27
CA LYS D 156 -0.02 -23.65 11.45
C LYS D 156 -0.47 -24.87 10.68
N TYR D 157 0.43 -25.45 9.88
CA TYR D 157 0.11 -26.62 9.06
C TYR D 157 0.44 -27.93 9.77
N ASP D 158 0.44 -27.93 11.10
CA ASP D 158 0.63 -29.14 11.89
C ASP D 158 2.00 -29.78 11.63
N ASN D 159 3.03 -28.94 11.56
CA ASN D 159 4.40 -29.41 11.40
C ASN D 159 5.08 -29.42 12.77
N THR D 160 5.57 -30.59 13.17
CA THR D 160 6.22 -30.75 14.45
C THR D 160 7.67 -30.26 14.39
N CYS D 161 8.24 -30.00 15.56
CA CYS D 161 9.66 -29.66 15.62
C CYS D 161 10.52 -30.81 15.11
N LEU D 162 10.09 -32.05 15.39
CA LEU D 162 10.77 -33.21 14.84
C LEU D 162 10.79 -33.18 13.32
N MET D 163 9.67 -32.83 12.70
CA MET D 163 9.57 -32.92 11.25
C MET D 163 10.38 -31.82 10.56
N ILE D 164 10.36 -30.61 11.10
CA ILE D 164 11.20 -29.55 10.53
C ILE D 164 12.68 -29.84 10.80
N ALA D 165 13.00 -30.45 11.94
CA ALA D 165 14.38 -30.85 12.19
C ALA D 165 14.83 -31.96 11.25
N ALA D 166 13.91 -32.84 10.84
CA ALA D 166 14.24 -33.92 9.92
C ALA D 166 14.35 -33.44 8.48
N TYR D 167 13.53 -32.45 8.09
CA TYR D 167 13.64 -31.93 6.73
C TYR D 167 14.99 -31.24 6.50
N LYS D 168 15.48 -30.51 7.50
CA LYS D 168 16.85 -30.04 7.47
C LYS D 168 17.79 -31.17 7.88
N GLY D 169 19.08 -30.99 7.59
CA GLY D 169 20.03 -32.04 7.84
C GLY D 169 20.48 -32.18 9.28
N HIS D 170 19.82 -31.52 10.22
CA HIS D 170 20.25 -31.54 11.61
C HIS D 170 19.97 -32.89 12.27
N THR D 171 20.97 -33.77 12.29
CA THR D 171 20.80 -35.13 12.80
C THR D 171 20.81 -35.17 14.32
N ASP D 172 21.66 -34.36 14.94
CA ASP D 172 21.81 -34.41 16.40
C ASP D 172 20.53 -33.99 17.09
N VAL D 173 19.88 -32.92 16.62
CA VAL D 173 18.64 -32.49 17.26
C VAL D 173 17.54 -33.51 17.04
N VAL D 174 17.56 -34.24 15.92
CA VAL D 174 16.58 -35.28 15.68
C VAL D 174 16.77 -36.42 16.68
N ARG D 175 18.02 -36.89 16.83
CA ARG D 175 18.30 -37.93 17.80
C ARG D 175 17.88 -37.49 19.20
N TYR D 176 18.15 -36.22 19.54
CA TYR D 176 17.81 -35.72 20.87
C TYR D 176 16.30 -35.68 21.08
N LEU D 177 15.55 -35.22 20.08
CA LEU D 177 14.09 -35.21 20.20
C LEU D 177 13.54 -36.62 20.35
N LEU D 178 14.02 -37.55 19.52
CA LEU D 178 13.49 -38.91 19.58
C LEU D 178 13.84 -39.59 20.89
N GLU D 179 15.01 -39.30 21.46
CA GLU D 179 15.36 -39.87 22.76
C GLU D 179 14.69 -39.14 23.92
N GLN D 180 14.27 -37.89 23.72
CA GLN D 180 13.51 -37.16 24.74
C GLN D 180 12.19 -37.87 25.01
N ARG D 181 11.26 -37.77 24.05
CA ARG D 181 9.98 -38.47 24.07
C ARG D 181 9.17 -38.11 22.83
N ALA D 182 9.83 -37.60 21.80
CA ALA D 182 9.13 -37.18 20.60
C ALA D 182 8.50 -38.37 19.88
N ASP D 183 7.24 -38.25 19.53
CA ASP D 183 6.54 -39.27 18.78
C ASP D 183 7.07 -39.31 17.35
N PRO D 184 7.75 -40.38 16.95
CA PRO D 184 8.28 -40.42 15.57
C PRO D 184 7.18 -40.52 14.53
N ASN D 185 6.03 -41.07 14.89
CA ASN D 185 4.92 -41.27 13.96
C ASN D 185 3.93 -40.12 13.95
N ALA D 186 4.34 -38.95 14.45
CA ALA D 186 3.48 -37.78 14.38
C ALA D 186 3.23 -37.40 12.93
N LYS D 187 1.97 -37.21 12.57
CA LYS D 187 1.57 -36.94 11.20
C LYS D 187 1.23 -35.46 11.04
N ALA D 188 1.57 -34.90 9.89
CA ALA D 188 1.23 -33.53 9.56
C ALA D 188 -0.25 -33.45 9.20
N HIS D 189 -0.68 -32.29 8.68
CA HIS D 189 -2.08 -32.14 8.30
C HIS D 189 -2.46 -33.10 7.19
N CYS D 190 -1.51 -33.46 6.33
CA CYS D 190 -1.75 -34.35 5.20
C CYS D 190 -1.37 -35.79 5.50
N GLY D 191 -0.96 -36.09 6.74
CA GLY D 191 -0.57 -37.42 7.12
C GLY D 191 0.90 -37.73 6.94
N ALA D 192 1.69 -36.77 6.49
CA ALA D 192 3.11 -37.01 6.26
C ALA D 192 3.88 -37.02 7.57
N THR D 193 4.76 -38.00 7.70
CA THR D 193 5.66 -38.14 8.85
C THR D 193 6.99 -37.46 8.54
N ALA D 194 7.74 -37.15 9.61
CA ALA D 194 9.11 -36.68 9.44
C ALA D 194 9.92 -37.62 8.56
N LEU D 195 9.55 -38.90 8.54
CA LEU D 195 10.20 -39.86 7.64
C LEU D 195 9.96 -39.47 6.18
N HIS D 196 8.76 -39.00 5.85
CA HIS D 196 8.50 -38.54 4.49
C HIS D 196 9.39 -37.35 4.13
N PHE D 197 9.52 -36.39 5.06
CA PHE D 197 10.37 -35.23 4.80
C PHE D 197 11.82 -35.64 4.61
N ALA D 198 12.31 -36.55 5.44
CA ALA D 198 13.69 -37.02 5.31
C ALA D 198 13.88 -37.81 4.02
N ALA D 199 12.85 -38.53 3.56
CA ALA D 199 12.97 -39.29 2.33
C ALA D 199 12.97 -38.37 1.11
N GLU D 200 12.21 -37.29 1.16
CA GLU D 200 12.25 -36.30 0.08
C GLU D 200 13.65 -35.71 -0.05
N ALA D 201 14.20 -35.21 1.06
CA ALA D 201 15.57 -34.75 1.08
C ALA D 201 16.53 -35.93 0.99
N GLY D 202 17.83 -35.64 0.94
CA GLY D 202 18.84 -36.67 0.88
C GLY D 202 19.39 -37.09 2.22
N HIS D 203 18.81 -36.60 3.31
CA HIS D 203 19.33 -36.85 4.65
C HIS D 203 19.15 -38.33 4.99
N ILE D 204 20.22 -39.11 4.82
CA ILE D 204 20.15 -40.55 5.02
C ILE D 204 20.32 -40.91 6.50
N ASP D 205 21.14 -40.14 7.23
CA ASP D 205 21.34 -40.42 8.65
C ASP D 205 20.09 -40.10 9.46
N ILE D 206 19.30 -39.10 9.04
CA ILE D 206 18.01 -38.85 9.67
C ILE D 206 17.14 -40.09 9.56
N VAL D 207 17.11 -40.71 8.38
CA VAL D 207 16.33 -41.93 8.20
C VAL D 207 16.88 -43.06 9.05
N LYS D 208 18.21 -43.16 9.14
CA LYS D 208 18.82 -44.15 10.03
C LYS D 208 18.29 -43.99 11.45
N GLU D 209 18.35 -42.78 11.99
CA GLU D 209 17.92 -42.55 13.37
C GLU D 209 16.43 -42.80 13.53
N LEU D 210 15.63 -42.43 12.52
CA LEU D 210 14.18 -42.65 12.60
C LEU D 210 13.85 -44.14 12.65
N ILE D 211 14.47 -44.92 11.76
CA ILE D 211 14.29 -46.38 11.80
C ILE D 211 14.78 -46.93 13.13
N LYS D 212 15.82 -46.33 13.70
CA LYS D 212 16.34 -46.79 14.99
C LYS D 212 15.28 -46.68 16.09
N TRP D 213 14.48 -45.62 16.05
CA TRP D 213 13.44 -45.40 17.05
C TRP D 213 12.08 -45.94 16.62
N ARG D 214 12.06 -47.00 15.81
CA ARG D 214 10.84 -47.71 15.45
C ARG D 214 9.85 -46.79 14.72
N ALA D 215 10.36 -46.05 13.73
CA ALA D 215 9.49 -45.25 12.89
C ALA D 215 8.62 -46.15 12.02
N ALA D 216 7.43 -45.66 11.69
CA ALA D 216 6.46 -46.42 10.92
C ALA D 216 6.40 -45.90 9.50
N ILE D 217 6.38 -46.83 8.54
CA ILE D 217 6.20 -46.48 7.14
C ILE D 217 4.71 -46.30 6.87
N VAL D 218 4.23 -45.08 7.04
CA VAL D 218 2.81 -44.77 6.92
C VAL D 218 2.54 -44.18 5.54
N VAL D 219 1.33 -44.39 5.05
CA VAL D 219 0.88 -43.82 3.80
C VAL D 219 0.19 -42.50 4.10
N ASN D 220 0.72 -41.40 3.56
CA ASN D 220 0.13 -40.09 3.80
C ASN D 220 -1.17 -39.94 3.01
N GLY D 221 -1.76 -38.74 3.10
CA GLY D 221 -2.98 -38.48 2.37
C GLY D 221 -2.80 -38.56 0.87
N HIS D 222 -1.59 -38.28 0.39
CA HIS D 222 -1.28 -38.37 -1.03
C HIS D 222 -1.08 -39.81 -1.50
N GLY D 223 -1.31 -40.80 -0.63
CA GLY D 223 -1.16 -42.19 -0.99
C GLY D 223 0.27 -42.60 -1.30
N MET D 224 1.22 -42.17 -0.46
CA MET D 224 2.63 -42.44 -0.69
C MET D 224 3.32 -42.83 0.60
N THR D 225 3.95 -43.99 0.61
CA THR D 225 4.90 -44.33 1.64
C THR D 225 6.14 -43.46 1.49
N PRO D 226 6.93 -43.28 2.56
CA PRO D 226 8.22 -42.58 2.39
C PRO D 226 9.11 -43.27 1.38
N LEU D 227 8.95 -44.58 1.21
CA LEU D 227 9.63 -45.29 0.14
C LEU D 227 9.20 -44.77 -1.23
N LYS D 228 7.90 -44.54 -1.42
CA LYS D 228 7.42 -43.99 -2.67
C LYS D 228 7.89 -42.55 -2.86
N VAL D 229 7.92 -41.77 -1.79
CA VAL D 229 8.46 -40.42 -1.84
C VAL D 229 9.91 -40.44 -2.31
N ALA D 230 10.71 -41.34 -1.74
CA ALA D 230 12.12 -41.42 -2.09
C ALA D 230 12.32 -41.88 -3.54
N ALA D 231 11.53 -42.86 -3.98
CA ALA D 231 11.66 -43.35 -5.35
C ALA D 231 11.25 -42.29 -6.37
N GLU D 232 10.17 -41.56 -6.07
CA GLU D 232 9.71 -40.54 -7.01
C GLU D 232 10.72 -39.41 -7.19
N SER D 233 11.46 -39.08 -6.14
CA SER D 233 12.37 -37.95 -6.15
C SER D 233 13.80 -38.33 -6.55
N CYS D 234 14.00 -39.54 -7.07
CA CYS D 234 15.31 -39.98 -7.56
C CYS D 234 16.38 -39.95 -6.48
N LYS D 235 16.03 -40.44 -5.29
CA LYS D 235 16.95 -40.52 -4.16
C LYS D 235 17.28 -41.99 -3.94
N ALA D 236 18.23 -42.51 -4.74
CA ALA D 236 18.45 -43.95 -4.80
C ALA D 236 19.03 -44.49 -3.49
N ASP D 237 19.96 -43.76 -2.88
CA ASP D 237 20.59 -44.24 -1.65
C ASP D 237 19.56 -44.44 -0.55
N VAL D 238 18.66 -43.47 -0.36
CA VAL D 238 17.67 -43.62 0.70
C VAL D 238 16.62 -44.64 0.32
N VAL D 239 16.39 -44.88 -0.97
CA VAL D 239 15.49 -45.97 -1.37
C VAL D 239 16.08 -47.30 -0.95
N GLU D 240 17.37 -47.51 -1.23
CA GLU D 240 18.03 -48.74 -0.83
C GLU D 240 18.08 -48.88 0.68
N LEU D 241 18.21 -47.77 1.40
CA LEU D 241 18.15 -47.83 2.87
C LEU D 241 16.75 -48.25 3.33
N LEU D 242 15.71 -47.64 2.76
CA LEU D 242 14.33 -47.95 3.14
C LEU D 242 13.97 -49.39 2.81
N LEU D 243 14.60 -49.97 1.78
CA LEU D 243 14.33 -51.36 1.43
C LEU D 243 14.68 -52.33 2.56
N SER D 244 15.53 -51.91 3.51
CA SER D 244 15.88 -52.79 4.63
C SER D 244 14.74 -52.91 5.63
N HIS D 245 13.92 -51.87 5.76
CA HIS D 245 12.92 -51.79 6.81
C HIS D 245 12.06 -53.05 6.86
N ALA D 246 11.91 -53.60 8.06
CA ALA D 246 11.21 -54.88 8.26
C ALA D 246 9.70 -54.66 8.16
N ASP D 247 9.27 -54.29 6.95
CA ASP D 247 7.86 -54.06 6.66
C ASP D 247 7.59 -54.23 5.18
N CYS D 248 8.54 -53.80 4.34
CA CYS D 248 8.36 -53.81 2.90
C CYS D 248 8.13 -55.20 2.36
N ASP D 249 6.91 -55.49 1.92
CA ASP D 249 6.66 -56.77 1.27
C ASP D 249 7.28 -56.76 -0.14
N ARG D 250 7.19 -57.91 -0.80
CA ARG D 250 7.77 -58.05 -2.13
C ARG D 250 7.19 -57.03 -3.10
N ARG D 251 5.87 -56.83 -3.06
CA ARG D 251 5.22 -55.91 -3.99
C ARG D 251 5.70 -54.48 -3.79
N SER D 252 5.84 -54.04 -2.53
CA SER D 252 6.33 -52.69 -2.28
C SER D 252 7.79 -52.54 -2.73
N ARG D 253 8.59 -53.59 -2.56
CA ARG D 253 9.97 -53.56 -3.03
C ARG D 253 10.03 -53.35 -4.54
N ILE D 254 9.28 -54.16 -5.29
CA ILE D 254 9.28 -54.02 -6.75
C ILE D 254 8.70 -52.68 -7.17
N GLU D 255 7.66 -52.20 -6.46
CA GLU D 255 7.08 -50.90 -6.76
C GLU D 255 8.12 -49.80 -6.60
N ALA D 256 8.88 -49.83 -5.51
CA ALA D 256 9.91 -48.83 -5.28
C ALA D 256 10.98 -48.88 -6.35
N LEU D 257 11.44 -50.08 -6.69
CA LEU D 257 12.47 -50.21 -7.73
C LEU D 257 11.98 -49.64 -9.06
N GLU D 258 10.76 -50.02 -9.45
CA GLU D 258 10.22 -49.55 -10.73
C GLU D 258 10.02 -48.05 -10.74
N LEU D 259 9.52 -47.47 -9.64
CA LEU D 259 9.30 -46.03 -9.60
C LEU D 259 10.62 -45.28 -9.62
N LEU D 260 11.64 -45.78 -8.91
CA LEU D 260 12.94 -45.13 -8.93
C LEU D 260 13.54 -45.16 -10.32
N GLY D 261 13.48 -46.31 -10.99
CA GLY D 261 13.97 -46.37 -12.36
C GLY D 261 13.19 -45.46 -13.29
N ALA D 262 11.88 -45.34 -13.05
CA ALA D 262 11.04 -44.51 -13.92
C ALA D 262 11.37 -43.04 -13.76
N SER D 263 11.57 -42.57 -12.53
CA SER D 263 11.78 -41.16 -12.30
C SER D 263 13.11 -40.69 -12.87
N PHE D 264 14.09 -41.59 -13.00
CA PHE D 264 15.37 -41.23 -13.60
C PHE D 264 15.28 -40.96 -15.10
N ALA D 265 14.19 -41.36 -15.75
CA ALA D 265 14.06 -41.23 -17.20
C ALA D 265 13.57 -39.87 -17.63
N ASN D 266 12.91 -39.11 -16.76
CA ASN D 266 12.36 -37.81 -17.16
C ASN D 266 12.54 -36.76 -16.08
N ASP D 267 13.50 -36.92 -15.18
CA ASP D 267 13.85 -35.89 -14.21
C ASP D 267 14.94 -35.02 -14.83
N ARG D 268 14.67 -33.72 -14.94
CA ARG D 268 15.65 -32.80 -15.51
C ARG D 268 16.94 -32.82 -14.72
N GLU D 269 16.85 -32.84 -13.39
CA GLU D 269 18.04 -32.73 -12.54
C GLU D 269 18.81 -34.05 -12.47
N ASN D 270 18.09 -35.18 -12.37
CA ASN D 270 18.71 -36.46 -12.06
C ASN D 270 18.68 -37.45 -13.23
N TYR D 271 18.56 -36.97 -14.46
CA TYR D 271 18.40 -37.88 -15.59
C TYR D 271 19.58 -38.84 -15.70
N ASP D 272 19.27 -40.13 -15.85
CA ASP D 272 20.30 -41.16 -16.00
C ASP D 272 19.60 -42.40 -16.56
N ILE D 273 19.73 -42.61 -17.88
CA ILE D 273 19.02 -43.70 -18.54
C ILE D 273 19.56 -45.05 -18.09
N MET D 274 20.85 -45.13 -17.77
CA MET D 274 21.41 -46.39 -17.28
C MET D 274 20.75 -46.81 -15.98
N LYS D 275 20.53 -45.86 -15.07
CA LYS D 275 19.84 -46.19 -13.82
C LYS D 275 18.41 -46.62 -14.07
N THR D 276 17.73 -45.97 -15.02
CA THR D 276 16.39 -46.39 -15.41
C THR D 276 16.36 -47.86 -15.77
N TYR D 277 17.19 -48.24 -16.76
CA TYR D 277 17.18 -49.63 -17.20
C TYR D 277 17.62 -50.57 -16.07
N HIS D 278 18.62 -50.16 -15.29
CA HIS D 278 19.12 -51.01 -14.21
C HIS D 278 18.01 -51.36 -13.23
N TYR D 279 17.32 -50.34 -12.71
CA TYR D 279 16.30 -50.60 -11.70
C TYR D 279 15.08 -51.29 -12.30
N LEU D 280 14.70 -50.92 -13.53
CA LEU D 280 13.57 -51.60 -14.17
C LEU D 280 13.85 -53.09 -14.34
N TYR D 281 15.04 -53.42 -14.85
CA TYR D 281 15.39 -54.83 -15.08
C TYR D 281 15.56 -55.58 -13.76
N LEU D 282 16.09 -54.91 -12.73
CA LEU D 282 16.20 -55.55 -11.42
C LEU D 282 14.83 -55.91 -10.87
N ALA D 283 13.88 -54.97 -10.95
CA ALA D 283 12.52 -55.25 -10.48
C ALA D 283 11.86 -56.33 -11.32
N MET D 284 12.13 -56.36 -12.62
CA MET D 284 11.58 -57.42 -13.47
C MET D 284 12.12 -58.78 -13.07
N LEU D 285 13.43 -58.88 -12.86
CA LEU D 285 14.03 -60.13 -12.42
C LEU D 285 13.44 -60.58 -11.08
N GLU D 286 13.24 -59.65 -10.16
CA GLU D 286 12.65 -60.02 -8.87
C GLU D 286 11.18 -60.42 -9.02
N ARG D 287 10.48 -59.84 -9.99
CA ARG D 287 9.13 -60.32 -10.30
C ARG D 287 9.18 -61.75 -10.80
N PHE D 288 10.19 -62.10 -11.58
CA PHE D 288 10.34 -63.44 -12.16
C PHE D 288 11.34 -64.30 -11.38
N GLN D 289 11.44 -64.07 -10.06
CA GLN D 289 12.34 -64.87 -9.24
C GLN D 289 11.99 -66.35 -9.29
N ASP D 290 10.70 -66.66 -9.25
CA ASP D 290 10.21 -68.04 -9.29
C ASP D 290 9.31 -68.20 -10.51
N GLY D 291 9.72 -69.07 -11.43
CA GLY D 291 8.92 -69.32 -12.62
C GLY D 291 7.58 -69.96 -12.33
N ASP D 292 7.39 -70.50 -11.13
CA ASP D 292 6.12 -71.10 -10.73
C ASP D 292 5.24 -70.15 -9.93
N ASN D 293 5.76 -69.00 -9.52
CA ASN D 293 4.99 -68.02 -8.76
C ASN D 293 5.37 -66.62 -9.23
N ILE D 294 5.09 -66.35 -10.51
CA ILE D 294 5.47 -65.07 -11.12
C ILE D 294 4.52 -63.98 -10.63
N LEU D 295 5.10 -62.90 -10.10
CA LEU D 295 4.33 -61.74 -9.66
C LEU D 295 4.08 -60.86 -10.88
N GLU D 296 2.96 -61.11 -11.56
CA GLU D 296 2.62 -60.36 -12.76
C GLU D 296 2.28 -58.92 -12.42
N LYS D 297 2.33 -58.06 -13.44
CA LYS D 297 2.02 -56.65 -13.29
C LYS D 297 0.69 -56.36 -13.96
N GLU D 298 -0.11 -55.50 -13.31
CA GLU D 298 -1.45 -55.18 -13.79
C GLU D 298 -1.42 -54.65 -15.23
N VAL D 299 -0.70 -53.54 -15.43
CA VAL D 299 -0.54 -52.88 -16.72
C VAL D 299 -1.87 -52.28 -17.18
N LEU D 300 -1.91 -50.95 -17.27
CA LEU D 300 -3.09 -50.27 -17.78
C LEU D 300 -3.18 -50.44 -19.30
N PRO D 301 -4.33 -50.15 -19.89
CA PRO D 301 -4.44 -50.16 -21.36
C PRO D 301 -3.47 -49.16 -21.97
N PRO D 302 -3.12 -49.33 -23.24
CA PRO D 302 -2.16 -48.40 -23.87
C PRO D 302 -2.68 -46.97 -23.86
N ILE D 303 -1.80 -46.04 -23.52
CA ILE D 303 -2.09 -44.62 -23.50
C ILE D 303 -1.46 -44.01 -24.75
N HIS D 304 -2.28 -43.32 -25.54
CA HIS D 304 -1.80 -42.79 -26.82
C HIS D 304 -0.73 -41.71 -26.64
N ALA D 305 -0.85 -40.91 -25.58
CA ALA D 305 0.09 -39.82 -25.37
C ALA D 305 1.52 -40.31 -25.24
N TYR D 306 1.72 -41.49 -24.65
CA TYR D 306 3.03 -42.09 -24.49
C TYR D 306 3.42 -42.97 -25.67
N GLY D 307 2.99 -42.60 -26.88
CA GLY D 307 3.34 -43.38 -28.05
C GLY D 307 2.56 -44.67 -28.21
N ASN D 308 1.38 -44.77 -27.60
CA ASN D 308 0.52 -45.94 -27.68
C ASN D 308 1.21 -47.20 -27.16
N ARG D 309 2.19 -47.05 -26.29
CA ARG D 309 3.00 -48.17 -25.82
C ARG D 309 2.38 -48.83 -24.60
N THR D 310 2.50 -50.15 -24.54
CA THR D 310 2.11 -50.92 -23.37
C THR D 310 3.37 -51.23 -22.55
N GLU D 311 3.22 -51.23 -21.23
CA GLU D 311 4.36 -51.46 -20.35
C GLU D 311 4.93 -52.86 -20.57
N CYS D 312 6.25 -52.97 -20.44
CA CYS D 312 6.92 -54.25 -20.58
C CYS D 312 6.48 -55.19 -19.47
N ARG D 313 6.08 -56.41 -19.85
CA ARG D 313 5.46 -57.34 -18.92
C ARG D 313 6.34 -58.53 -18.55
N ASN D 314 7.49 -58.70 -19.19
CA ASN D 314 8.40 -59.79 -18.89
C ASN D 314 9.81 -59.32 -19.22
N PRO D 315 10.84 -60.03 -18.73
CA PRO D 315 12.22 -59.57 -18.99
C PRO D 315 12.58 -59.47 -20.46
N GLN D 316 11.94 -60.26 -21.33
CA GLN D 316 12.26 -60.20 -22.75
C GLN D 316 11.81 -58.89 -23.37
N GLU D 317 10.57 -58.46 -23.09
CA GLU D 317 10.09 -57.18 -23.58
C GLU D 317 10.93 -56.03 -23.05
N LEU D 318 11.44 -56.15 -21.82
CA LEU D 318 12.25 -55.08 -21.25
C LEU D 318 13.63 -55.05 -21.88
N GLU D 319 14.20 -56.21 -22.18
CA GLU D 319 15.47 -56.26 -22.91
C GLU D 319 15.31 -55.74 -24.32
N ALA D 320 14.13 -55.89 -24.92
CA ALA D 320 13.92 -55.48 -26.30
C ALA D 320 14.17 -53.98 -26.49
N ILE D 321 13.89 -53.18 -25.47
CA ILE D 321 14.04 -51.73 -25.57
C ILE D 321 15.27 -51.25 -24.82
N ARG D 322 16.22 -52.15 -24.54
CA ARG D 322 17.42 -51.78 -23.79
C ARG D 322 18.20 -50.68 -24.50
N GLN D 323 18.23 -50.72 -25.83
CA GLN D 323 18.94 -49.73 -26.62
C GLN D 323 18.05 -48.59 -27.09
N ASP D 324 16.73 -48.69 -26.90
CA ASP D 324 15.79 -47.71 -27.42
C ASP D 324 15.54 -46.66 -26.34
N ARG D 325 16.15 -45.48 -26.52
CA ARG D 325 16.07 -44.43 -25.49
C ARG D 325 14.67 -43.83 -25.44
N ASP D 326 14.04 -43.61 -26.59
CA ASP D 326 12.67 -43.10 -26.62
C ASP D 326 11.71 -44.05 -25.92
N ALA D 327 11.83 -45.34 -26.21
CA ALA D 327 11.00 -46.33 -25.53
C ALA D 327 11.23 -46.32 -24.03
N LEU D 328 12.46 -46.04 -23.59
CA LEU D 328 12.72 -45.97 -22.15
C LEU D 328 12.07 -44.74 -21.52
N HIS D 329 12.14 -43.59 -22.19
CA HIS D 329 11.42 -42.42 -21.71
C HIS D 329 9.93 -42.71 -21.56
N MET D 330 9.32 -43.27 -22.61
CA MET D 330 7.89 -43.55 -22.58
C MET D 330 7.56 -44.60 -21.52
N GLU D 331 8.43 -45.60 -21.37
CA GLU D 331 8.23 -46.62 -20.34
C GLU D 331 8.24 -46.01 -18.94
N GLY D 332 9.21 -45.12 -18.68
CA GLY D 332 9.24 -44.45 -17.39
C GLY D 332 7.99 -43.64 -17.12
N LEU D 333 7.53 -42.89 -18.13
CA LEU D 333 6.27 -42.17 -17.96
C LEU D 333 5.11 -43.11 -17.67
N ILE D 334 5.07 -44.26 -18.36
CA ILE D 334 3.99 -45.22 -18.17
C ILE D 334 3.97 -45.75 -16.75
N VAL D 335 5.13 -46.17 -16.24
CA VAL D 335 5.14 -46.75 -14.90
C VAL D 335 4.92 -45.69 -13.83
N ARG D 336 5.39 -44.45 -14.06
CA ARG D 336 5.08 -43.40 -13.10
C ARG D 336 3.59 -43.11 -13.04
N GLU D 337 2.91 -43.12 -14.20
CA GLU D 337 1.46 -42.96 -14.18
C GLU D 337 0.77 -44.16 -13.55
N ARG D 338 1.33 -45.37 -13.74
CA ARG D 338 0.72 -46.57 -13.17
C ARG D 338 0.80 -46.57 -11.65
N ILE D 339 1.93 -46.13 -11.10
CA ILE D 339 2.11 -46.18 -9.65
C ILE D 339 1.54 -44.95 -8.95
N LEU D 340 1.62 -43.77 -9.57
CA LEU D 340 1.24 -42.52 -8.90
C LEU D 340 -0.10 -41.96 -9.34
N GLY D 341 -0.50 -42.19 -10.60
CA GLY D 341 -1.59 -41.44 -11.18
C GLY D 341 -2.90 -41.53 -10.41
N ALA D 342 -3.16 -42.67 -9.77
CA ALA D 342 -4.42 -42.85 -9.06
C ALA D 342 -4.54 -41.90 -7.88
N ASP D 343 -3.45 -41.70 -7.14
CA ASP D 343 -3.46 -40.85 -5.97
C ASP D 343 -3.49 -39.37 -6.38
N ASN D 344 -3.79 -38.50 -5.41
CA ASN D 344 -3.88 -37.07 -5.67
C ASN D 344 -2.49 -36.44 -5.52
N ILE D 345 -1.71 -36.56 -6.59
CA ILE D 345 -0.36 -36.00 -6.65
C ILE D 345 -0.16 -35.39 -8.04
N ASP D 346 0.51 -34.25 -8.09
CA ASP D 346 0.84 -33.63 -9.38
C ASP D 346 1.95 -34.44 -10.05
N VAL D 347 1.56 -35.34 -10.96
CA VAL D 347 2.50 -36.25 -11.62
C VAL D 347 2.93 -35.69 -12.97
N SER D 348 2.64 -34.43 -13.23
CA SER D 348 2.73 -33.89 -14.57
C SER D 348 4.09 -33.35 -14.95
N HIS D 349 4.95 -33.00 -13.97
CA HIS D 349 6.21 -32.32 -14.29
C HIS D 349 7.12 -33.09 -15.25
N PRO D 350 7.41 -34.38 -15.05
CA PRO D 350 8.25 -35.10 -16.03
C PRO D 350 7.60 -35.22 -17.39
N ILE D 351 6.26 -35.30 -17.46
CA ILE D 351 5.58 -35.28 -18.75
C ILE D 351 5.88 -33.97 -19.48
N ILE D 352 5.76 -32.85 -18.77
CA ILE D 352 6.04 -31.55 -19.36
C ILE D 352 7.50 -31.46 -19.77
N TYR D 353 8.41 -32.07 -19.00
CA TYR D 353 9.84 -32.01 -19.35
C TYR D 353 10.13 -32.81 -20.62
N ARG D 354 9.56 -34.01 -20.74
CA ARG D 354 9.76 -34.79 -21.95
C ARG D 354 9.17 -34.08 -23.16
N GLY D 355 7.99 -33.46 -22.99
CA GLY D 355 7.45 -32.63 -24.06
C GLY D 355 8.36 -31.48 -24.42
N ALA D 356 8.99 -30.86 -23.41
CA ALA D 356 9.91 -29.76 -23.66
C ALA D 356 11.10 -30.22 -24.49
N VAL D 357 11.66 -31.39 -24.16
CA VAL D 357 12.79 -31.92 -24.93
C VAL D 357 12.35 -32.20 -26.37
N TYR D 358 11.21 -32.87 -26.53
CA TYR D 358 10.73 -33.16 -27.88
C TYR D 358 10.46 -31.90 -28.68
N ALA D 359 10.02 -30.83 -28.02
CA ALA D 359 9.80 -29.57 -28.72
C ALA D 359 11.12 -28.91 -29.10
N ASP D 360 12.12 -28.98 -28.21
CA ASP D 360 13.45 -28.49 -28.54
C ASP D 360 14.01 -29.23 -29.75
N ASN D 361 13.64 -30.50 -29.93
CA ASN D 361 14.03 -31.23 -31.13
C ASN D 361 13.03 -31.07 -32.28
N MET D 362 12.16 -30.05 -32.20
CA MET D 362 11.22 -29.71 -33.28
C MET D 362 10.24 -30.84 -33.58
N GLU D 363 9.98 -31.70 -32.60
CA GLU D 363 8.95 -32.73 -32.74
C GLU D 363 7.70 -32.27 -31.99
N PHE D 364 7.04 -31.28 -32.59
CA PHE D 364 6.03 -30.50 -31.89
C PHE D 364 4.81 -31.33 -31.52
N GLU D 365 4.38 -32.24 -32.41
CA GLU D 365 3.15 -32.99 -32.16
C GLU D 365 3.27 -33.90 -30.95
N GLN D 366 4.43 -34.52 -30.76
CA GLN D 366 4.64 -35.36 -29.59
C GLN D 366 4.60 -34.53 -28.30
N CYS D 367 5.25 -33.36 -28.33
CA CYS D 367 5.17 -32.45 -27.19
C CYS D 367 3.74 -32.05 -26.89
N ILE D 368 2.96 -31.79 -27.95
CA ILE D 368 1.56 -31.40 -27.76
C ILE D 368 0.77 -32.54 -27.15
N LYS D 369 1.00 -33.78 -27.62
CA LYS D 369 0.35 -34.94 -27.02
C LYS D 369 0.66 -35.04 -25.53
N LEU D 370 1.95 -34.97 -25.18
CA LEU D 370 2.37 -35.10 -23.79
C LEU D 370 1.76 -34.00 -22.92
N TRP D 371 1.82 -32.75 -23.39
CA TRP D 371 1.31 -31.64 -22.59
C TRP D 371 -0.20 -31.67 -22.48
N LEU D 372 -0.89 -32.08 -23.55
CA LEU D 372 -2.34 -32.23 -23.49
C LEU D 372 -2.72 -33.28 -22.46
N HIS D 373 -2.01 -34.42 -22.46
CA HIS D 373 -2.30 -35.45 -21.47
C HIS D 373 -2.03 -34.95 -20.06
N ALA D 374 -0.90 -34.28 -19.86
CA ALA D 374 -0.55 -33.79 -18.53
C ALA D 374 -1.57 -32.79 -18.01
N LEU D 375 -2.01 -31.87 -18.87
CA LEU D 375 -2.99 -30.87 -18.45
C LEU D 375 -4.38 -31.48 -18.26
N HIS D 376 -4.72 -32.49 -19.04
CA HIS D 376 -5.99 -33.19 -18.83
C HIS D 376 -5.98 -33.94 -17.51
N LEU D 377 -4.82 -34.47 -17.12
CA LEU D 377 -4.70 -35.11 -15.81
C LEU D 377 -4.84 -34.07 -14.69
N ARG D 378 -4.26 -32.89 -14.88
CA ARG D 378 -4.31 -31.82 -13.89
C ARG D 378 -5.74 -31.39 -13.59
N GLN D 379 -6.66 -31.61 -14.54
CA GLN D 379 -8.07 -31.35 -14.27
C GLN D 379 -8.52 -32.11 -13.04
N LYS D 380 -8.26 -33.41 -13.00
CA LYS D 380 -8.64 -34.25 -11.88
C LYS D 380 -7.45 -34.52 -10.97
N THR E 15 -21.83 8.04 -0.24
CA THR E 15 -20.69 7.14 -0.13
C THR E 15 -20.65 6.18 -1.31
N ARG E 16 -21.00 6.69 -2.48
CA ARG E 16 -21.02 5.92 -3.72
C ARG E 16 -19.81 6.28 -4.57
N THR E 17 -19.47 5.38 -5.49
CA THR E 17 -18.33 5.63 -6.37
C THR E 17 -18.61 6.81 -7.29
N PRO E 18 -17.63 7.69 -7.49
CA PRO E 18 -17.83 8.81 -8.44
C PRO E 18 -17.64 8.43 -9.89
N ASN E 19 -17.09 7.25 -10.18
CA ASN E 19 -16.85 6.83 -11.55
C ASN E 19 -18.08 6.21 -12.20
N CYS E 20 -19.08 5.83 -11.41
CA CYS E 20 -20.34 5.30 -11.94
C CYS E 20 -21.48 5.84 -11.10
N ASN E 21 -22.39 6.59 -11.73
CA ASN E 21 -23.50 7.22 -11.05
C ASN E 21 -24.75 6.34 -11.02
N CYS E 22 -24.58 5.02 -11.10
CA CYS E 22 -25.70 4.10 -11.08
C CYS E 22 -25.93 3.63 -9.66
N LYS E 23 -27.12 3.91 -9.12
CA LYS E 23 -27.45 3.48 -7.77
C LYS E 23 -27.50 1.96 -7.66
N TYR E 24 -27.85 1.27 -8.75
CA TYR E 24 -28.10 -0.16 -8.72
C TYR E 24 -26.85 -1.00 -8.96
N CYS E 25 -25.72 -0.39 -9.33
CA CYS E 25 -24.47 -1.12 -9.39
C CYS E 25 -23.96 -1.42 -7.98
N SER E 26 -22.90 -2.21 -7.91
CA SER E 26 -22.29 -2.61 -6.65
C SER E 26 -20.77 -2.50 -6.75
N HIS E 27 -20.29 -1.30 -7.04
CA HIS E 27 -18.87 -1.04 -7.17
C HIS E 27 -18.23 -0.91 -5.79
N PRO E 28 -16.91 -1.15 -5.69
CA PRO E 28 -16.24 -1.13 -4.37
C PRO E 28 -15.92 0.28 -3.89
N VAL E 29 -16.98 1.10 -3.73
CA VAL E 29 -16.85 2.52 -3.41
C VAL E 29 -15.73 3.11 -4.26
N LEU E 30 -14.65 3.56 -3.60
CA LEU E 30 -13.40 4.01 -4.20
C LEU E 30 -13.50 4.32 -5.70
N GLY E 31 -13.60 3.27 -6.53
CA GLY E 31 -13.72 3.41 -7.97
C GLY E 31 -13.68 2.08 -8.71
N THR F 15 14.54 -19.61 -6.43
CA THR F 15 15.67 -19.08 -5.67
C THR F 15 16.87 -18.86 -6.59
N ARG F 16 17.64 -17.82 -6.30
CA ARG F 16 18.78 -17.44 -7.12
C ARG F 16 20.08 -17.61 -6.35
N THR F 17 21.18 -17.54 -7.09
CA THR F 17 22.51 -17.70 -6.50
C THR F 17 22.83 -16.51 -5.60
N PRO F 18 23.33 -16.75 -4.38
CA PRO F 18 23.71 -15.64 -3.51
C PRO F 18 25.04 -14.99 -3.87
N ASN F 19 25.85 -15.65 -4.70
CA ASN F 19 27.13 -15.10 -5.12
C ASN F 19 27.01 -14.08 -6.23
N CYS F 20 25.86 -14.01 -6.91
CA CYS F 20 25.60 -12.99 -7.92
C CYS F 20 24.15 -12.58 -7.81
N ASN F 21 23.92 -11.29 -7.53
CA ASN F 21 22.58 -10.78 -7.28
C ASN F 21 21.92 -10.23 -8.55
N CYS F 22 22.29 -10.75 -9.72
CA CYS F 22 21.72 -10.31 -10.99
C CYS F 22 20.62 -11.28 -11.39
N LYS F 23 19.39 -10.77 -11.53
CA LYS F 23 18.28 -11.61 -11.95
C LYS F 23 18.38 -12.02 -13.41
N TYR F 24 19.16 -11.29 -14.20
CA TYR F 24 19.25 -11.55 -15.64
C TYR F 24 20.34 -12.54 -15.99
N CYS F 25 21.25 -12.84 -15.07
CA CYS F 25 22.22 -13.90 -15.30
C CYS F 25 21.52 -15.27 -15.29
N SER F 26 22.29 -16.30 -15.66
CA SER F 26 21.78 -17.66 -15.72
C SER F 26 22.79 -18.61 -15.06
N HIS F 27 23.14 -18.30 -13.82
CA HIS F 27 24.06 -19.15 -13.05
C HIS F 27 23.32 -20.38 -12.52
N PRO F 28 24.05 -21.44 -12.20
CA PRO F 28 23.42 -22.56 -11.48
C PRO F 28 23.13 -22.16 -10.03
N VAL F 29 22.14 -22.84 -9.45
CA VAL F 29 21.80 -22.60 -8.05
C VAL F 29 22.98 -22.88 -7.14
N LEU F 30 23.93 -23.70 -7.59
CA LEU F 30 25.14 -23.94 -6.80
C LEU F 30 25.92 -22.65 -6.57
N GLY F 31 26.12 -21.86 -7.62
CA GLY F 31 26.83 -20.61 -7.51
C GLY F 31 28.33 -20.77 -7.51
N ASP G 1 31.02 35.11 -0.11
CA ASP G 1 30.64 33.73 0.16
C ASP G 1 29.38 33.36 -0.63
N ALA G 2 29.49 32.29 -1.43
CA ALA G 2 28.41 31.94 -2.35
C ALA G 2 27.14 31.54 -1.60
N GLU G 3 27.29 30.80 -0.49
CA GLU G 3 26.14 30.41 0.32
C GLU G 3 25.37 31.64 0.79
N ALA G 4 26.08 32.60 1.39
CA ALA G 4 25.44 33.82 1.86
C ALA G 4 24.79 34.58 0.73
N VAL G 5 25.44 34.61 -0.44
CA VAL G 5 24.91 35.36 -1.58
C VAL G 5 23.60 34.75 -2.07
N GLN G 6 23.57 33.43 -2.26
CA GLN G 6 22.36 32.77 -2.73
C GLN G 6 21.23 32.92 -1.73
N LYS G 7 21.53 32.70 -0.43
CA LYS G 7 20.48 32.82 0.58
C LYS G 7 19.98 34.26 0.68
N PHE G 8 20.87 35.24 0.50
CA PHE G 8 20.45 36.63 0.53
C PHE G 8 19.55 36.97 -0.65
N PHE G 9 19.89 36.49 -1.84
CA PHE G 9 19.04 36.69 -3.01
C PHE G 9 17.65 36.14 -2.77
N LEU G 10 17.57 34.87 -2.33
CA LEU G 10 16.28 34.26 -2.07
C LEU G 10 15.51 35.01 -0.98
N GLU G 11 16.21 35.44 0.07
CA GLU G 11 15.58 36.16 1.17
C GLU G 11 14.98 37.47 0.69
N GLU G 12 15.74 38.25 -0.08
CA GLU G 12 15.23 39.53 -0.57
C GLU G 12 14.04 39.32 -1.51
N ILE G 13 14.07 38.28 -2.33
CA ILE G 13 12.93 38.03 -3.20
C ILE G 13 11.68 37.69 -2.39
N GLN G 14 11.83 36.87 -1.35
CA GLN G 14 10.68 36.55 -0.49
C GLN G 14 10.14 37.79 0.19
N LEU G 15 11.04 38.61 0.76
CA LEU G 15 10.63 39.83 1.43
C LEU G 15 9.88 40.76 0.48
N GLY G 16 10.40 40.91 -0.74
CA GLY G 16 9.70 41.61 -1.80
C GLY G 16 8.30 41.08 -1.94
N GLU G 17 8.18 39.84 -2.42
CA GLU G 17 6.90 39.13 -2.54
C GLU G 17 5.89 39.53 -1.47
N GLU G 18 6.24 39.30 -0.20
CA GLU G 18 5.29 39.57 0.87
C GLU G 18 4.94 41.05 0.97
N LEU G 19 5.95 41.94 0.94
CA LEU G 19 5.66 43.37 1.09
C LEU G 19 4.78 43.88 -0.04
N LEU G 20 5.06 43.46 -1.28
CA LEU G 20 4.22 43.82 -2.41
C LEU G 20 2.79 43.31 -2.20
N ALA G 21 2.63 42.09 -1.70
CA ALA G 21 1.29 41.56 -1.47
C ALA G 21 0.55 42.35 -0.40
N GLN G 22 1.25 42.80 0.65
CA GLN G 22 0.61 43.53 1.73
C GLN G 22 0.08 44.89 1.24
N GLY G 23 0.88 45.60 0.46
CA GLY G 23 0.51 46.92 0.00
C GLY G 23 1.62 47.92 0.19
N GLU G 24 2.70 47.49 0.84
CA GLU G 24 3.88 48.34 1.05
C GLU G 24 4.79 48.18 -0.16
N TYR G 25 4.49 48.95 -1.20
CA TYR G 25 5.14 48.73 -2.49
C TYR G 25 6.58 49.22 -2.49
N GLU G 26 6.86 50.33 -1.79
CA GLU G 26 8.18 50.94 -1.89
C GLU G 26 9.24 50.12 -1.15
N LYS G 27 8.93 49.66 0.06
CA LYS G 27 9.88 48.81 0.77
C LYS G 27 10.10 47.49 0.05
N GLY G 28 9.03 46.96 -0.57
CA GLY G 28 9.17 45.78 -1.39
C GLY G 28 10.08 46.01 -2.57
N VAL G 29 9.97 47.19 -3.21
CA VAL G 29 10.87 47.52 -4.31
C VAL G 29 12.31 47.64 -3.81
N ASP G 30 12.49 48.18 -2.60
CA ASP G 30 13.82 48.25 -2.01
C ASP G 30 14.43 46.86 -1.87
N HIS G 31 13.67 45.91 -1.32
CA HIS G 31 14.19 44.54 -1.19
C HIS G 31 14.39 43.88 -2.55
N LEU G 32 13.52 44.19 -3.53
CA LEU G 32 13.70 43.68 -4.88
C LEU G 32 15.01 44.18 -5.48
N THR G 33 15.36 45.44 -5.25
CA THR G 33 16.63 45.96 -5.71
C THR G 33 17.79 45.30 -4.97
N ASN G 34 17.65 45.08 -3.67
CA ASN G 34 18.65 44.33 -2.92
C ASN G 34 18.91 42.98 -3.56
N ALA G 35 17.86 42.33 -4.07
CA ALA G 35 18.03 41.05 -4.73
C ALA G 35 18.66 41.21 -6.12
N ILE G 36 18.17 42.18 -6.89
CA ILE G 36 18.60 42.34 -8.28
C ILE G 36 20.08 42.72 -8.36
N ALA G 37 20.54 43.55 -7.42
CA ALA G 37 21.93 43.96 -7.45
C ALA G 37 22.87 42.80 -7.22
N VAL G 38 22.42 41.80 -6.43
CA VAL G 38 23.25 40.64 -6.13
C VAL G 38 22.97 39.51 -7.14
N CYS G 39 22.23 39.80 -8.21
CA CYS G 39 21.98 38.84 -9.26
C CYS G 39 23.06 38.98 -10.33
N GLY G 40 23.55 37.82 -10.78
CA GLY G 40 24.57 37.81 -11.80
C GLY G 40 24.13 38.49 -13.08
N GLN G 41 22.98 38.09 -13.60
CA GLN G 41 22.38 38.72 -14.78
C GLN G 41 20.87 38.69 -14.63
N PRO G 42 20.28 39.74 -14.05
CA PRO G 42 18.82 39.76 -13.85
C PRO G 42 18.05 40.10 -15.11
N GLN G 43 18.57 39.69 -16.27
CA GLN G 43 17.89 39.87 -17.55
C GLN G 43 16.47 39.32 -17.50
N GLN G 44 16.36 37.99 -17.46
CA GLN G 44 15.06 37.34 -17.36
C GLN G 44 14.31 37.73 -16.10
N LEU G 45 15.03 38.11 -15.04
CA LEU G 45 14.36 38.58 -13.82
C LEU G 45 13.58 39.87 -14.09
N LEU G 46 14.23 40.87 -14.70
CA LEU G 46 13.54 42.09 -15.06
C LEU G 46 12.44 41.82 -16.08
N GLN G 47 12.68 40.91 -17.03
CA GLN G 47 11.67 40.59 -18.03
C GLN G 47 10.43 39.98 -17.38
N VAL G 48 10.62 39.09 -16.40
CA VAL G 48 9.49 38.52 -15.68
C VAL G 48 8.77 39.59 -14.88
N LEU G 49 9.53 40.45 -14.18
CA LEU G 49 8.93 41.52 -13.40
C LEU G 49 8.11 42.45 -14.29
N GLN G 50 8.47 42.56 -15.57
CA GLN G 50 7.69 43.37 -16.49
C GLN G 50 6.24 42.91 -16.56
N GLN G 51 6.01 41.58 -16.51
CA GLN G 51 4.66 41.05 -16.59
C GLN G 51 4.02 40.85 -15.23
N THR G 52 4.76 40.30 -14.26
CA THR G 52 4.18 39.91 -12.99
C THR G 52 3.98 41.07 -12.01
N LEU G 53 4.07 42.32 -12.47
CA LEU G 53 3.95 43.48 -11.62
C LEU G 53 3.06 44.53 -12.27
N PRO G 54 2.41 45.36 -11.47
CA PRO G 54 1.72 46.55 -12.01
C PRO G 54 2.72 47.49 -12.66
N PRO G 55 2.28 48.31 -13.60
CA PRO G 55 3.20 49.29 -14.24
C PRO G 55 3.84 50.24 -13.25
N PRO G 56 3.09 50.83 -12.30
CA PRO G 56 3.73 51.85 -11.43
C PRO G 56 4.86 51.31 -10.56
N VAL G 57 4.68 50.12 -9.96
CA VAL G 57 5.76 49.58 -9.15
C VAL G 57 6.95 49.19 -10.04
N PHE G 58 6.69 48.82 -11.29
CA PHE G 58 7.80 48.55 -12.21
C PHE G 58 8.57 49.82 -12.53
N GLN G 59 7.85 50.94 -12.69
CA GLN G 59 8.53 52.22 -12.92
C GLN G 59 9.33 52.63 -11.70
N MET G 60 8.78 52.43 -10.50
CA MET G 60 9.53 52.71 -9.29
C MET G 60 10.79 51.85 -9.21
N LEU G 61 10.67 50.57 -9.57
CA LEU G 61 11.81 49.66 -9.54
C LEU G 61 12.88 50.09 -10.53
N LEU G 62 12.48 50.53 -11.72
CA LEU G 62 13.47 50.96 -12.70
C LEU G 62 14.08 52.31 -12.32
N THR G 63 13.36 53.14 -11.58
CA THR G 63 13.98 54.32 -10.99
C THR G 63 14.93 53.94 -9.86
N LYS G 64 14.75 52.78 -9.26
CA LYS G 64 15.67 52.26 -8.26
C LYS G 64 16.81 51.44 -8.86
N LEU G 65 17.06 51.58 -10.16
CA LEU G 65 18.01 50.67 -10.83
C LEU G 65 19.46 50.79 -10.34
N PRO G 66 20.03 51.98 -10.09
CA PRO G 66 21.47 51.97 -9.83
C PRO G 66 21.86 51.36 -8.49
N ALA H 4 -32.05 48.15 -31.49
CA ALA H 4 -31.38 49.15 -32.31
C ALA H 4 -29.93 48.74 -32.57
N VAL H 5 -28.99 49.57 -32.10
CA VAL H 5 -27.57 49.28 -32.26
C VAL H 5 -26.95 48.67 -31.02
N GLN H 6 -27.67 48.65 -29.89
CA GLN H 6 -27.13 48.01 -28.70
C GLN H 6 -26.90 46.52 -28.91
N LYS H 7 -27.80 45.86 -29.66
CA LYS H 7 -27.55 44.47 -30.04
C LYS H 7 -26.29 44.35 -30.88
N PHE H 8 -26.07 45.31 -31.79
CA PHE H 8 -24.84 45.32 -32.57
C PHE H 8 -23.63 45.53 -31.67
N PHE H 9 -23.68 46.55 -30.80
CA PHE H 9 -22.56 46.85 -29.92
C PHE H 9 -22.23 45.65 -29.03
N LEU H 10 -23.24 45.03 -28.43
CA LEU H 10 -23.00 43.86 -27.59
C LEU H 10 -22.48 42.68 -28.41
N GLU H 11 -22.91 42.58 -29.67
CA GLU H 11 -22.44 41.49 -30.52
C GLU H 11 -20.96 41.63 -30.84
N GLU H 12 -20.50 42.86 -31.09
CA GLU H 12 -19.10 43.06 -31.48
C GLU H 12 -18.15 42.79 -30.33
N ILE H 13 -18.50 43.23 -29.11
CA ILE H 13 -17.63 42.99 -27.96
C ILE H 13 -17.61 41.51 -27.61
N GLN H 14 -18.75 40.82 -27.77
CA GLN H 14 -18.79 39.38 -27.55
C GLN H 14 -17.93 38.65 -28.58
N LEU H 15 -18.04 39.03 -29.85
CA LEU H 15 -17.21 38.40 -30.88
C LEU H 15 -15.73 38.63 -30.61
N GLY H 16 -15.37 39.80 -30.04
CA GLY H 16 -13.98 40.04 -29.70
C GLY H 16 -13.48 39.09 -28.62
N GLU H 17 -14.30 38.80 -27.61
CA GLU H 17 -13.92 37.93 -26.51
C GLU H 17 -13.42 36.58 -27.02
N GLU H 18 -14.25 35.89 -27.81
CA GLU H 18 -13.87 34.59 -28.34
C GLU H 18 -12.58 34.68 -29.15
N LEU H 19 -12.53 35.63 -30.08
CA LEU H 19 -11.34 35.80 -30.92
C LEU H 19 -10.10 36.07 -30.07
N LEU H 20 -10.24 36.91 -29.03
CA LEU H 20 -9.12 37.20 -28.15
C LEU H 20 -8.71 35.95 -27.37
N ALA H 21 -9.68 35.21 -26.83
CA ALA H 21 -9.37 34.07 -25.98
C ALA H 21 -8.75 32.93 -26.79
N GLN H 22 -9.23 32.70 -28.01
CA GLN H 22 -8.66 31.64 -28.83
C GLN H 22 -7.22 31.94 -29.22
N GLY H 23 -6.94 33.19 -29.59
CA GLY H 23 -5.58 33.59 -29.89
C GLY H 23 -5.42 34.47 -31.10
N GLU H 24 -6.49 34.67 -31.87
CA GLU H 24 -6.45 35.53 -33.05
C GLU H 24 -6.73 36.96 -32.59
N TYR H 25 -5.65 37.67 -32.20
CA TYR H 25 -5.79 38.97 -31.58
C TYR H 25 -6.21 40.04 -32.58
N GLU H 26 -5.80 39.92 -33.83
CA GLU H 26 -6.08 40.98 -34.80
C GLU H 26 -7.56 41.08 -35.12
N LYS H 27 -8.22 39.95 -35.36
CA LYS H 27 -9.66 39.97 -35.64
C LYS H 27 -10.45 40.42 -34.42
N GLY H 28 -10.02 40.00 -33.23
CA GLY H 28 -10.65 40.46 -32.01
C GLY H 28 -10.56 41.97 -31.86
N VAL H 29 -9.37 42.53 -32.08
CA VAL H 29 -9.20 43.97 -32.00
C VAL H 29 -10.02 44.68 -33.06
N ASP H 30 -10.13 44.09 -34.25
CA ASP H 30 -10.97 44.67 -35.29
C ASP H 30 -12.42 44.78 -34.84
N HIS H 31 -12.97 43.69 -34.30
CA HIS H 31 -14.36 43.74 -33.83
C HIS H 31 -14.52 44.65 -32.61
N LEU H 32 -13.49 44.74 -31.76
CA LEU H 32 -13.56 45.64 -30.62
C LEU H 32 -13.59 47.10 -31.07
N THR H 33 -12.83 47.43 -32.12
CA THR H 33 -12.91 48.77 -32.69
C THR H 33 -14.27 49.02 -33.33
N ASN H 34 -14.81 48.01 -34.02
CA ASN H 34 -16.18 48.11 -34.53
C ASN H 34 -17.16 48.42 -33.41
N ALA H 35 -16.94 47.84 -32.23
CA ALA H 35 -17.81 48.10 -31.09
C ALA H 35 -17.62 49.52 -30.55
N ILE H 36 -16.37 49.92 -30.28
CA ILE H 36 -16.12 51.19 -29.63
C ILE H 36 -16.51 52.36 -30.53
N ALA H 37 -16.46 52.17 -31.85
CA ALA H 37 -16.83 53.25 -32.76
C ALA H 37 -18.31 53.62 -32.62
N VAL H 38 -19.15 52.66 -32.25
CA VAL H 38 -20.58 52.91 -32.10
C VAL H 38 -20.96 53.12 -30.64
N CYS H 39 -19.98 53.19 -29.75
CA CYS H 39 -20.25 53.41 -28.33
C CYS H 39 -20.56 54.89 -28.07
N GLY H 40 -21.54 55.12 -27.18
CA GLY H 40 -21.92 56.49 -26.86
C GLY H 40 -20.76 57.33 -26.37
N GLN H 41 -20.10 56.87 -25.30
CA GLN H 41 -18.80 57.41 -24.90
C GLN H 41 -17.94 56.25 -24.42
N PRO H 42 -16.99 55.81 -25.25
CA PRO H 42 -16.02 54.81 -24.78
C PRO H 42 -14.97 55.42 -23.86
N GLN H 43 -15.30 56.58 -23.28
CA GLN H 43 -14.43 57.22 -22.31
C GLN H 43 -14.13 56.29 -21.14
N GLN H 44 -15.17 55.61 -20.63
CA GLN H 44 -14.98 54.62 -19.57
C GLN H 44 -14.55 53.26 -20.12
N LEU H 45 -14.98 52.95 -21.34
CA LEU H 45 -14.63 51.66 -21.95
C LEU H 45 -13.13 51.55 -22.13
N LEU H 46 -12.47 52.62 -22.59
CA LEU H 46 -11.02 52.59 -22.75
C LEU H 46 -10.33 52.46 -21.40
N GLN H 47 -10.86 53.10 -20.37
CA GLN H 47 -10.26 53.01 -19.04
C GLN H 47 -10.30 51.57 -18.53
N VAL H 48 -11.45 50.92 -18.65
CA VAL H 48 -11.56 49.52 -18.21
C VAL H 48 -10.72 48.62 -19.11
N LEU H 49 -10.64 48.95 -20.40
CA LEU H 49 -9.96 48.11 -21.37
C LEU H 49 -8.45 48.17 -21.19
N GLN H 50 -7.94 49.27 -20.61
CA GLN H 50 -6.51 49.36 -20.32
C GLN H 50 -6.06 48.20 -19.44
N GLN H 51 -6.86 47.83 -18.44
CA GLN H 51 -6.50 46.74 -17.55
C GLN H 51 -7.02 45.39 -18.01
N THR H 52 -8.28 45.35 -18.48
CA THR H 52 -8.93 44.09 -18.83
C THR H 52 -8.44 43.54 -20.16
N LEU H 53 -7.12 43.45 -20.34
CA LEU H 53 -6.48 42.95 -21.55
C LEU H 53 -4.96 42.98 -21.37
N PRO H 54 -4.23 42.09 -22.02
CA PRO H 54 -2.76 42.17 -21.99
C PRO H 54 -2.27 43.48 -22.57
N PRO H 55 -1.07 43.93 -22.20
CA PRO H 55 -0.52 45.17 -22.74
C PRO H 55 -0.37 45.15 -24.26
N PRO H 56 0.18 44.07 -24.86
CA PRO H 56 0.42 44.13 -26.32
C PRO H 56 -0.86 44.26 -27.14
N VAL H 57 -1.93 43.56 -26.76
CA VAL H 57 -3.18 43.71 -27.49
C VAL H 57 -3.78 45.09 -27.26
N PHE H 58 -3.50 45.70 -26.11
CA PHE H 58 -3.92 47.08 -25.88
C PHE H 58 -3.19 48.04 -26.83
N GLN H 59 -1.89 47.83 -27.01
CA GLN H 59 -1.14 48.63 -27.98
C GLN H 59 -1.67 48.40 -29.39
N MET H 60 -1.97 47.15 -29.74
CA MET H 60 -2.55 46.86 -31.05
C MET H 60 -3.88 47.59 -31.23
N LEU H 61 -4.70 47.62 -30.18
CA LEU H 61 -5.99 48.31 -30.25
C LEU H 61 -5.81 49.81 -30.42
N LEU H 62 -4.86 50.40 -29.71
CA LEU H 62 -4.65 51.84 -29.88
C LEU H 62 -4.03 52.16 -31.23
N THR H 63 -3.31 51.21 -31.84
CA THR H 63 -2.86 51.42 -33.22
C THR H 63 -3.99 51.23 -34.22
N LYS H 64 -5.00 50.43 -33.88
CA LYS H 64 -6.16 50.23 -34.73
C LYS H 64 -7.21 51.32 -34.57
N LEU H 65 -7.13 52.13 -33.50
CA LEU H 65 -8.02 53.28 -33.39
C LEU H 65 -7.91 54.22 -34.58
N PRO H 66 -6.70 54.61 -35.06
CA PRO H 66 -6.68 55.38 -36.30
C PRO H 66 -6.73 54.48 -37.54
N THR I 17 -21.56 14.55 9.91
CA THR I 17 -21.52 15.97 9.59
C THR I 17 -20.08 16.47 9.60
N PRO I 18 -19.76 17.39 8.68
CA PRO I 18 -18.39 17.93 8.63
C PRO I 18 -18.11 19.00 9.67
N ASN I 19 -19.12 19.42 10.45
CA ASN I 19 -18.94 20.51 11.40
C ASN I 19 -18.50 20.04 12.77
N CYS I 20 -18.88 18.83 13.17
CA CYS I 20 -18.36 18.19 14.38
C CYS I 20 -17.76 16.85 13.97
N ASN I 21 -16.43 16.78 13.96
CA ASN I 21 -15.72 15.60 13.48
C ASN I 21 -15.64 14.48 14.52
N CYS I 22 -16.40 14.57 15.60
CA CYS I 22 -16.38 13.53 16.63
C CYS I 22 -17.20 12.33 16.15
N LYS I 23 -16.56 11.17 16.02
CA LYS I 23 -17.27 9.97 15.62
C LYS I 23 -18.27 9.51 16.68
N TYR I 24 -18.13 9.97 17.92
CA TYR I 24 -18.98 9.56 19.02
C TYR I 24 -20.14 10.51 19.26
N CYS I 25 -20.42 11.40 18.32
CA CYS I 25 -21.55 12.31 18.41
C CYS I 25 -22.64 11.90 17.42
N SER I 26 -23.87 12.28 17.73
CA SER I 26 -25.03 11.86 16.95
C SER I 26 -25.69 13.04 16.23
N HIS I 27 -24.87 13.93 15.68
CA HIS I 27 -25.41 15.08 14.96
C HIS I 27 -26.09 14.62 13.67
N PRO I 28 -27.11 15.36 13.20
CA PRO I 28 -27.83 15.06 11.95
C PRO I 28 -26.89 14.92 10.75
N PRO J 18 8.08 -24.47 1.58
CA PRO J 18 7.73 -23.39 2.51
C PRO J 18 7.55 -23.90 3.95
N ASN J 19 6.36 -23.70 4.50
CA ASN J 19 6.13 -24.07 5.89
C ASN J 19 5.80 -25.55 6.06
N CYS J 20 5.07 -26.14 5.11
CA CYS J 20 4.79 -27.57 5.10
C CYS J 20 5.73 -28.19 4.07
N ASN J 21 6.77 -28.87 4.56
CA ASN J 21 7.88 -29.28 3.70
C ASN J 21 7.55 -30.51 2.86
N CYS J 22 6.25 -30.83 2.73
CA CYS J 22 5.84 -31.95 1.91
C CYS J 22 6.01 -31.58 0.44
N LYS J 23 6.90 -32.29 -0.26
CA LYS J 23 7.15 -32.00 -1.67
C LYS J 23 5.90 -32.15 -2.51
N TYR J 24 4.95 -32.97 -2.05
CA TYR J 24 3.73 -33.26 -2.78
C TYR J 24 2.54 -32.44 -2.27
N CYS J 25 2.81 -31.33 -1.58
CA CYS J 25 1.79 -30.42 -1.12
C CYS J 25 1.83 -29.15 -1.96
N SER J 26 0.70 -28.45 -2.00
CA SER J 26 0.52 -27.28 -2.84
C SER J 26 0.33 -26.01 -2.02
N HIS J 27 1.07 -25.89 -0.93
CA HIS J 27 0.93 -24.72 -0.07
C HIS J 27 1.43 -23.47 -0.79
N PRO J 28 0.71 -22.34 -0.67
CA PRO J 28 1.09 -21.05 -1.26
C PRO J 28 2.47 -20.58 -0.85
N VAL K 5 29.28 21.16 29.16
CA VAL K 5 30.16 20.14 29.71
C VAL K 5 29.55 18.75 29.53
N GLN K 6 28.22 18.70 29.42
CA GLN K 6 27.55 17.43 29.18
C GLN K 6 27.90 16.86 27.81
N LYS K 7 27.94 17.72 26.79
CA LYS K 7 28.34 17.27 25.46
C LYS K 7 29.79 16.79 25.46
N PHE K 8 30.65 17.44 26.24
CA PHE K 8 32.04 17.00 26.36
C PHE K 8 32.13 15.64 27.05
N PHE K 9 31.27 15.40 28.04
CA PHE K 9 31.31 14.13 28.76
C PHE K 9 30.98 12.95 27.84
N LEU K 10 29.87 13.05 27.11
CA LEU K 10 29.46 11.96 26.23
C LEU K 10 30.53 11.66 25.19
N GLU K 11 31.20 12.69 24.68
CA GLU K 11 32.27 12.48 23.71
C GLU K 11 33.42 11.68 24.32
N GLU K 12 33.73 11.91 25.60
CA GLU K 12 34.84 11.21 26.23
C GLU K 12 34.55 9.72 26.41
N ILE K 13 33.33 9.37 26.82
CA ILE K 13 33.01 7.95 26.96
C ILE K 13 32.86 7.29 25.60
N GLN K 14 32.41 8.05 24.58
CA GLN K 14 32.38 7.53 23.22
C GLN K 14 33.79 7.17 22.75
N LEU K 15 34.73 8.12 22.87
CA LEU K 15 36.09 7.89 22.43
C LEU K 15 36.71 6.69 23.14
N GLY K 16 36.57 6.63 24.48
CA GLY K 16 37.17 5.54 25.22
C GLY K 16 36.64 4.18 24.79
N GLU K 17 35.33 4.10 24.49
CA GLU K 17 34.73 2.84 24.06
C GLU K 17 35.45 2.27 22.85
N GLU K 18 35.71 3.12 21.85
CA GLU K 18 36.40 2.67 20.65
C GLU K 18 37.80 2.16 20.99
N LEU K 19 38.51 2.89 21.85
CA LEU K 19 39.85 2.46 22.25
C LEU K 19 39.79 1.19 23.08
N LEU K 20 38.74 1.03 23.88
CA LEU K 20 38.56 -0.21 24.65
C LEU K 20 38.47 -1.42 23.74
N ALA K 21 37.60 -1.35 22.71
CA ALA K 21 37.45 -2.46 21.79
C ALA K 21 38.68 -2.62 20.91
N GLN K 22 39.31 -1.51 20.55
CA GLN K 22 40.51 -1.57 19.70
C GLN K 22 41.63 -2.35 20.38
N GLY K 23 41.85 -2.09 21.66
CA GLY K 23 42.91 -2.76 22.39
C GLY K 23 43.78 -1.80 23.17
N GLU K 24 43.62 -0.50 22.90
CA GLU K 24 44.38 0.54 23.60
C GLU K 24 43.63 0.85 24.89
N TYR K 25 43.96 0.12 25.95
CA TYR K 25 43.20 0.23 27.19
C TYR K 25 43.46 1.56 27.90
N GLU K 26 44.69 2.07 27.81
CA GLU K 26 45.12 3.17 28.67
C GLU K 26 44.32 4.45 28.41
N LYS K 27 44.24 4.86 27.14
CA LYS K 27 43.49 6.07 26.81
C LYS K 27 42.00 5.90 27.10
N GLY K 28 41.48 4.68 26.95
CA GLY K 28 40.09 4.43 27.31
C GLY K 28 39.81 4.67 28.78
N VAL K 29 40.66 4.10 29.65
CA VAL K 29 40.47 4.34 31.08
C VAL K 29 40.73 5.80 31.43
N ASP K 30 41.61 6.47 30.69
CA ASP K 30 41.80 7.90 30.89
C ASP K 30 40.52 8.67 30.61
N HIS K 31 39.86 8.32 29.49
CA HIS K 31 38.60 9.00 29.16
C HIS K 31 37.50 8.66 30.13
N LEU K 32 37.49 7.45 30.68
CA LEU K 32 36.49 7.10 31.69
C LEU K 32 36.72 7.89 32.98
N THR K 33 37.99 8.08 33.36
CA THR K 33 38.30 8.94 34.49
C THR K 33 37.87 10.38 34.22
N ASN K 34 38.11 10.87 33.00
CA ASN K 34 37.57 12.18 32.60
C ASN K 34 36.06 12.21 32.75
N ALA K 35 35.40 11.10 32.46
CA ALA K 35 33.94 11.02 32.56
C ALA K 35 33.48 11.19 34.00
N ILE K 36 34.09 10.46 34.93
CA ILE K 36 33.62 10.47 36.31
C ILE K 36 33.62 11.89 36.88
N ALA K 37 34.63 12.70 36.52
CA ALA K 37 34.74 14.04 37.08
C ALA K 37 33.60 14.95 36.64
N VAL K 38 33.08 14.77 35.43
CA VAL K 38 32.03 15.62 34.90
C VAL K 38 30.67 14.95 34.99
N CYS K 39 30.59 13.64 34.75
CA CYS K 39 29.35 12.93 35.00
C CYS K 39 28.99 12.99 36.48
N GLY K 40 30.01 13.02 37.34
CA GLY K 40 29.79 13.13 38.76
C GLY K 40 28.96 12.00 39.33
N GLN K 41 29.22 10.77 38.86
CA GLN K 41 28.53 9.51 39.18
C GLN K 41 27.16 9.77 39.80
N PRO K 42 26.17 10.21 39.02
CA PRO K 42 24.88 10.70 39.50
C PRO K 42 24.14 9.72 40.44
N GLN K 44 24.73 5.38 41.40
CA GLN K 44 24.88 3.96 41.15
C GLN K 44 25.74 3.71 39.91
N LEU K 45 25.08 3.40 38.79
CA LEU K 45 25.67 3.22 37.47
C LEU K 45 26.98 2.41 37.44
N LEU K 46 27.91 2.71 38.35
CA LEU K 46 29.23 2.10 38.30
C LEU K 46 29.21 0.59 38.54
N GLN K 47 28.08 0.00 38.92
CA GLN K 47 28.03 -1.44 39.18
C GLN K 47 28.15 -2.25 37.89
N VAL K 48 27.18 -2.07 36.99
CA VAL K 48 27.27 -2.72 35.69
C VAL K 48 28.55 -2.32 34.98
N LEU K 49 29.02 -1.09 35.21
CA LEU K 49 30.31 -0.68 34.69
C LEU K 49 31.44 -1.54 35.25
N GLN K 50 31.36 -1.90 36.54
CA GLN K 50 32.35 -2.79 37.14
C GLN K 50 32.31 -4.15 36.48
N GLN K 51 31.12 -4.65 36.16
CA GLN K 51 31.03 -5.98 35.58
C GLN K 51 31.20 -6.01 34.06
N THR K 52 30.92 -4.91 33.38
CA THR K 52 30.90 -4.92 31.91
C THR K 52 32.30 -5.12 31.32
N LEU K 53 33.33 -4.60 31.98
CA LEU K 53 34.69 -4.66 31.46
C LEU K 53 35.51 -5.73 32.18
N PRO K 54 36.69 -6.08 31.64
CA PRO K 54 37.57 -6.99 32.37
C PRO K 54 38.09 -6.34 33.65
N PRO K 55 38.39 -7.13 34.67
CA PRO K 55 38.82 -6.57 35.97
C PRO K 55 40.10 -5.74 35.88
N PRO K 56 41.17 -6.19 35.19
CA PRO K 56 42.42 -5.42 35.25
C PRO K 56 42.29 -4.02 34.66
N VAL K 57 41.57 -3.89 33.55
CA VAL K 57 41.32 -2.56 32.98
C VAL K 57 40.55 -1.69 33.95
N PHE K 58 39.62 -2.28 34.73
CA PHE K 58 38.86 -1.49 35.68
C PHE K 58 39.73 -1.02 36.84
N GLN K 59 40.61 -1.89 37.35
CA GLN K 59 41.51 -1.45 38.41
C GLN K 59 42.50 -0.40 37.91
N MET K 60 42.91 -0.51 36.65
CA MET K 60 43.70 0.57 36.04
C MET K 60 42.89 1.87 35.98
N LEU K 61 41.59 1.77 35.72
CA LEU K 61 40.72 2.94 35.80
C LEU K 61 40.70 3.51 37.22
N LEU K 62 40.65 2.63 38.23
CA LEU K 62 40.56 3.09 39.61
C LEU K 62 41.87 3.71 40.10
N THR K 63 43.00 3.37 39.50
CA THR K 63 44.25 4.03 39.85
C THR K 63 44.27 5.48 39.39
N LYS K 64 43.53 5.80 38.33
CA LYS K 64 43.39 7.16 37.85
C LYS K 64 42.25 7.92 38.51
N LEU K 65 41.41 7.23 39.29
CA LEU K 65 40.28 7.85 39.98
C LEU K 65 40.69 9.06 40.80
ZN ZN L . -25.66 -0.09 -12.99
N1 EPE M . -14.52 15.03 -10.30
C2 EPE M . -13.79 14.71 -9.06
C3 EPE M . -14.27 15.65 -7.96
N4 EPE M . -14.27 17.04 -8.35
C5 EPE M . -14.49 17.42 -9.74
C6 EPE M . -14.09 16.36 -10.76
C7 EPE M . -14.51 18.02 -7.31
C8 EPE M . -14.30 19.45 -7.79
O8 EPE M . -14.59 20.34 -6.73
C9 EPE M . -14.11 14.03 -11.30
C10 EPE M . -14.85 12.72 -11.07
S EPE M . -14.45 11.46 -12.31
O1S EPE M . -15.67 11.13 -13.04
O2S EPE M . -13.45 12.01 -13.24
O3S EPE M . -13.92 10.26 -11.65
P PO4 N . -4.59 36.33 -12.64
O1 PO4 N . -4.18 36.43 -14.08
O2 PO4 N . -3.46 35.75 -11.82
O3 PO4 N . -5.80 35.42 -12.52
O4 PO4 N . -4.95 37.69 -12.11
ZN ZN O . 23.97 -10.35 -14.97
S SO4 P . 28.17 -14.85 0.62
O1 SO4 P . 27.79 -13.66 -0.14
O2 SO4 P . 28.50 -15.93 -0.30
O3 SO4 P . 27.06 -15.25 1.48
O4 SO4 P . 29.33 -14.54 1.45
ZN ZN Q . -18.20 14.15 20.66
S SO4 R . -17.28 24.22 6.39
O1 SO4 R . -18.45 24.90 5.86
O2 SO4 R . -16.33 23.98 5.31
O3 SO4 R . -17.68 22.93 6.96
O4 SO4 R . -16.67 25.04 7.42
ZN ZN S . 1.65 -33.45 1.94
ZN ZN T . -21.72 0.71 -12.70
ZN ZN U . 26.04 -13.06 -12.78
ZN ZN V . -20.44 16.58 18.50
ZN ZN W . 0.97 -29.92 3.43
#